data_4AGZ
# 
_entry.id   4AGZ 
# 
_audit_conform.dict_name       mmcif_pdbx.dic 
_audit_conform.dict_version    5.383 
_audit_conform.dict_location   http://mmcif.pdb.org/dictionaries/ascii/mmcif_pdbx.dic 
# 
loop_
_database_2.database_id 
_database_2.database_code 
_database_2.pdbx_database_accession 
_database_2.pdbx_DOI 
PDB   4AGZ         pdb_00004agz 10.2210/pdb4agz/pdb 
PDBE  EBI-48604    ?            ?                   
WWPDB D_1290048604 ?            ?                   
# 
loop_
_pdbx_database_related.db_name 
_pdbx_database_related.db_id 
_pdbx_database_related.content_type 
_pdbx_database_related.details 
PDB 4AH1 unspecified 'CRYSTAL STRUCTURE OF THE DB 921-D(CGCAAATTTGCG)2 COMPLEX AT 1.42 A RESOLUTION' 
PDB 4AH0 unspecified 'CRYSTAL STRUCTURE OF THE DB 985-D(CGCAAATTTGCG)2 COMPLEX AT 1.20 A RESOLUTION' 
# 
_pdbx_database_status.status_code                     REL 
_pdbx_database_status.entry_id                        4AGZ 
_pdbx_database_status.deposit_site                    PDBE 
_pdbx_database_status.process_site                    PDBE 
_pdbx_database_status.SG_entry                        . 
_pdbx_database_status.recvd_initial_deposition_date   2012-02-02 
_pdbx_database_status.pdb_format_compatible           Y 
_pdbx_database_status.status_code_sf                  REL 
_pdbx_database_status.status_code_mr                  ? 
_pdbx_database_status.status_code_cs                  ? 
_pdbx_database_status.methods_development_category    ? 
_pdbx_database_status.status_code_nmr_data            ? 
# 
loop_
_audit_author.name 
_audit_author.pdbx_ordinal 
'Munnur, D.G.'     1 
'Mitchell, E.P.'   2 
'Forsyth, V.T.'    3 
'Teixeira, S.C.M.' 4 
'Neidle, S.'       5 
# 
_citation.id                        primary 
_citation.title                     
'A Detailed Study of Water Network in the Minor Groove of D(Cgcgaattcgcg)2 and D(Cgcaaatttgcg)2 in Presence of Linear Groove Binders' 
_citation.journal_abbrev            'To be Published' 
_citation.journal_volume            ? 
_citation.page_first                ? 
_citation.page_last                 ? 
_citation.year                      ? 
_citation.journal_id_ASTM           ? 
_citation.country                   ? 
_citation.journal_id_ISSN           ? 
_citation.journal_id_CSD            0353 
_citation.book_publisher            ? 
_citation.pdbx_database_id_PubMed   ? 
_citation.pdbx_database_id_DOI      ? 
# 
loop_
_citation_author.citation_id 
_citation_author.name 
_citation_author.ordinal 
_citation_author.identifier_ORCID 
primary 'Munnur, D.G.'     1 ? 
primary 'Mitchell, E.P.'   2 ? 
primary 'Forsyth, V.T.'    3 ? 
primary 'Teixeira, S.C.M.' 4 ? 
primary 'Neidle, S.'       5 ? 
# 
_cell.entry_id           4AGZ 
_cell.length_a           24.026 
_cell.length_b           39.905 
_cell.length_c           65.784 
_cell.angle_alpha        90.00 
_cell.angle_beta         90.00 
_cell.angle_gamma        90.00 
_cell.Z_PDB              8 
_cell.pdbx_unique_axis   ? 
# 
_symmetry.entry_id                         4AGZ 
_symmetry.space_group_name_H-M             'P 21 21 21' 
_symmetry.pdbx_full_space_group_name_H-M   ? 
_symmetry.cell_setting                     ? 
_symmetry.Int_Tables_number                19 
# 
loop_
_entity.id 
_entity.type 
_entity.src_method 
_entity.pdbx_description 
_entity.formula_weight 
_entity.pdbx_number_of_molecules 
_entity.pdbx_ec 
_entity.pdbx_mutation 
_entity.pdbx_fragment 
_entity.details 
1 polymer     syn "5'-D(*CP*GP*CP*GP*AP*AP*TP*TP*CP*GP*CP*GP)-3'"                                   3663.392 2   ? ? ? ? 
2 non-polymer syn 'MAGNESIUM ION'                                                                   24.305   3   ? ? ? ? 
3 non-polymer syn "2-(4'-CARBAMIMIDOYL-2'-HYDROXYBIPHENYL-4-YL)-1H-BENZIMIDAZOLE-5-CARBOXIMIDAMIDE" 370.407  1   ? ? ? ? 
4 water       nat water                                                                             18.015   192 ? ? ? ? 
# 
_entity_poly.entity_id                      1 
_entity_poly.type                           polydeoxyribonucleotide 
_entity_poly.nstd_linkage                   no 
_entity_poly.nstd_monomer                   no 
_entity_poly.pdbx_seq_one_letter_code       '(DC)(DG)(DC)(DG)(DA)(DA)(DT)(DT)(DC)(DG)(DC)(DG)' 
_entity_poly.pdbx_seq_one_letter_code_can   CGCGAATTCGCG 
_entity_poly.pdbx_strand_id                 A,B 
_entity_poly.pdbx_target_identifier         ? 
# 
loop_
_entity_poly_seq.entity_id 
_entity_poly_seq.num 
_entity_poly_seq.mon_id 
_entity_poly_seq.hetero 
1 1  DC n 
1 2  DG n 
1 3  DC n 
1 4  DG n 
1 5  DA n 
1 6  DA n 
1 7  DT n 
1 8  DT n 
1 9  DC n 
1 10 DG n 
1 11 DC n 
1 12 DG n 
# 
_pdbx_entity_src_syn.entity_id              1 
_pdbx_entity_src_syn.pdbx_src_id            1 
_pdbx_entity_src_syn.pdbx_alt_source_flag   sample 
_pdbx_entity_src_syn.pdbx_beg_seq_num       ? 
_pdbx_entity_src_syn.pdbx_end_seq_num       ? 
_pdbx_entity_src_syn.organism_scientific    'SYNTHETIC CONSTRUCT' 
_pdbx_entity_src_syn.organism_common_name   ? 
_pdbx_entity_src_syn.ncbi_taxonomy_id       32630 
_pdbx_entity_src_syn.details                ? 
# 
_struct_ref.id                         1 
_struct_ref.db_name                    PDB 
_struct_ref.db_code                    4AGZ 
_struct_ref.entity_id                  1 
_struct_ref.pdbx_seq_one_letter_code   ? 
_struct_ref.pdbx_align_begin           ? 
_struct_ref.pdbx_db_accession          4AGZ 
_struct_ref.pdbx_db_isoform            ? 
# 
loop_
_struct_ref_seq.align_id 
_struct_ref_seq.ref_id 
_struct_ref_seq.pdbx_PDB_id_code 
_struct_ref_seq.pdbx_strand_id 
_struct_ref_seq.seq_align_beg 
_struct_ref_seq.pdbx_seq_align_beg_ins_code 
_struct_ref_seq.seq_align_end 
_struct_ref_seq.pdbx_seq_align_end_ins_code 
_struct_ref_seq.pdbx_db_accession 
_struct_ref_seq.db_align_beg 
_struct_ref_seq.pdbx_db_align_beg_ins_code 
_struct_ref_seq.db_align_end 
_struct_ref_seq.pdbx_db_align_end_ins_code 
_struct_ref_seq.pdbx_auth_seq_align_beg 
_struct_ref_seq.pdbx_auth_seq_align_end 
1 1 4AGZ A 1 ? 12 ? 4AGZ 1  ? 12 ? 1  12 
2 1 4AGZ B 1 ? 12 ? 4AGZ 13 ? 24 ? 13 24 
# 
loop_
_chem_comp.id 
_chem_comp.type 
_chem_comp.mon_nstd_flag 
_chem_comp.name 
_chem_comp.pdbx_synonyms 
_chem_comp.formula 
_chem_comp.formula_weight 
D98 non-polymer   . "2-(4'-CARBAMIMIDOYL-2'-HYDROXYBIPHENYL-4-YL)-1H-BENZIMIDAZOLE-5-CARBOXIMIDAMIDE" ? 'C21 H18 N6 O'    370.407 
DA  'DNA linking' y "2'-DEOXYADENOSINE-5'-MONOPHOSPHATE"                                              ? 'C10 H14 N5 O6 P' 331.222 
DC  'DNA linking' y "2'-DEOXYCYTIDINE-5'-MONOPHOSPHATE"                                               ? 'C9 H14 N3 O7 P'  307.197 
DG  'DNA linking' y "2'-DEOXYGUANOSINE-5'-MONOPHOSPHATE"                                              ? 'C10 H14 N5 O7 P' 347.221 
DT  'DNA linking' y "THYMIDINE-5'-MONOPHOSPHATE"                                                      ? 'C10 H15 N2 O8 P' 322.208 
HOH non-polymer   . WATER                                                                             ? 'H2 O'            18.015  
MG  non-polymer   . 'MAGNESIUM ION'                                                                   ? 'Mg 2'            24.305  
# 
_exptl.entry_id          4AGZ 
_exptl.method            'X-RAY DIFFRACTION' 
_exptl.crystals_number   1 
# 
_exptl_crystal.id                    1 
_exptl_crystal.density_meas          ? 
_exptl_crystal.density_Matthews      2.16 
_exptl_crystal.density_percent_sol   61.58 
_exptl_crystal.description           NONE 
_exptl_crystal.preparation           ? 
# 
_exptl_crystal_grow.crystal_id      1 
_exptl_crystal_grow.method          'VAPOR DIFFUSION, SITTING DROP' 
_exptl_crystal_grow.temp            285 
_exptl_crystal_grow.temp_details    ? 
_exptl_crystal_grow.pH              6.5 
_exptl_crystal_grow.pdbx_pH_range   ? 
_exptl_crystal_grow.pdbx_details    
'MAGNESIUM CHLORIDE, DNA, DB 985, MPD, SODIUM CACODYLATE BUFFER. PH 6.6, VAPOUR DIFFUSION, SITTING DROP, 285K' 
# 
_diffrn.id                               1 
_diffrn.ambient_temp                     100 
_diffrn.ambient_temp_details             ? 
_diffrn.crystal_id                       1 
_diffrn.pdbx_serial_crystal_experiment   ? 
# 
_diffrn_detector.diffrn_id              1 
_diffrn_detector.detector               CCD 
_diffrn_detector.type                   'ADSC CCD' 
_diffrn_detector.pdbx_collection_date   2009-07-19 
_diffrn_detector.details                'TOROIDAL MIRROR' 
# 
_diffrn_radiation.diffrn_id                        1 
_diffrn_radiation.wavelength_id                    1 
_diffrn_radiation.pdbx_monochromatic_or_laue_m_l   M 
_diffrn_radiation.monochromator                    'SI (111)' 
_diffrn_radiation.pdbx_diffrn_protocol             'SINGLE WAVELENGTH' 
_diffrn_radiation.pdbx_scattering_type             x-ray 
# 
_diffrn_radiation_wavelength.id           1 
_diffrn_radiation_wavelength.wavelength   0.9765 
_diffrn_radiation_wavelength.wt           1.0 
# 
_diffrn_source.diffrn_id                   1 
_diffrn_source.source                      SYNCHROTRON 
_diffrn_source.type                        'ESRF BEAMLINE ID14-4' 
_diffrn_source.pdbx_synchrotron_site       ESRF 
_diffrn_source.pdbx_synchrotron_beamline   ID14-4 
_diffrn_source.pdbx_wavelength             0.9765 
_diffrn_source.pdbx_wavelength_list        ? 
# 
_reflns.pdbx_diffrn_id               1 
_reflns.pdbx_ordinal                 1 
_reflns.entry_id                     4AGZ 
_reflns.observed_criterion_sigma_I   0.0 
_reflns.observed_criterion_sigma_F   ? 
_reflns.d_resolution_low             39.90 
_reflns.d_resolution_high            1.25 
_reflns.number_obs                   18006 
_reflns.number_all                   ? 
_reflns.percent_possible_obs         99.0 
_reflns.pdbx_Rmerge_I_obs            0.05 
_reflns.pdbx_Rsym_value              ? 
_reflns.pdbx_netI_over_sigmaI        17.30 
_reflns.B_iso_Wilson_estimate        0 
_reflns.pdbx_redundancy              6.5 
# 
_reflns_shell.pdbx_diffrn_id         1 
_reflns_shell.pdbx_ordinal           1 
_reflns_shell.d_res_high             1.25 
_reflns_shell.d_res_low              1.32 
_reflns_shell.percent_possible_all   100.0 
_reflns_shell.Rmerge_I_obs           0.55 
_reflns_shell.pdbx_Rsym_value        ? 
_reflns_shell.meanI_over_sigI_obs    3.10 
_reflns_shell.pdbx_redundancy        6.6 
# 
_refine.pdbx_refine_id                           'X-RAY DIFFRACTION' 
_refine.entry_id                                 4AGZ 
_refine.pdbx_diffrn_id                           1 
_refine.pdbx_TLS_residual_ADP_flag               ? 
_refine.ls_number_reflns_obs                     17027 
_refine.ls_number_reflns_all                     ? 
_refine.pdbx_ls_sigma_I                          ? 
_refine.pdbx_ls_sigma_F                          . 
_refine.pdbx_data_cutoff_high_absF               ? 
_refine.pdbx_data_cutoff_low_absF                ? 
_refine.pdbx_data_cutoff_high_rms_absF           ? 
_refine.ls_d_res_low                             14.76 
_refine.ls_d_res_high                            1.25 
_refine.ls_percent_reflns_obs                    98.84 
_refine.ls_R_factor_obs                          0.15755 
_refine.ls_R_factor_all                          ? 
_refine.ls_R_factor_R_work                       0.15483 
_refine.ls_R_factor_R_free                       0.20704 
_refine.ls_R_factor_R_free_error                 ? 
_refine.ls_R_factor_R_free_error_details         ? 
_refine.ls_percent_reflns_R_free                 5.2 
_refine.ls_number_reflns_R_free                  925 
_refine.ls_number_parameters                     ? 
_refine.ls_number_restraints                     ? 
_refine.occupancy_min                            ? 
_refine.occupancy_max                            ? 
_refine.correlation_coeff_Fo_to_Fc               0.971 
_refine.correlation_coeff_Fo_to_Fc_free          0.951 
_refine.B_iso_mean                               12.920 
_refine.aniso_B[1][1]                            -0.12 
_refine.aniso_B[2][2]                            -0.12 
_refine.aniso_B[3][3]                            0.25 
_refine.aniso_B[1][2]                            0.00 
_refine.aniso_B[1][3]                            0.00 
_refine.aniso_B[2][3]                            0.00 
_refine.solvent_model_details                    'BABINET MODEL WITH MASK' 
_refine.solvent_model_param_ksol                 ? 
_refine.solvent_model_param_bsol                 ? 
_refine.pdbx_solvent_vdw_probe_radii             1.40 
_refine.pdbx_solvent_ion_probe_radii             0.80 
_refine.pdbx_solvent_shrinkage_radii             0.80 
_refine.pdbx_ls_cross_valid_method               THROUGHOUT 
_refine.details                                  
'HYDROGENS HAVE BEEN ADDED IN THE RIDING POSITIONS. U VALUES REFINED INDIVIDUALLY.' 
_refine.pdbx_starting_model                      'PDB ENTRY 1FQ2' 
_refine.pdbx_method_to_determine_struct          'MOLECULAR REPLACEMENT' 
_refine.pdbx_isotropic_thermal_model             ? 
_refine.pdbx_stereochemistry_target_values       'MAXIMUM LIKELIHOOD' 
_refine.pdbx_stereochem_target_val_spec_case     ? 
_refine.pdbx_R_Free_selection_details            RANDOM 
_refine.pdbx_overall_ESU_R                       0.049 
_refine.pdbx_overall_ESU_R_Free                  0.055 
_refine.overall_SU_ML                            0.033 
_refine.pdbx_overall_phase_error                 ? 
_refine.overall_SU_B                             1.359 
_refine.overall_SU_R_Cruickshank_DPI             ? 
_refine.pdbx_overall_SU_R_free_Cruickshank_DPI   ? 
_refine.pdbx_overall_SU_R_Blow_DPI               ? 
_refine.pdbx_overall_SU_R_free_Blow_DPI          ? 
# 
_refine_hist.pdbx_refine_id                   'X-RAY DIFFRACTION' 
_refine_hist.cycle_id                         LAST 
_refine_hist.pdbx_number_atoms_protein        0 
_refine_hist.pdbx_number_atoms_nucleic_acid   486 
_refine_hist.pdbx_number_atoms_ligand         31 
_refine_hist.number_atoms_solvent             192 
_refine_hist.number_atoms_total               709 
_refine_hist.d_res_high                       1.25 
_refine_hist.d_res_low                        14.76 
# 
loop_
_refine_ls_restr.type 
_refine_ls_restr.dev_ideal 
_refine_ls_restr.dev_ideal_target 
_refine_ls_restr.weight 
_refine_ls_restr.number 
_refine_ls_restr.pdbx_refine_id 
_refine_ls_restr.pdbx_restraint_function 
r_bond_refined_d             0.020 0.021 ? 576 'X-RAY DIFFRACTION' ? 
r_bond_other_d               0.001 0.020 ? 239 'X-RAY DIFFRACTION' ? 
r_angle_refined_deg          2.574 3.000 ? 882 'X-RAY DIFFRACTION' ? 
r_angle_other_deg            4.559 3.029 ? 582 'X-RAY DIFFRACTION' ? 
r_dihedral_angle_1_deg       ?     ?     ? ?   'X-RAY DIFFRACTION' ? 
r_dihedral_angle_2_deg       ?     ?     ? ?   'X-RAY DIFFRACTION' ? 
r_dihedral_angle_3_deg       ?     ?     ? ?   'X-RAY DIFFRACTION' ? 
r_dihedral_angle_4_deg       ?     ?     ? ?   'X-RAY DIFFRACTION' ? 
r_chiral_restr               0.111 0.200 ? 94  'X-RAY DIFFRACTION' ? 
r_gen_planes_refined         0.034 0.020 ? 288 'X-RAY DIFFRACTION' ? 
r_gen_planes_other           0.037 0.021 ? 57  'X-RAY DIFFRACTION' ? 
r_nbd_refined                ?     ?     ? ?   'X-RAY DIFFRACTION' ? 
r_nbd_other                  ?     ?     ? ?   'X-RAY DIFFRACTION' ? 
r_nbtor_refined              ?     ?     ? ?   'X-RAY DIFFRACTION' ? 
r_nbtor_other                ?     ?     ? ?   'X-RAY DIFFRACTION' ? 
r_xyhbond_nbd_refined        ?     ?     ? ?   'X-RAY DIFFRACTION' ? 
r_xyhbond_nbd_other          ?     ?     ? ?   'X-RAY DIFFRACTION' ? 
r_metal_ion_refined          ?     ?     ? ?   'X-RAY DIFFRACTION' ? 
r_metal_ion_other            ?     ?     ? ?   'X-RAY DIFFRACTION' ? 
r_symmetry_vdw_refined       ?     ?     ? ?   'X-RAY DIFFRACTION' ? 
r_symmetry_vdw_other         ?     ?     ? ?   'X-RAY DIFFRACTION' ? 
r_symmetry_hbond_refined     ?     ?     ? ?   'X-RAY DIFFRACTION' ? 
r_symmetry_hbond_other       ?     ?     ? ?   'X-RAY DIFFRACTION' ? 
r_symmetry_metal_ion_refined ?     ?     ? ?   'X-RAY DIFFRACTION' ? 
r_symmetry_metal_ion_other   ?     ?     ? ?   'X-RAY DIFFRACTION' ? 
r_mcbond_it                  ?     ?     ? ?   'X-RAY DIFFRACTION' ? 
r_mcbond_other               ?     ?     ? ?   'X-RAY DIFFRACTION' ? 
r_mcangle_it                 ?     ?     ? ?   'X-RAY DIFFRACTION' ? 
r_mcangle_other              ?     ?     ? ?   'X-RAY DIFFRACTION' ? 
r_scbond_it                  3.329 3.000 ? 576 'X-RAY DIFFRACTION' ? 
r_scbond_other               ?     ?     ? ?   'X-RAY DIFFRACTION' ? 
r_scangle_it                 4.309 4.500 ? 882 'X-RAY DIFFRACTION' ? 
r_scangle_other              ?     ?     ? ?   'X-RAY DIFFRACTION' ? 
r_long_range_B_refined       ?     ?     ? ?   'X-RAY DIFFRACTION' ? 
r_long_range_B_other         ?     ?     ? ?   'X-RAY DIFFRACTION' ? 
r_rigid_bond_restr           2.644 3.000 ? 545 'X-RAY DIFFRACTION' ? 
r_sphericity_free            ?     ?     ? ?   'X-RAY DIFFRACTION' ? 
r_sphericity_bonded          7.302 3.000 ? 487 'X-RAY DIFFRACTION' ? 
# 
_refine_ls_shell.pdbx_refine_id                   'X-RAY DIFFRACTION' 
_refine_ls_shell.pdbx_total_number_of_bins_used   20 
_refine_ls_shell.d_res_high                       1.250 
_refine_ls_shell.d_res_low                        1.282 
_refine_ls_shell.number_reflns_R_work             1230 
_refine_ls_shell.R_factor_R_work                  0.212 
_refine_ls_shell.percent_reflns_obs               100.00 
_refine_ls_shell.R_factor_R_free                  0.274 
_refine_ls_shell.R_factor_R_free_error            ? 
_refine_ls_shell.percent_reflns_R_free            ? 
_refine_ls_shell.number_reflns_R_free             82 
_refine_ls_shell.number_reflns_all                ? 
_refine_ls_shell.R_factor_all                     ? 
# 
_struct.entry_id                  4AGZ 
_struct.title                     'CRYSTAL STRUCTURE OF THE DB 985-D(CGCGAATTCGCG)2 COMPLEX AT 1.25 A RESOLUTION.' 
_struct.pdbx_model_details        ? 
_struct.pdbx_CASP_flag            ? 
_struct.pdbx_model_type_details   ? 
# 
_struct_keywords.entry_id        4AGZ 
_struct_keywords.pdbx_keywords   DNA 
_struct_keywords.text            'DNA, DNA DOUBLE HELIX, DNA-DRUG COMPLEX, DNA HYDRATION' 
# 
loop_
_struct_asym.id 
_struct_asym.pdbx_blank_PDB_chainid_flag 
_struct_asym.pdbx_modified 
_struct_asym.entity_id 
_struct_asym.details 
A N N 1 ? 
B N N 1 ? 
C N N 2 ? 
D N N 2 ? 
E N N 3 ? 
F N N 2 ? 
G N N 4 ? 
H N N 4 ? 
# 
loop_
_struct_conn.id 
_struct_conn.conn_type_id 
_struct_conn.pdbx_leaving_atom_flag 
_struct_conn.pdbx_PDB_id 
_struct_conn.ptnr1_label_asym_id 
_struct_conn.ptnr1_label_comp_id 
_struct_conn.ptnr1_label_seq_id 
_struct_conn.ptnr1_label_atom_id 
_struct_conn.pdbx_ptnr1_label_alt_id 
_struct_conn.pdbx_ptnr1_PDB_ins_code 
_struct_conn.pdbx_ptnr1_standard_comp_id 
_struct_conn.ptnr1_symmetry 
_struct_conn.ptnr2_label_asym_id 
_struct_conn.ptnr2_label_comp_id 
_struct_conn.ptnr2_label_seq_id 
_struct_conn.ptnr2_label_atom_id 
_struct_conn.pdbx_ptnr2_label_alt_id 
_struct_conn.pdbx_ptnr2_PDB_ins_code 
_struct_conn.ptnr1_auth_asym_id 
_struct_conn.ptnr1_auth_comp_id 
_struct_conn.ptnr1_auth_seq_id 
_struct_conn.ptnr2_auth_asym_id 
_struct_conn.ptnr2_auth_comp_id 
_struct_conn.ptnr2_auth_seq_id 
_struct_conn.ptnr2_symmetry 
_struct_conn.pdbx_ptnr3_label_atom_id 
_struct_conn.pdbx_ptnr3_label_seq_id 
_struct_conn.pdbx_ptnr3_label_comp_id 
_struct_conn.pdbx_ptnr3_label_asym_id 
_struct_conn.pdbx_ptnr3_label_alt_id 
_struct_conn.pdbx_ptnr3_PDB_ins_code 
_struct_conn.details 
_struct_conn.pdbx_dist_value 
_struct_conn.pdbx_value_order 
_struct_conn.pdbx_role 
metalc1  metalc ? ? C MG  .  MG ? ? ? 1_555 G HOH .  O   ? ? A MG  1013 A HOH 2004 3_645 ? ? ? ? ? ? ?            2.069 ? ? 
metalc2  metalc ? ? C MG  .  MG ? ? ? 1_555 G HOH .  O   ? ? A MG  1013 A HOH 2025 3_645 ? ? ? ? ? ? ?            2.105 ? ? 
metalc3  metalc ? ? C MG  .  MG ? ? ? 1_555 G HOH .  O   ? ? A MG  1013 A HOH 2060 1_555 ? ? ? ? ? ? ?            2.113 ? ? 
metalc4  metalc ? ? C MG  .  MG ? ? ? 1_555 G HOH .  O   ? ? A MG  1013 A HOH 2061 1_555 ? ? ? ? ? ? ?            2.054 ? ? 
metalc5  metalc ? ? C MG  .  MG ? ? ? 1_555 G HOH .  O   ? ? A MG  1013 A HOH 2073 1_555 ? ? ? ? ? ? ?            2.052 ? ? 
metalc6  metalc ? ? C MG  .  MG ? ? ? 1_555 H HOH .  O   ? ? A MG  1013 B HOH 2079 3_645 ? ? ? ? ? ? ?            2.035 ? ? 
metalc7  metalc ? ? D MG  .  MG ? ? ? 1_555 G HOH .  O   ? ? A MG  1014 A HOH 2041 1_555 ? ? ? ? ? ? ?            2.065 ? ? 
metalc8  metalc ? ? D MG  .  MG ? ? ? 1_555 G HOH .  O   ? ? A MG  1014 A HOH 2044 1_555 ? ? ? ? ? ? ?            2.047 ? ? 
metalc9  metalc ? ? D MG  .  MG ? ? ? 1_555 B DG  10 OP1 ? ? A MG  1014 B DG  22   1_655 ? ? ? ? ? ? ?            2.003 ? ? 
metalc10 metalc ? ? D MG  .  MG ? ? ? 1_555 H HOH .  O   ? ? A MG  1014 B HOH 2073 1_655 ? ? ? ? ? ? ?            2.095 ? ? 
metalc11 metalc ? ? D MG  .  MG ? ? ? 1_555 H HOH .  O   ? ? A MG  1014 B HOH 2074 1_655 ? ? ? ? ? ? ?            2.101 ? ? 
metalc12 metalc ? ? G HOH .  O  ? ? ? 4_465 F MG  .  MG  ? ? A HOH 2100 B MG  1026 1_555 ? ? ? ? ? ? ?            2.115 ? ? 
metalc13 metalc ? ? G HOH .  O  ? ? ? 4_465 F MG  .  MG  ? ? A HOH 2101 B MG  1026 1_555 ? ? ? ? ? ? ?            2.253 ? ? 
metalc14 metalc ? ? F MG  .  MG ? ? ? 1_555 H HOH .  O   ? ? B MG  1026 B HOH 2053 1_555 ? ? ? ? ? ? ?            2.079 ? ? 
metalc15 metalc ? ? F MG  .  MG ? ? ? 1_555 H HOH .  O   ? ? B MG  1026 B HOH 2059 1_555 ? ? ? ? ? ? ?            2.075 ? ? 
metalc16 metalc ? ? F MG  .  MG ? ? ? 1_555 H HOH .  O   ? ? B MG  1026 B HOH 2097 1_555 ? ? ? ? ? ? ?            1.877 ? ? 
metalc17 metalc ? ? F MG  .  MG ? ? ? 1_555 H HOH .  O   ? ? B MG  1026 B HOH 2098 1_555 ? ? ? ? ? ? ?            2.220 ? ? 
hydrog1  hydrog ? ? A DC  1  N3 ? ? ? 1_555 B DG  12 N1  ? ? A DC  1    B DG  24   1_555 ? ? ? ? ? ? WATSON-CRICK ?     ? ? 
hydrog2  hydrog ? ? A DC  1  N4 ? ? ? 1_555 B DG  12 O6  ? ? A DC  1    B DG  24   1_555 ? ? ? ? ? ? WATSON-CRICK ?     ? ? 
hydrog3  hydrog ? ? A DC  1  O2 ? ? ? 1_555 B DG  12 N2  ? ? A DC  1    B DG  24   1_555 ? ? ? ? ? ? WATSON-CRICK ?     ? ? 
hydrog4  hydrog ? ? A DG  2  N1 ? ? ? 1_555 B DC  11 N3  ? ? A DG  2    B DC  23   1_555 ? ? ? ? ? ? WATSON-CRICK ?     ? ? 
hydrog5  hydrog ? ? A DG  2  N2 ? ? ? 1_555 B DC  11 O2  ? ? A DG  2    B DC  23   1_555 ? ? ? ? ? ? WATSON-CRICK ?     ? ? 
hydrog6  hydrog ? ? A DG  2  O6 ? ? ? 1_555 B DC  11 N4  ? ? A DG  2    B DC  23   1_555 ? ? ? ? ? ? WATSON-CRICK ?     ? ? 
hydrog7  hydrog ? ? A DC  3  N3 ? ? ? 1_555 B DG  10 N1  ? ? A DC  3    B DG  22   1_555 ? ? ? ? ? ? WATSON-CRICK ?     ? ? 
hydrog8  hydrog ? ? A DC  3  N4 ? ? ? 1_555 B DG  10 O6  ? ? A DC  3    B DG  22   1_555 ? ? ? ? ? ? WATSON-CRICK ?     ? ? 
hydrog9  hydrog ? ? A DC  3  O2 ? ? ? 1_555 B DG  10 N2  ? ? A DC  3    B DG  22   1_555 ? ? ? ? ? ? WATSON-CRICK ?     ? ? 
hydrog10 hydrog ? ? A DG  4  N1 ? ? ? 1_555 B DC  9  N3  ? ? A DG  4    B DC  21   1_555 ? ? ? ? ? ? WATSON-CRICK ?     ? ? 
hydrog11 hydrog ? ? A DG  4  N2 ? ? ? 1_555 B DC  9  O2  ? ? A DG  4    B DC  21   1_555 ? ? ? ? ? ? WATSON-CRICK ?     ? ? 
hydrog12 hydrog ? ? A DG  4  O6 ? ? ? 1_555 B DC  9  N4  ? ? A DG  4    B DC  21   1_555 ? ? ? ? ? ? WATSON-CRICK ?     ? ? 
hydrog13 hydrog ? ? A DA  5  N1 ? ? ? 1_555 B DT  8  N3  ? ? A DA  5    B DT  20   1_555 ? ? ? ? ? ? WATSON-CRICK ?     ? ? 
hydrog14 hydrog ? ? A DA  5  N6 ? ? ? 1_555 B DT  8  O4  ? ? A DA  5    B DT  20   1_555 ? ? ? ? ? ? WATSON-CRICK ?     ? ? 
hydrog15 hydrog ? ? A DA  6  N1 ? ? ? 1_555 B DT  7  N3  ? ? A DA  6    B DT  19   1_555 ? ? ? ? ? ? WATSON-CRICK ?     ? ? 
hydrog16 hydrog ? ? A DA  6  N6 ? ? ? 1_555 B DT  7  O4  ? ? A DA  6    B DT  19   1_555 ? ? ? ? ? ? WATSON-CRICK ?     ? ? 
hydrog17 hydrog ? ? A DT  7  N3 ? ? ? 1_555 B DA  6  N1  ? ? A DT  7    B DA  18   1_555 ? ? ? ? ? ? WATSON-CRICK ?     ? ? 
hydrog18 hydrog ? ? A DT  7  O4 ? ? ? 1_555 B DA  6  N6  ? ? A DT  7    B DA  18   1_555 ? ? ? ? ? ? WATSON-CRICK ?     ? ? 
hydrog19 hydrog ? ? A DT  8  N3 ? ? ? 1_555 B DA  5  N1  ? ? A DT  8    B DA  17   1_555 ? ? ? ? ? ? WATSON-CRICK ?     ? ? 
hydrog20 hydrog ? ? A DT  8  O4 ? ? ? 1_555 B DA  5  N6  ? ? A DT  8    B DA  17   1_555 ? ? ? ? ? ? WATSON-CRICK ?     ? ? 
hydrog21 hydrog ? ? A DC  9  N3 ? ? ? 1_555 B DG  4  N1  ? ? A DC  9    B DG  16   1_555 ? ? ? ? ? ? WATSON-CRICK ?     ? ? 
hydrog22 hydrog ? ? A DC  9  N4 ? ? ? 1_555 B DG  4  O6  ? ? A DC  9    B DG  16   1_555 ? ? ? ? ? ? WATSON-CRICK ?     ? ? 
hydrog23 hydrog ? ? A DC  9  O2 ? ? ? 1_555 B DG  4  N2  ? ? A DC  9    B DG  16   1_555 ? ? ? ? ? ? WATSON-CRICK ?     ? ? 
hydrog24 hydrog ? ? A DG  10 N1 ? ? ? 1_555 B DC  3  N3  ? ? A DG  10   B DC  15   1_555 ? ? ? ? ? ? WATSON-CRICK ?     ? ? 
hydrog25 hydrog ? ? A DG  10 N2 ? ? ? 1_555 B DC  3  O2  ? ? A DG  10   B DC  15   1_555 ? ? ? ? ? ? WATSON-CRICK ?     ? ? 
hydrog26 hydrog ? ? A DG  10 O6 ? ? ? 1_555 B DC  3  N4  ? ? A DG  10   B DC  15   1_555 ? ? ? ? ? ? WATSON-CRICK ?     ? ? 
hydrog27 hydrog ? ? A DC  11 N3 ? ? ? 1_555 B DG  2  N1  ? ? A DC  11   B DG  14   1_555 ? ? ? ? ? ? WATSON-CRICK ?     ? ? 
hydrog28 hydrog ? ? A DC  11 N4 ? ? ? 1_555 B DG  2  O6  ? ? A DC  11   B DG  14   1_555 ? ? ? ? ? ? WATSON-CRICK ?     ? ? 
hydrog29 hydrog ? ? A DC  11 O2 ? ? ? 1_555 B DG  2  N2  ? ? A DC  11   B DG  14   1_555 ? ? ? ? ? ? WATSON-CRICK ?     ? ? 
hydrog30 hydrog ? ? A DG  12 N1 ? ? ? 1_555 B DC  1  N3  ? ? A DG  12   B DC  13   1_555 ? ? ? ? ? ? WATSON-CRICK ?     ? ? 
hydrog31 hydrog ? ? A DG  12 N2 ? ? ? 1_555 B DC  1  O2  ? ? A DG  12   B DC  13   1_555 ? ? ? ? ? ? WATSON-CRICK ?     ? ? 
hydrog32 hydrog ? ? A DG  12 O6 ? ? ? 1_555 B DC  1  N4  ? ? A DG  12   B DC  13   1_555 ? ? ? ? ? ? WATSON-CRICK ?     ? ? 
# 
loop_
_struct_conn_type.id 
_struct_conn_type.criteria 
_struct_conn_type.reference 
metalc ? ? 
hydrog ? ? 
# 
loop_
_struct_site.id 
_struct_site.pdbx_evidence_code 
_struct_site.pdbx_auth_asym_id 
_struct_site.pdbx_auth_comp_id 
_struct_site.pdbx_auth_seq_id 
_struct_site.pdbx_auth_ins_code 
_struct_site.pdbx_num_residues 
_struct_site.details 
AC1 Software A MG  1013 ? 6  'BINDING SITE FOR RESIDUE MG A 1013'  
AC2 Software A MG  1014 ? 6  'BINDING SITE FOR RESIDUE MG A 1014'  
AC3 Software B D98 1025 ? 17 'BINDING SITE FOR RESIDUE D98 B 1025' 
AC4 Software B MG  1026 ? 6  'BINDING SITE FOR RESIDUE MG B 1026'  
# 
loop_
_struct_site_gen.id 
_struct_site_gen.site_id 
_struct_site_gen.pdbx_num_res 
_struct_site_gen.label_comp_id 
_struct_site_gen.label_asym_id 
_struct_site_gen.label_seq_id 
_struct_site_gen.pdbx_auth_ins_code 
_struct_site_gen.auth_comp_id 
_struct_site_gen.auth_asym_id 
_struct_site_gen.auth_seq_id 
_struct_site_gen.label_atom_id 
_struct_site_gen.label_alt_id 
_struct_site_gen.symmetry 
_struct_site_gen.details 
1  AC1 6  HOH G .  ? HOH A 2004 . ? 3_645 ? 
2  AC1 6  HOH G .  ? HOH A 2025 . ? 3_645 ? 
3  AC1 6  HOH G .  ? HOH A 2060 . ? 1_555 ? 
4  AC1 6  HOH G .  ? HOH A 2061 . ? 1_555 ? 
5  AC1 6  HOH G .  ? HOH A 2073 . ? 1_555 ? 
6  AC1 6  HOH H .  ? HOH B 2079 . ? 3_645 ? 
7  AC2 6  HOH G .  ? HOH A 2041 . ? 1_555 ? 
8  AC2 6  HOH G .  ? HOH A 2044 . ? 1_555 ? 
9  AC2 6  DG  B 10 ? DG  B 22   . ? 1_655 ? 
10 AC2 6  HOH H .  ? HOH B 2069 . ? 1_655 ? 
11 AC2 6  HOH H .  ? HOH B 2073 . ? 1_655 ? 
12 AC2 6  HOH H .  ? HOH B 2074 . ? 1_655 ? 
13 AC3 17 DA  A 6  ? DA  A 6    . ? 1_555 ? 
14 AC3 17 DT  A 7  ? DT  A 7    . ? 1_555 ? 
15 AC3 17 DT  A 8  ? DT  A 8    . ? 1_555 ? 
16 AC3 17 DC  A 9  ? DC  A 9    . ? 1_555 ? 
17 AC3 17 HOH G .  ? HOH A 2059 . ? 1_555 ? 
18 AC3 17 HOH G .  ? HOH A 2084 . ? 1_555 ? 
19 AC3 17 DA  B 6  ? DA  B 18   . ? 1_555 ? 
20 AC3 17 DT  B 7  ? DT  B 19   . ? 1_555 ? 
21 AC3 17 DT  B 8  ? DT  B 20   . ? 1_555 ? 
22 AC3 17 DC  B 9  ? DC  B 21   . ? 1_555 ? 
23 AC3 17 HOH H .  ? HOH B 2069 . ? 1_555 ? 
24 AC3 17 HOH H .  ? HOH B 2071 . ? 1_555 ? 
25 AC3 17 HOH H .  ? HOH B 2092 . ? 1_555 ? 
26 AC3 17 HOH H .  ? HOH B 2093 . ? 1_555 ? 
27 AC3 17 HOH H .  ? HOH B 2094 . ? 1_555 ? 
28 AC3 17 HOH H .  ? HOH B 2095 . ? 1_555 ? 
29 AC3 17 HOH H .  ? HOH B 2096 . ? 1_555 ? 
30 AC4 6  HOH G .  ? HOH A 2100 . ? 4_465 ? 
31 AC4 6  HOH G .  ? HOH A 2101 . ? 4_465 ? 
32 AC4 6  HOH H .  ? HOH B 2053 . ? 1_555 ? 
33 AC4 6  HOH H .  ? HOH B 2059 . ? 1_555 ? 
34 AC4 6  HOH H .  ? HOH B 2097 . ? 1_555 ? 
35 AC4 6  HOH H .  ? HOH B 2098 . ? 1_555 ? 
# 
_atom_sites.entry_id                    4AGZ 
_atom_sites.fract_transf_matrix[1][1]   -0.03218486 
_atom_sites.fract_transf_matrix[1][2]   0.00509205 
_atom_sites.fract_transf_matrix[1][3]   0.02589588 
_atom_sites.fract_transf_matrix[2][1]   -0.00322017 
_atom_sites.fract_transf_matrix[2][2]   0.02332124 
_atom_sites.fract_transf_matrix[2][3]   -0.00858800 
_atom_sites.fract_transf_matrix[3][1]   -0.00943869 
_atom_sites.fract_transf_matrix[3][2]   -0.00524349 
_atom_sites.fract_transf_matrix[3][3]   -0.01069987 
_atom_sites.fract_transf_vector[1]      0.560127 
_atom_sites.fract_transf_vector[2]      0.511349 
_atom_sites.fract_transf_vector[3]      0.137233 
# 
loop_
_atom_type.symbol 
C  
MG 
N  
O  
P  
# 
loop_
_atom_site.group_PDB 
_atom_site.id 
_atom_site.type_symbol 
_atom_site.label_atom_id 
_atom_site.label_alt_id 
_atom_site.label_comp_id 
_atom_site.label_asym_id 
_atom_site.label_entity_id 
_atom_site.label_seq_id 
_atom_site.pdbx_PDB_ins_code 
_atom_site.Cartn_x 
_atom_site.Cartn_y 
_atom_site.Cartn_z 
_atom_site.occupancy 
_atom_site.B_iso_or_equiv 
_atom_site.pdbx_formal_charge 
_atom_site.auth_seq_id 
_atom_site.auth_comp_id 
_atom_site.auth_asym_id 
_atom_site.auth_atom_id 
_atom_site.pdbx_PDB_model_num 
ATOM   1   O  "O5'" . DC  A 1 1  ? -15.695 8.333   -11.504 1.00 19.23 ? 1    DC  A "O5'" 1 
ATOM   2   C  "C5'" . DC  A 1 1  ? -15.170 7.091   -11.899 1.00 16.48 ? 1    DC  A "C5'" 1 
ATOM   3   C  "C4'" . DC  A 1 1  ? -15.714 6.020   -10.952 1.00 13.43 ? 1    DC  A "C4'" 1 
ATOM   4   O  "O4'" . DC  A 1 1  ? -15.294 4.729   -11.411 1.00 13.00 ? 1    DC  A "O4'" 1 
ATOM   5   C  "C3'" . DC  A 1 1  ? -15.159 6.121   -9.522  1.00 14.75 ? 1    DC  A "C3'" 1 
ATOM   6   O  "O3'" . DC  A 1 1  ? -16.232 5.810   -8.629  1.00 14.80 ? 1    DC  A "O3'" 1 
ATOM   7   C  "C2'" . DC  A 1 1  ? -13.983 5.159   -9.563  1.00 13.56 ? 1    DC  A "C2'" 1 
ATOM   8   C  "C1'" . DC  A 1 1  ? -14.544 4.044   -10.404 1.00 12.91 ? 1    DC  A "C1'" 1 
ATOM   9   N  N1    . DC  A 1 1  ? -13.578 3.173   -11.113 1.00 12.30 ? 1    DC  A N1    1 
ATOM   10  C  C2    . DC  A 1 1  ? -13.889 1.809   -11.217 1.00 11.88 ? 1    DC  A C2    1 
ATOM   11  O  O2    . DC  A 1 1  ? -14.911 1.404   -10.676 1.00 16.33 ? 1    DC  A O2    1 
ATOM   12  N  N3    . DC  A 1 1  ? -13.110 0.977   -11.912 1.00 13.19 ? 1    DC  A N3    1 
ATOM   13  C  C4    . DC  A 1 1  ? -12.044 1.444   -12.531 1.00 12.74 ? 1    DC  A C4    1 
ATOM   14  N  N4    . DC  A 1 1  ? -11.270 0.621   -13.222 1.00 13.29 ? 1    DC  A N4    1 
ATOM   15  C  C5    . DC  A 1 1  ? -11.735 2.832   -12.439 1.00 12.51 ? 1    DC  A C5    1 
ATOM   16  C  C6    . DC  A 1 1  ? -12.487 3.647   -11.759 1.00 13.31 ? 1    DC  A C6    1 
ATOM   17  P  P     . DG  A 1 2  ? -16.098 6.000   -7.081  1.00 17.37 ? 2    DG  A P     1 
ATOM   18  O  OP1   . DG  A 1 2  ? -17.427 6.397   -6.601  1.00 20.18 ? 2    DG  A OP1   1 
ATOM   19  O  OP2   . DG  A 1 2  ? -14.952 6.826   -6.756  1.00 17.94 ? 2    DG  A OP2   1 
ATOM   20  O  "O5'" . DG  A 1 2  ? -15.748 4.565   -6.563  1.00 15.44 ? 2    DG  A "O5'" 1 
ATOM   21  C  "C5'" . DG  A 1 2  ? -16.757 3.553   -6.545  1.00 15.70 ? 2    DG  A "C5'" 1 
ATOM   22  C  "C4'" . DG  A 1 2  ? -16.270 2.410   -5.689  1.00 12.93 ? 2    DG  A "C4'" 1 
ATOM   23  O  "O4'" . DG  A 1 2  ? -15.335 1.634   -6.459  1.00 13.19 ? 2    DG  A "O4'" 1 
ATOM   24  C  "C3'" . DG  A 1 2  ? -15.532 2.774   -4.414  1.00 13.19 ? 2    DG  A "C3'" 1 
ATOM   25  O  "O3'" . DG  A 1 2  ? -15.955 1.865   -3.366  1.00 14.61 ? 2    DG  A "O3'" 1 
ATOM   26  C  "C2'" . DG  A 1 2  ? -14.058 2.569   -4.778  1.00 11.59 ? 2    DG  A "C2'" 1 
ATOM   27  C  "C1'" . DG  A 1 2  ? -14.137 1.419   -5.767  1.00 10.49 ? 2    DG  A "C1'" 1 
ATOM   28  N  N9    . DG  A 1 2  ? -13.087 1.399   -6.766  1.00 10.02 ? 2    DG  A N9    1 
ATOM   29  C  C8    . DG  A 1 2  ? -12.408 2.476   -7.309  1.00 10.96 ? 2    DG  A C8    1 
ATOM   30  N  N7    . DG  A 1 2  ? -11.632 2.053   -8.298  1.00 9.64  ? 2    DG  A N7    1 
ATOM   31  C  C5    . DG  A 1 2  ? -11.762 0.678   -8.385  1.00 8.28  ? 2    DG  A C5    1 
ATOM   32  C  C6    . DG  A 1 2  ? -11.184 -0.260  -9.221  1.00 9.08  ? 2    DG  A C6    1 
ATOM   33  O  O6    . DG  A 1 2  ? -10.329 -0.123  -10.111 1.00 10.13 ? 2    DG  A O6    1 
ATOM   34  N  N1    . DG  A 1 2  ? -11.611 -1.582  -8.979  1.00 8.90  ? 2    DG  A N1    1 
ATOM   35  C  C2    . DG  A 1 2  ? -12.559 -1.887  -8.020  1.00 9.34  ? 2    DG  A C2    1 
ATOM   36  N  N2    . DG  A 1 2  ? -12.906 -3.175  -7.880  1.00 9.76  ? 2    DG  A N2    1 
ATOM   37  N  N3    . DG  A 1 2  ? -13.119 -0.994  -7.211  1.00 9.70  ? 2    DG  A N3    1 
ATOM   38  C  C4    . DG  A 1 2  ? -12.674 0.271   -7.439  1.00 9.26  ? 2    DG  A C4    1 
ATOM   39  P  P     . DC  A 1 3  ? -15.624 2.052   -1.850  1.00 15.25 ? 3    DC  A P     1 
ATOM   40  O  OP1   . DC  A 1 3  ? -16.931 2.049   -1.165  1.00 17.69 ? 3    DC  A OP1   1 
ATOM   41  O  OP2   . DC  A 1 3  ? -14.750 3.186   -1.650  1.00 17.35 ? 3    DC  A OP2   1 
ATOM   42  O  "O5'" . DC  A 1 3  ? -14.739 0.788   -1.508  1.00 14.39 ? 3    DC  A "O5'" 1 
ATOM   43  C  "C5'" . DC  A 1 3  ? -15.380 -0.484  -1.576  1.00 13.59 ? 3    DC  A "C5'" 1 
ATOM   44  C  "C4'" . DC  A 1 3  ? -14.344 -1.527  -1.957  1.00 12.98 ? 3    DC  A "C4'" 1 
ATOM   45  O  "O4'" . DC  A 1 3  ? -13.756 -1.202  -3.205  1.00 12.45 ? 3    DC  A "O4'" 1 
ATOM   46  C  "C3'" . DC  A 1 3  ? -13.184 -1.761  -1.028  1.00 13.38 ? 3    DC  A "C3'" 1 
ATOM   47  O  "O3'" . DC  A 1 3  ? -13.603 -2.637  0.002   1.00 14.61 ? 3    DC  A "O3'" 1 
ATOM   48  C  "C2'" . DC  A 1 3  ? -12.188 -2.441  -1.961  1.00 17.00 ? 3    DC  A "C2'" 1 
ATOM   49  C  "C1'" . DC  A 1 3  ? -12.555 -1.941  -3.328  1.00 12.44 ? 3    DC  A "C1'" 1 
ATOM   50  N  N1    . DC  A 1 3  ? -11.593 -1.032  -3.957  1.00 10.98 ? 3    DC  A N1    1 
ATOM   51  C  C2    . DC  A 1 3  ? -10.752 -1.557  -4.967  1.00 10.34 ? 3    DC  A C2    1 
ATOM   52  O  O2    . DC  A 1 3  ? -10.809 -2.756  -5.181  1.00 10.54 ? 3    DC  A O2    1 
ATOM   53  N  N3    . DC  A 1 3  ? -9.934  -0.718  -5.622  1.00 9.82  ? 3    DC  A N3    1 
ATOM   54  C  C4    . DC  A 1 3  ? -9.859  0.579   -5.335  1.00 9.49  ? 3    DC  A C4    1 
ATOM   55  N  N4    . DC  A 1 3  ? -9.067  1.371   -6.002  1.00 11.00 ? 3    DC  A N4    1 
ATOM   56  C  C5    . DC  A 1 3  ? -10.645 1.072   -4.219  1.00 11.82 ? 3    DC  A C5    1 
ATOM   57  C  C6    . DC  A 1 3  ? -11.517 0.259   -3.639  1.00 11.55 ? 3    DC  A C6    1 
ATOM   58  P  P     . DG  A 1 4  ? -12.694 -2.938  1.262   1.00 17.68 ? 4    DG  A P     1 
ATOM   59  O  OP1   . DG  A 1 4  ? -13.632 -3.393  2.311   1.00 20.49 ? 4    DG  A OP1   1 
ATOM   60  O  OP2   . DG  A 1 4  ? -11.877 -1.762  1.517   1.00 18.85 ? 4    DG  A OP2   1 
ATOM   61  O  "O5'" . DG  A 1 4  ? -11.742 -4.107  0.772   1.00 15.66 ? 4    DG  A "O5'" 1 
ATOM   62  C  "C5'" . DG  A 1 4  ? -12.289 -5.350  0.327   1.00 16.95 ? 4    DG  A "C5'" 1 
ATOM   63  C  "C4'" . DG  A 1 4  ? -11.210 -6.236  -0.245  1.00 16.64 ? 4    DG  A "C4'" 1 
ATOM   64  O  "O4'" . DG  A 1 4  ? -10.480 -5.563  -1.306  1.00 15.86 ? 4    DG  A "O4'" 1 
ATOM   65  C  "C3'" . DG  A 1 4  ? -10.183 -6.546  0.808   1.00 18.86 ? 4    DG  A "C3'" 1 
ATOM   66  O  "O3'" . DG  A 1 4  ? -9.729  -7.913  0.597   1.00 22.29 ? 4    DG  A "O3'" 1 
ATOM   67  C  "C2'" . DG  A 1 4  ? -9.096  -5.480  0.616   1.00 17.03 ? 4    DG  A "C2'" 1 
ATOM   68  C  "C1'" . DG  A 1 4  ? -9.122  -5.305  -0.891  1.00 15.34 ? 4    DG  A "C1'" 1 
ATOM   69  N  N9    . DG  A 1 4  ? -8.777  -3.959  -1.346  1.00 14.22 ? 4    DG  A N9    1 
ATOM   70  C  C8    . DG  A 1 4  ? -9.051  -2.765  -0.768  1.00 15.06 ? 4    DG  A C8    1 
ATOM   71  N  N7    . DG  A 1 4  ? -8.632  -1.725  -1.392  1.00 15.05 ? 4    DG  A N7    1 
ATOM   72  C  C5    . DG  A 1 4  ? -8.006  -2.243  -2.532  1.00 11.23 ? 4    DG  A C5    1 
ATOM   73  C  C6    . DG  A 1 4  ? -7.335  -1.602  -3.573  1.00 12.08 ? 4    DG  A C6    1 
ATOM   74  O  O6    . DG  A 1 4  ? -7.197  -0.406  -3.767  1.00 11.93 ? 4    DG  A O6    1 
ATOM   75  N  N1    . DG  A 1 4  ? -6.784  -2.526  -4.443  1.00 12.01 ? 4    DG  A N1    1 
ATOM   76  C  C2    . DG  A 1 4  ? -6.910  -3.899  -4.361  1.00 11.09 ? 4    DG  A C2    1 
ATOM   77  N  N2    . DG  A 1 4  ? -6.315  -4.609  -5.313  1.00 12.13 ? 4    DG  A N2    1 
ATOM   78  N  N3    . DG  A 1 4  ? -7.585  -4.485  -3.386  1.00 13.45 ? 4    DG  A N3    1 
ATOM   79  C  C4    . DG  A 1 4  ? -8.080  -3.610  -2.517  1.00 13.22 ? 4    DG  A C4    1 
ATOM   80  P  P     . DA  A 1 5  ? -8.531  -8.501  1.471   1.00 27.26 ? 5    DA  A P     1 
ATOM   81  O  OP1   . DA  A 1 5  ? -8.918  -9.907  1.534   1.00 26.88 ? 5    DA  A OP1   1 
ATOM   82  O  OP2   . DA  A 1 5  ? -8.183  -7.714  2.678   1.00 26.25 ? 5    DA  A OP2   1 
ATOM   83  O  "O5'" . DA  A 1 5  ? -7.294  -8.479  0.524   1.00 20.43 ? 5    DA  A "O5'" 1 
ATOM   84  C  "C5'" . DA  A 1 5  ? -7.325  -9.201  -0.652  1.00 17.39 ? 5    DA  A "C5'" 1 
ATOM   85  C  "C4'" . DA  A 1 5  ? -6.046  -9.001  -1.432  1.00 12.90 ? 5    DA  A "C4'" 1 
ATOM   86  O  "O4'" . DA  A 1 5  ? -5.913  -7.614  -1.759  1.00 13.65 ? 5    DA  A "O4'" 1 
ATOM   87  C  "C3'" . DA  A 1 5  ? -4.778  -9.404  -0.639  1.00 13.11 ? 5    DA  A "C3'" 1 
ATOM   88  O  "O3'" . DA  A 1 5  ? -3.987  -10.166 -1.544  1.00 13.06 ? 5    DA  A "O3'" 1 
ATOM   89  C  "C2'" . DA  A 1 5  ? -4.200  -8.053  -0.216  1.00 12.37 ? 5    DA  A "C2'" 1 
ATOM   90  C  "C1'" . DA  A 1 5  ? -4.627  -7.149  -1.348  1.00 11.58 ? 5    DA  A "C1'" 1 
ATOM   91  N  N9    . DA  A 1 5  ? -4.812  -5.735  -1.024  1.00 10.23 ? 5    DA  A N9    1 
ATOM   92  C  C8    . DA  A 1 5  ? -5.483  -5.276  0.086   1.00 11.47 ? 5    DA  A C8    1 
ATOM   93  N  N7    . DA  A 1 5  ? -5.562  -3.953  0.074   1.00 11.90 ? 5    DA  A N7    1 
ATOM   94  C  C5    . DA  A 1 5  ? -4.910  -3.526  -1.075  1.00 10.41 ? 5    DA  A C5    1 
ATOM   95  C  C6    . DA  A 1 5  ? -4.640  -2.253  -1.609  1.00 10.27 ? 5    DA  A C6    1 
ATOM   96  N  N6    . DA  A 1 5  ? -5.047  -1.111  -1.092  1.00 11.89 ? 5    DA  A N6    1 
ATOM   97  N  N1    . DA  A 1 5  ? -3.924  -2.238  -2.782  1.00 11.33 ? 5    DA  A N1    1 
ATOM   98  C  C2    . DA  A 1 5  ? -3.526  -3.400  -3.335  1.00 10.60 ? 5    DA  A C2    1 
ATOM   99  N  N3    . DA  A 1 5  ? -3.748  -4.673  -2.933  1.00 10.97 ? 5    DA  A N3    1 
ATOM   100 C  C4    . DA  A 1 5  ? -4.432  -4.640  -1.750  1.00 10.28 ? 5    DA  A C4    1 
ATOM   101 P  P     . DA  A 1 6  ? -2.516  -10.630 -1.182  1.00 12.89 ? 6    DA  A P     1 
ATOM   102 O  OP1   . DA  A 1 6  ? -2.268  -11.814 -2.086  1.00 13.35 ? 6    DA  A OP1   1 
ATOM   103 O  OP2   . DA  A 1 6  ? -2.324  -10.771 0.275   1.00 13.43 ? 6    DA  A OP2   1 
ATOM   104 O  "O5'" . DA  A 1 6  ? -1.589  -9.409  -1.617  1.00 11.17 ? 6    DA  A "O5'" 1 
ATOM   105 C  "C5'" . DA  A 1 6  ? -1.434  -9.133  -2.983  1.00 11.43 ? 6    DA  A "C5'" 1 
ATOM   106 C  "C4'" . DA  A 1 6  ? -0.446  -7.996  -3.072  1.00 11.16 ? 6    DA  A "C4'" 1 
ATOM   107 O  "O4'" . DA  A 1 6  ? -1.076  -6.804  -2.564  1.00 11.80 ? 6    DA  A "O4'" 1 
ATOM   108 C  "C3'" . DA  A 1 6  ? 0.886   -8.195  -2.336  1.00 10.55 ? 6    DA  A "C3'" 1 
ATOM   109 O  "O3'" . DA  A 1 6  ? 1.899   -8.208  -3.277  1.00 11.05 ? 6    DA  A "O3'" 1 
ATOM   110 C  "C2'" . DA  A 1 6  ? 0.888   -7.056  -1.300  1.00 10.81 ? 6    DA  A "C2'" 1 
ATOM   111 C  "C1'" . DA  A 1 6  ? -0.045  -6.022  -1.896  1.00 11.71 ? 6    DA  A "C1'" 1 
ATOM   112 N  N9    . DA  A 1 6  ? -0.711  -5.165  -0.942  1.00 10.95 ? 6    DA  A N9    1 
ATOM   113 C  C8    . DA  A 1 6  ? -1.403  -5.582  0.157   1.00 11.48 ? 6    DA  A C8    1 
ATOM   114 N  N7    . DA  A 1 6  ? -1.981  -4.605  0.836   1.00 12.31 ? 6    DA  A N7    1 
ATOM   115 C  C5    . DA  A 1 6  ? -1.655  -3.476  0.090   1.00 10.92 ? 6    DA  A C5    1 
ATOM   116 C  C6    . DA  A 1 6  ? -1.911  -2.086  0.248   1.00 11.16 ? 6    DA  A C6    1 
ATOM   117 N  N6    . DA  A 1 6  ? -2.695  -1.574  1.181   1.00 12.17 ? 6    DA  A N6    1 
ATOM   118 N  N1    . DA  A 1 6  ? -1.415  -1.258  -0.698  1.00 11.29 ? 6    DA  A N1    1 
ATOM   119 C  C2    . DA  A 1 6  ? -0.703  -1.726  -1.697  1.00 10.77 ? 6    DA  A C2    1 
ATOM   120 N  N3    . DA  A 1 6  ? -0.362  -3.004  -1.914  1.00 11.13 ? 6    DA  A N3    1 
ATOM   121 C  C4    . DA  A 1 6  ? -0.856  -3.811  -0.986  1.00 10.84 ? 6    DA  A C4    1 
ATOM   122 P  P     . DT  A 1 7  ? 3.458   -8.311  -2.888  1.00 11.70 ? 7    DT  A P     1 
ATOM   123 O  OP1   . DT  A 1 7  ? 4.093   -8.881  -4.072  1.00 12.85 ? 7    DT  A OP1   1 
ATOM   124 O  OP2   . DT  A 1 7  ? 3.654   -8.975  -1.580  1.00 11.92 ? 7    DT  A OP2   1 
ATOM   125 O  "O5'" . DT  A 1 7  ? 3.902   -6.827  -2.734  1.00 10.78 ? 7    DT  A "O5'" 1 
ATOM   126 C  "C5'" . DT  A 1 7  ? 3.706   -5.943  -3.816  1.00 11.33 ? 7    DT  A "C5'" 1 
ATOM   127 C  "C4'" . DT  A 1 7  ? 4.001   -4.518  -3.366  1.00 12.16 ? 7    DT  A "C4'" 1 
ATOM   128 O  "O4'" . DT  A 1 7  ? 3.043   -4.142  -2.372  1.00 12.21 ? 7    DT  A "O4'" 1 
ATOM   129 C  "C3'" . DT  A 1 7  ? 5.313   -4.262  -2.672  1.00 12.53 ? 7    DT  A "C3'" 1 
ATOM   130 O  "O3'" . DT  A 1 7  ? 6.127   -3.559  -3.646  1.00 13.55 ? 7    DT  A "O3'" 1 
ATOM   131 C  "C2'" . DT  A 1 7  ? 5.015   -3.542  -1.368  1.00 11.90 ? 7    DT  A "C2'" 1 
ATOM   132 C  "C1'" . DT  A 1 7  ? 3.598   -3.114  -1.568  1.00 12.02 ? 7    DT  A "C1'" 1 
ATOM   133 N  N1    . DT  A 1 7  ? 2.793   -2.986  -0.344  1.00 12.14 ? 7    DT  A N1    1 
ATOM   134 C  C2    . DT  A 1 7  ? 2.339   -1.725  -0.014  1.00 11.18 ? 7    DT  A C2    1 
ATOM   135 O  O2    . DT  A 1 7  ? 2.591   -0.723  -0.648  1.00 12.65 ? 7    DT  A O2    1 
ATOM   136 N  N3    . DT  A 1 7  ? 1.568   -1.676  1.085   1.00 11.19 ? 7    DT  A N3    1 
ATOM   137 C  C4    . DT  A 1 7  ? 1.202   -2.747  1.867   1.00 10.63 ? 7    DT  A C4    1 
ATOM   138 O  O4    . DT  A 1 7  ? 0.442   -2.551  2.832   1.00 11.62 ? 7    DT  A O4    1 
ATOM   139 C  C5    . DT  A 1 7  ? 1.747   -4.022  1.497   1.00 10.66 ? 7    DT  A C5    1 
ATOM   140 C  C7    . DT  A 1 7  ? 1.434   -5.202  2.358   1.00 12.99 ? 7    DT  A C7    1 
ATOM   141 C  C6    . DT  A 1 7  ? 2.522   -4.097  0.420   1.00 11.26 ? 7    DT  A C6    1 
ATOM   142 P  P     . DT  A 1 8  ? 7.660   -3.225  -3.448  1.00 14.41 ? 8    DT  A P     1 
ATOM   143 O  OP1   . DT  A 1 8  ? 8.220   -3.031  -4.800  1.00 18.27 ? 8    DT  A OP1   1 
ATOM   144 O  OP2   . DT  A 1 8  ? 8.267   -4.205  -2.557  1.00 14.83 ? 8    DT  A OP2   1 
ATOM   145 O  "O5'" . DT  A 1 8  ? 7.664   -1.834  -2.693  1.00 14.32 ? 8    DT  A "O5'" 1 
ATOM   146 C  "C5'" . DT  A 1 8  ? 7.160   -0.702  -3.404  1.00 14.14 ? 8    DT  A "C5'" 1 
ATOM   147 C  "C4'" . DT  A 1 8  ? 7.047   0.438   -2.418  1.00 15.14 ? 8    DT  A "C4'" 1 
ATOM   148 O  "O4'" . DT  A 1 8  ? 6.107   0.155   -1.384  1.00 15.25 ? 8    DT  A "O4'" 1 
ATOM   149 C  "C3'" . DT  A 1 8  ? 8.326   0.795   -1.669  1.00 15.32 ? 8    DT  A "C3'" 1 
ATOM   150 O  "O3'" . DT  A 1 8  ? 8.751   2.086   -2.247  1.00 19.38 ? 8    DT  A "O3'" 1 
ATOM   151 C  "C2'" . DT  A 1 8  ? 7.982   0.921   -0.190  1.00 15.69 ? 8    DT  A "C2'" 1 
ATOM   152 C  "C1'" . DT  A 1 8  ? 6.492   0.893   -0.206  1.00 14.63 ? 8    DT  A "C1'" 1 
ATOM   153 N  N1    . DT  A 1 8  ? 5.819   0.227   0.899   1.00 14.75 ? 8    DT  A N1    1 
ATOM   154 C  C2    . DT  A 1 8  ? 4.990   0.968   1.694   1.00 14.30 ? 8    DT  A C2    1 
ATOM   155 O  O2    . DT  A 1 8  ? 4.840   2.191   1.570   1.00 14.78 ? 8    DT  A O2    1 
ATOM   156 N  N3    . DT  A 1 8  ? 4.348   0.282   2.665   1.00 13.29 ? 8    DT  A N3    1 
ATOM   157 C  C4    . DT  A 1 8  ? 4.443   -1.072  2.915   1.00 15.26 ? 8    DT  A C4    1 
ATOM   158 O  O4    . DT  A 1 8  ? 3.805   -1.616  3.773   1.00 13.90 ? 8    DT  A O4    1 
ATOM   159 C  C5    . DT  A 1 8  ? 5.391   -1.787  2.098   1.00 14.30 ? 8    DT  A C5    1 
ATOM   160 C  C7    . DT  A 1 8  ? 5.620   -3.276  2.339   1.00 15.78 ? 8    DT  A C7    1 
ATOM   161 C  C6    . DT  A 1 8  ? 6.040   -1.119  1.125   1.00 13.40 ? 8    DT  A C6    1 
ATOM   162 P  P     . DC  A 1 9  ? 10.085  2.824   -1.822  1.00 20.12 ? 9    DC  A P     1 
ATOM   163 O  OP1   . DC  A 1 9  ? 10.398  3.653   -3.033  1.00 23.11 ? 9    DC  A OP1   1 
ATOM   164 O  OP2   . DC  A 1 9  ? 11.064  1.901   -1.242  1.00 21.79 ? 9    DC  A OP2   1 
ATOM   165 O  "O5'" . DC  A 1 9  ? 9.660   3.750   -0.621  1.00 16.88 ? 9    DC  A "O5'" 1 
ATOM   166 C  "C5'" . DC  A 1 9  ? 8.644   4.685   -0.872  1.00 17.79 ? 9    DC  A "C5'" 1 
ATOM   167 C  "C4'" . DC  A 1 9  ? 8.263   5.314   0.437   1.00 17.71 ? 9    DC  A "C4'" 1 
ATOM   168 O  "O4'" . DC  A 1 9  ? 7.672   4.267   1.229   1.00 16.80 ? 9    DC  A "O4'" 1 
ATOM   169 C  "C3'" . DC  A 1 9  ? 9.388   5.885   1.281   1.00 19.79 ? 9    DC  A "C3'" 1 
ATOM   170 O  "O3'" . DC  A 1 9  ? 9.375   7.273   1.185   1.00 20.08 ? 9    DC  A "O3'" 1 
ATOM   171 C  "C2'" . DC  A 1 9  ? 9.191   5.338   2.685   1.00 19.43 ? 9    DC  A "C2'" 1 
ATOM   172 C  "C1'" . DC  A 1 9  ? 7.871   4.604   2.613   1.00 16.59 ? 9    DC  A "C1'" 1 
ATOM   173 N  N1    . DC  A 1 9  ? 7.774   3.363   3.290   1.00 15.61 ? 9    DC  A N1    1 
ATOM   174 C  C2    . DC  A 1 9  ? 6.822   3.238   4.315   1.00 14.47 ? 9    DC  A C2    1 
ATOM   175 O  O2    . DC  A 1 9  ? 6.178   4.222   4.707   1.00 17.66 ? 9    DC  A O2    1 
ATOM   176 N  N3    . DC  A 1 9  ? 6.676   2.006   4.878   1.00 15.28 ? 9    DC  A N3    1 
ATOM   177 C  C4    . DC  A 1 9  ? 7.396   0.950   4.434   1.00 13.37 ? 9    DC  A C4    1 
ATOM   178 N  N4    . DC  A 1 9  ? 7.141   -0.251  5.001   1.00 15.06 ? 9    DC  A N4    1 
ATOM   179 C  C5    . DC  A 1 9  ? 8.386   1.100   3.440   1.00 15.76 ? 9    DC  A C5    1 
ATOM   180 C  C6    . DC  A 1 9  ? 8.546   2.308   2.881   1.00 15.78 ? 9    DC  A C6    1 
ATOM   181 P  P     . DG  A 1 10 ? 10.655  8.199   1.508   1.00 22.37 ? 10   DG  A P     1 
ATOM   182 O  OP1   . DG  A 1 10 ? 10.397  9.507   0.831   1.00 25.76 ? 10   DG  A OP1   1 
ATOM   183 O  OP2   . DG  A 1 10 ? 11.919  7.426   1.370   1.00 24.42 ? 10   DG  A OP2   1 
ATOM   184 O  "O5'" . DG  A 1 10 ? 10.556  8.401   3.102   1.00 21.02 ? 10   DG  A "O5'" 1 
ATOM   185 C  "C5'" . DG  A 1 10 ? 9.377   9.038   3.607   1.00 23.62 ? 10   DG  A "C5'" 1 
ATOM   186 C  "C4'" . DG  A 1 10 ? 9.384   8.945   5.106   1.00 21.80 ? 10   DG  A "C4'" 1 
ATOM   187 O  "O4'" . DG  A 1 10 ? 9.132   7.530   5.396   1.00 20.27 ? 10   DG  A "O4'" 1 
ATOM   188 C  "C3'" . DG  A 1 10 ? 10.703  9.278   5.808   1.00 22.87 ? 10   DG  A "C3'" 1 
ATOM   189 O  "O3'" . DG  A 1 10 ? 10.501  9.843   7.121   1.00 23.35 ? 10   DG  A "O3'" 1 
ATOM   190 C  "C2'" . DG  A 1 10 ? 11.372  7.914   5.990   1.00 20.43 ? 10   DG  A "C2'" 1 
ATOM   191 C  "C1'" . DG  A 1 10 ? 10.134  7.083   6.303   1.00 19.49 ? 10   DG  A "C1'" 1 
ATOM   192 N  N9    . DG  A 1 10 ? 10.296  5.651   6.149   1.00 18.48 ? 10   DG  A N9    1 
ATOM   193 C  C8    . DG  A 1 10 ? 11.102  4.945   5.332   1.00 18.67 ? 10   DG  A C8    1 
ATOM   194 N  N7    . DG  A 1 10 ? 10.953  3.673   5.455   1.00 18.36 ? 10   DG  A N7    1 
ATOM   195 C  C5    . DG  A 1 10 ? 9.964   3.504   6.365   1.00 15.71 ? 10   DG  A C5    1 
ATOM   196 C  C6    . DG  A 1 10 ? 9.401   2.354   6.937   1.00 14.31 ? 10   DG  A C6    1 
ATOM   197 O  O6    . DG  A 1 10 ? 9.673   1.170   6.693   1.00 17.36 ? 10   DG  A O6    1 
ATOM   198 N  N1    . DG  A 1 10 ? 8.447   2.641   7.873   1.00 14.68 ? 10   DG  A N1    1 
ATOM   199 C  C2    . DG  A 1 10 ? 8.077   3.913   8.275   1.00 14.34 ? 10   DG  A C2    1 
ATOM   200 N  N2    . DG  A 1 10 ? 7.142   4.035   9.224   1.00 15.92 ? 10   DG  A N2    1 
ATOM   201 N  N3    . DG  A 1 10 ? 8.609   5.009   7.737   1.00 16.34 ? 10   DG  A N3    1 
ATOM   202 C  C4    . DG  A 1 10 ? 9.548   4.722   6.821   1.00 15.94 ? 10   DG  A C4    1 
ATOM   203 P  P     . DC  A 1 11 ? 10.405  11.418  7.442   1.00 27.46 ? 11   DC  A P     1 
ATOM   204 O  OP1   . DC  A 1 11 ? 9.943   12.168  6.244   1.00 31.60 ? 11   DC  A OP1   1 
ATOM   205 O  OP2   . DC  A 1 11 ? 11.734  11.694  8.036   1.00 29.45 ? 11   DC  A OP2   1 
ATOM   206 O  "O5'" . DC  A 1 11 ? 9.343   11.512  8.618   1.00 27.73 ? 11   DC  A "O5'" 1 
ATOM   207 C  "C5'" . DC  A 1 11 ? 8.010   11.203  8.316   1.00 25.27 ? 11   DC  A "C5'" 1 
ATOM   208 C  "C4'" . DC  A 1 11 ? 7.308   10.433  9.427   1.00 25.12 ? 11   DC  A "C4'" 1 
ATOM   209 O  "O4'" . DC  A 1 11 ? 7.861   9.109   9.538   1.00 24.07 ? 11   DC  A "O4'" 1 
ATOM   210 C  "C3'" . DC  A 1 11 ? 7.416   10.978  10.844  1.00 23.81 ? 11   DC  A "C3'" 1 
ATOM   211 O  "O3'" . DC  A 1 11 ? 6.153   10.732  11.509  1.00 24.92 ? 11   DC  A "O3'" 1 
ATOM   212 C  "C2'" . DC  A 1 11 ? 8.581   10.161  11.425  1.00 25.06 ? 11   DC  A "C2'" 1 
ATOM   213 C  "C1'" . DC  A 1 11 ? 8.297   8.780   10.878  1.00 22.82 ? 11   DC  A "C1'" 1 
ATOM   214 N  N1    . DC  A 1 11 ? 9.359   7.857   10.587  1.00 21.34 ? 11   DC  A N1    1 
ATOM   215 C  C2    . DC  A 1 11 ? 9.158   6.506   10.823  1.00 19.00 ? 11   DC  A C2    1 
ATOM   216 O  O2    . DC  A 1 11 ? 8.135   6.115   11.360  1.00 19.50 ? 11   DC  A O2    1 
ATOM   217 N  N3    . DC  A 1 11 ? 10.153  5.667   10.460  1.00 17.59 ? 11   DC  A N3    1 
ATOM   218 C  C4    . DC  A 1 11 ? 11.278  6.094   9.896   1.00 18.87 ? 11   DC  A C4    1 
ATOM   219 N  N4    . DC  A 1 11 ? 12.184  5.206   9.505   1.00 20.24 ? 11   DC  A N4    1 
ATOM   220 C  C5    . DC  A 1 11 ? 11.479  7.486   9.678   1.00 21.12 ? 11   DC  A C5    1 
ATOM   221 C  C6    . DC  A 1 11 ? 10.501  8.296   10.046  1.00 20.40 ? 11   DC  A C6    1 
ATOM   222 P  P     . DG  A 1 12 ? 5.690   11.438  12.905  1.00 23.56 ? 12   DG  A P     1 
ATOM   223 O  OP1   . DG  A 1 12 ? 4.206   11.302  13.069  1.00 27.00 ? 12   DG  A OP1   1 
ATOM   224 O  OP2   . DG  A 1 12 ? 6.399   12.730  12.881  1.00 23.55 ? 12   DG  A OP2   1 
ATOM   225 O  "O5'" . DG  A 1 12 ? 6.498   10.724  14.085  1.00 19.77 ? 12   DG  A "O5'" 1 
ATOM   226 C  "C5'" . DG  A 1 12 ? 5.976   9.542   14.637  1.00 18.44 ? 12   DG  A "C5'" 1 
ATOM   227 C  "C4'" . DG  A 1 12 ? 7.068   8.900   15.472  1.00 16.18 ? 12   DG  A "C4'" 1 
ATOM   228 O  "O4'" . DG  A 1 12 ? 8.094   8.389   14.612  1.00 14.97 ? 12   DG  A "O4'" 1 
ATOM   229 C  "C3'" . DG  A 1 12 ? 7.865   9.766   16.465  1.00 16.03 ? 12   DG  A "C3'" 1 
ATOM   230 O  "O3'" . DG  A 1 12 ? 7.213   9.744   17.723  1.00 16.53 ? 12   DG  A "O3'" 1 
ATOM   231 C  "C2'" . DG  A 1 12 ? 9.315   9.214   16.430  1.00 15.10 ? 12   DG  A "C2'" 1 
ATOM   232 C  "C1'" . DG  A 1 12 ? 9.201   8.078   15.440  1.00 13.77 ? 12   DG  A "C1'" 1 
ATOM   233 N  N9    . DG  A 1 12 ? 10.360  7.961   14.563  1.00 14.17 ? 12   DG  A N9    1 
ATOM   234 C  C8    . DG  A 1 12 ? 11.016  8.984   13.935  1.00 18.36 ? 12   DG  A C8    1 
ATOM   235 N  N7    . DG  A 1 12 ? 11.975  8.542   13.186  1.00 16.63 ? 12   DG  A N7    1 
ATOM   236 C  C5    . DG  A 1 12 ? 11.992  7.167   13.369  1.00 14.11 ? 12   DG  A C5    1 
ATOM   237 C  C6    . DG  A 1 12 ? 12.772  6.162   12.772  1.00 12.39 ? 12   DG  A C6    1 
ATOM   238 O  O6    . DG  A 1 12 ? 13.784  6.293   12.033  1.00 15.90 ? 12   DG  A O6    1 
ATOM   239 N  N1    . DG  A 1 12 ? 12.390  4.879   13.175  1.00 11.44 ? 12   DG  A N1    1 
ATOM   240 C  C2    . DG  A 1 12 ? 11.385  4.612   14.078  1.00 11.05 ? 12   DG  A C2    1 
ATOM   241 N  N2    . DG  A 1 12 ? 11.222  3.340   14.407  1.00 10.20 ? 12   DG  A N2    1 
ATOM   242 N  N3    . DG  A 1 12 ? 10.614  5.554   14.578  1.00 10.79 ? 12   DG  A N3    1 
ATOM   243 C  C4    . DG  A 1 12 ? 10.950  6.794   14.207  1.00 12.08 ? 12   DG  A C4    1 
ATOM   244 O  "O5'" A DC  B 1 1  ? 17.516  -2.556  12.028  0.50 21.32 ? 13   DC  B "O5'" 1 
ATOM   245 O  "O5'" B DC  B 1 1  ? 17.563  -3.185  14.286  0.50 23.76 ? 13   DC  B "O5'" 1 
ATOM   246 C  "C5'" . DC  B 1 1  ? 16.823  -3.144  13.126  1.00 20.69 ? 13   DC  B "C5'" 1 
ATOM   247 C  "C4'" . DC  B 1 1  ? 15.336  -2.884  13.252  1.00 17.63 ? 13   DC  B "C4'" 1 
ATOM   248 O  "O4'" . DC  B 1 1  ? 15.245  -1.456  13.543  1.00 15.91 ? 13   DC  B "O4'" 1 
ATOM   249 C  "C3'" . DC  B 1 1  ? 14.505  -3.165  12.040  1.00 18.38 ? 13   DC  B "C3'" 1 
ATOM   250 O  "O3'" . DC  B 1 1  ? 13.228  -3.469  12.393  1.00 17.74 ? 13   DC  B "O3'" 1 
ATOM   251 C  "C2'" . DC  B 1 1  ? 14.478  -1.805  11.400  1.00 15.58 ? 13   DC  B "C2'" 1 
ATOM   252 C  "C1'" . DC  B 1 1  ? 14.384  -0.895  12.596  1.00 14.36 ? 13   DC  B "C1'" 1 
ATOM   253 N  N1    . DC  B 1 1  ? 14.849  0.501   12.372  1.00 12.86 ? 13   DC  B N1    1 
ATOM   254 C  C2    . DC  B 1 1  ? 13.986  1.554   12.626  1.00 11.78 ? 13   DC  B C2    1 
ATOM   255 O  O2    . DC  B 1 1  ? 12.830  1.282   13.032  1.00 12.25 ? 13   DC  B O2    1 
ATOM   256 N  N3    . DC  B 1 1  ? 14.371  2.823   12.436  1.00 11.26 ? 13   DC  B N3    1 
ATOM   257 C  C4    . DC  B 1 1  ? 15.608  3.060   12.047  1.00 11.78 ? 13   DC  B C4    1 
ATOM   258 N  N4    . DC  B 1 1  ? 15.951  4.341   11.877  1.00 12.77 ? 13   DC  B N4    1 
ATOM   259 C  C5    . DC  B 1 1  ? 16.529  2.007   11.780  1.00 13.92 ? 13   DC  B C5    1 
ATOM   260 C  C6    . DC  B 1 1  ? 16.116  0.771   11.954  1.00 13.96 ? 13   DC  B C6    1 
ATOM   261 P  P     . DG  B 1 2  ? 12.655  -4.939  12.199  1.00 18.83 ? 14   DG  B P     1 
ATOM   262 O  OP1   . DG  B 1 2  ? 13.465  -5.859  13.005  1.00 21.34 ? 14   DG  B OP1   1 
ATOM   263 O  OP2   . DG  B 1 2  ? 12.388  -5.241  10.753  1.00 22.02 ? 14   DG  B OP2   1 
ATOM   264 O  "O5'" . DG  B 1 2  ? 11.252  -4.797  12.864  1.00 17.05 ? 14   DG  B "O5'" 1 
ATOM   265 C  "C5'" . DG  B 1 2  ? 11.171  -4.573  14.306  1.00 16.29 ? 14   DG  B "C5'" 1 
ATOM   266 C  "C4'" . DG  B 1 2  ? 10.054  -3.596  14.549  1.00 15.33 ? 14   DG  B "C4'" 1 
ATOM   267 O  "O4'" . DG  B 1 2  ? 10.467  -2.265  14.111  1.00 16.78 ? 14   DG  B "O4'" 1 
ATOM   268 C  "C3'" . DG  B 1 2  ? 8.798   -4.103  13.834  1.00 20.57 ? 14   DG  B "C3'" 1 
ATOM   269 O  "O3'" . DG  B 1 2  ? 7.685   -4.257  14.652  1.00 15.93 ? 14   DG  B "O3'" 1 
ATOM   270 C  "C2'" . DG  B 1 2  ? 8.566   -3.072  12.776  1.00 21.12 ? 14   DG  B "C2'" 1 
ATOM   271 C  "C1'" . DG  B 1 2  ? 9.317   -1.818  13.356  1.00 20.23 ? 14   DG  B "C1'" 1 
ATOM   272 N  N9    . DG  B 1 2  ? 9.950   -0.888  12.360  1.00 16.64 ? 14   DG  B N9    1 
ATOM   273 C  C8    . DG  B 1 2  ? 10.821  -1.354  11.465  1.00 16.93 ? 14   DG  B C8    1 
ATOM   274 N  N7    . DG  B 1 2  ? 11.184  -0.479  10.595  1.00 14.91 ? 14   DG  B N7    1 
ATOM   275 C  C5    . DG  B 1 2  ? 10.511  0.684   10.917  1.00 13.55 ? 14   DG  B C5    1 
ATOM   276 C  C6    . DG  B 1 2  ? 10.655  1.987   10.416  1.00 12.75 ? 14   DG  B C6    1 
ATOM   277 O  O6    . DG  B 1 2  ? 11.355  2.396   9.475   1.00 15.06 ? 14   DG  B O6    1 
ATOM   278 N  N1    . DG  B 1 2  ? 9.836   2.842   11.097  1.00 12.54 ? 14   DG  B N1    1 
ATOM   279 C  C2    . DG  B 1 2  ? 9.009   2.568   12.154  1.00 12.67 ? 14   DG  B C2    1 
ATOM   280 N  N2    . DG  B 1 2  ? 8.289   3.568   12.665  1.00 13.51 ? 14   DG  B N2    1 
ATOM   281 N  N3    . DG  B 1 2  ? 8.984   1.354   12.699  1.00 13.21 ? 14   DG  B N3    1 
ATOM   282 C  C4    . DG  B 1 2  ? 9.770   0.450   12.050  1.00 13.83 ? 14   DG  B C4    1 
ATOM   283 P  P     . DC  B 1 3  ? 6.334   -4.719  14.088  1.00 17.27 ? 15   DC  B P     1 
ATOM   284 O  OP1   . DC  B 1 3  ? 5.732   -5.423  15.241  1.00 18.10 ? 15   DC  B OP1   1 
ATOM   285 O  OP2   . DC  B 1 3  ? 6.479   -5.395  12.787  1.00 21.93 ? 15   DC  B OP2   1 
ATOM   286 O  "O5'" . DC  B 1 3  ? 5.461   -3.424  13.782  1.00 16.18 ? 15   DC  B "O5'" 1 
ATOM   287 C  "C5'" . DC  B 1 3  ? 5.091   -2.511  14.832  1.00 15.69 ? 15   DC  B "C5'" 1 
ATOM   288 C  "C4'" . DC  B 1 3  ? 4.625   -1.232  14.211  1.00 15.02 ? 15   DC  B "C4'" 1 
ATOM   289 O  "O4'" . DC  B 1 3  ? 5.716   -0.663  13.465  1.00 17.20 ? 15   DC  B "O4'" 1 
ATOM   290 C  "C3'" . DC  B 1 3  ? 3.494   -1.344  13.200  1.00 17.31 ? 15   DC  B "C3'" 1 
ATOM   291 O  "O3'" . DC  B 1 3  ? 2.299   -1.242  13.968  1.00 18.92 ? 15   DC  B "O3'" 1 
ATOM   292 C  "C2'" . DC  B 1 3  ? 3.728   -0.072  12.410  1.00 17.65 ? 15   DC  B "C2'" 1 
ATOM   293 C  "C1'" . DC  B 1 3  ? 5.212   0.125   12.371  1.00 17.11 ? 15   DC  B "C1'" 1 
ATOM   294 N  N1    . DC  B 1 3  ? 5.988   -0.263  11.171  1.00 15.18 ? 15   DC  B N1    1 
ATOM   295 C  C2    . DC  B 1 3  ? 6.450   0.757   10.359  1.00 13.62 ? 15   DC  B C2    1 
ATOM   296 O  O2    . DC  B 1 3  ? 6.094   1.915   10.663  1.00 15.28 ? 15   DC  B O2    1 
ATOM   297 N  N3    . DC  B 1 3  ? 7.302   0.439   9.342   1.00 14.28 ? 15   DC  B N3    1 
ATOM   298 C  C4    . DC  B 1 3  ? 7.587   -0.833  9.056   1.00 15.12 ? 15   DC  B C4    1 
ATOM   299 N  N4    . DC  B 1 3  ? 8.404   -1.014  8.027   1.00 17.13 ? 15   DC  B N4    1 
ATOM   300 C  C5    . DC  B 1 3  ? 7.073   -1.910  9.858   1.00 17.22 ? 15   DC  B C5    1 
ATOM   301 C  C6    . DC  B 1 3  ? 6.285   -1.572  10.872  1.00 17.31 ? 15   DC  B C6    1 
ATOM   302 P  P     . DG  B 1 4  ? 0.898   -1.428  13.243  1.00 20.73 ? 16   DG  B P     1 
ATOM   303 O  OP1   . DG  B 1 4  ? -0.017  -1.689  14.373  1.00 27.72 ? 16   DG  B OP1   1 
ATOM   304 O  OP2   . DG  B 1 4  ? 1.041   -2.331  12.079  1.00 21.61 ? 16   DG  B OP2   1 
ATOM   305 O  "O5'" . DG  B 1 4  ? 0.532   0.017   12.686  1.00 19.99 ? 16   DG  B "O5'" 1 
ATOM   306 C  "C5'" . DG  B 1 4  ? 0.487   1.147   13.464  1.00 19.96 ? 16   DG  B "C5'" 1 
ATOM   307 C  "C4'" . DG  B 1 4  ? 0.344   2.374   12.582  1.00 21.77 ? 16   DG  B "C4'" 1 
ATOM   308 O  "O4'" . DG  B 1 4  ? 1.443   2.481   11.623  1.00 19.86 ? 16   DG  B "O4'" 1 
ATOM   309 C  "C3'" . DG  B 1 4  ? -0.905  2.395   11.752  1.00 23.09 ? 16   DG  B "C3'" 1 
ATOM   310 O  "O3'" . DG  B 1 4  ? -1.261  3.760   11.733  1.00 25.29 ? 16   DG  B "O3'" 1 
ATOM   311 C  "C2'" . DG  B 1 4  ? -0.455  1.872   10.386  1.00 20.51 ? 16   DG  B "C2'" 1 
ATOM   312 C  "C1'" . DG  B 1 4  ? 0.979   2.330   10.296  1.00 19.60 ? 16   DG  B "C1'" 1 
ATOM   313 N  N9    . DG  B 1 4  ? 1.825   1.366   9.593   1.00 19.27 ? 16   DG  B N9    1 
ATOM   314 C  C8    . DG  B 1 4  ? 1.781   -0.022  9.612   1.00 16.95 ? 16   DG  B C8    1 
ATOM   315 N  N7    . DG  B 1 4  ? 2.699   -0.573  8.869   1.00 16.16 ? 16   DG  B N7    1 
ATOM   316 C  C5    . DG  B 1 4  ? 3.365   0.515   8.295   1.00 15.25 ? 16   DG  B C5    1 
ATOM   317 C  C6    . DG  B 1 4  ? 4.450   0.531   7.388   1.00 14.74 ? 16   DG  B C6    1 
ATOM   318 O  O6    . DG  B 1 4  ? 5.059   -0.433  6.878   1.00 14.74 ? 16   DG  B O6    1 
ATOM   319 N  N1    . DG  B 1 4  ? 4.784   1.829   7.054   1.00 14.47 ? 16   DG  B N1    1 
ATOM   320 C  C2    . DG  B 1 4  ? 4.214   2.993   7.532   1.00 14.82 ? 16   DG  B C2    1 
ATOM   321 N  N2    . DG  B 1 4  ? 4.695   4.156   7.052   1.00 15.78 ? 16   DG  B N2    1 
ATOM   322 N  N3    . DG  B 1 4  ? 3.236   2.987   8.389   1.00 16.40 ? 16   DG  B N3    1 
ATOM   323 C  C4    . DG  B 1 4  ? 2.854   1.728   8.721   1.00 15.29 ? 16   DG  B C4    1 
ATOM   324 P  P     . DA  B 1 5  ? -2.350  4.426   10.733  1.00 25.88 ? 17   DA  B P     1 
ATOM   325 O  OP1   . DA  B 1 5  ? -2.935  5.493   11.576  1.00 29.58 ? 17   DA  B OP1   1 
ATOM   326 O  OP2   . DA  B 1 5  ? -3.256  3.409   10.193  1.00 23.76 ? 17   DA  B OP2   1 
ATOM   327 O  "O5'" . DA  B 1 5  ? -1.432  5.113   9.628   1.00 22.91 ? 17   DA  B "O5'" 1 
ATOM   328 C  "C5'" . DA  B 1 5  ? -0.524  6.136   9.977   1.00 21.17 ? 17   DA  B "C5'" 1 
ATOM   329 C  "C4'" . DA  B 1 5  ? -0.054  6.735   8.696   1.00 24.03 ? 17   DA  B "C4'" 1 
ATOM   330 O  "O4'" . DA  B 1 5  ? 0.703   5.716   7.983   1.00 21.17 ? 17   DA  B "O4'" 1 
ATOM   331 C  "C3'" . DA  B 1 5  ? -1.212  7.132   7.784   1.00 23.75 ? 17   DA  B "C3'" 1 
ATOM   332 O  "O3'" . DA  B 1 5  ? -0.834  8.302   7.135   1.00 24.63 ? 17   DA  B "O3'" 1 
ATOM   333 C  "C2'" . DA  B 1 5  ? -1.335  6.000   6.727   1.00 22.55 ? 17   DA  B "C2'" 1 
ATOM   334 C  "C1'" . DA  B 1 5  ? 0.112   5.494   6.675   1.00 21.43 ? 17   DA  B "C1'" 1 
ATOM   335 N  N9    . DA  B 1 5  ? 0.243   4.066   6.473   1.00 18.51 ? 17   DA  B N9    1 
ATOM   336 C  C8    . DA  B 1 5  ? -0.524  3.089   7.076   1.00 18.57 ? 17   DA  B C8    1 
ATOM   337 N  N7    . DA  B 1 5  ? -0.126  1.867   6.761   1.00 17.69 ? 17   DA  B N7    1 
ATOM   338 C  C5    . DA  B 1 5  ? 0.920   2.083   5.892   1.00 15.70 ? 17   DA  B C5    1 
ATOM   339 C  C6    . DA  B 1 5  ? 1.792   1.197   5.204   1.00 13.78 ? 17   DA  B C6    1 
ATOM   340 N  N6    . DA  B 1 5  ? 1.696   -0.159  5.310   1.00 14.08 ? 17   DA  B N6    1 
ATOM   341 N  N1    . DA  B 1 5  ? 2.752   1.735   4.427   1.00 15.05 ? 17   DA  B N1    1 
ATOM   342 C  C2    . DA  B 1 5  ? 2.795   3.067   4.341   1.00 16.38 ? 17   DA  B C2    1 
ATOM   343 N  N3    . DA  B 1 5  ? 2.087   3.974   4.941   1.00 16.94 ? 17   DA  B N3    1 
ATOM   344 C  C4    . DA  B 1 5  ? 1.151   3.426   5.673   1.00 16.43 ? 17   DA  B C4    1 
ATOM   345 P  P     . DA  B 1 6  ? -1.680  9.046   5.945   1.00 29.92 ? 18   DA  B P     1 
ATOM   346 O  OP1   . DA  B 1 6  ? -1.418  10.449  6.079   1.00 30.13 ? 18   DA  B OP1   1 
ATOM   347 O  OP2   . DA  B 1 6  ? -3.105  8.596   5.834   1.00 30.12 ? 18   DA  B OP2   1 
ATOM   348 O  "O5'" . DA  B 1 6  ? -0.902  8.498   4.632   1.00 24.63 ? 18   DA  B "O5'" 1 
ATOM   349 C  "C5'" . DA  B 1 6  ? 0.440   8.809   4.336   1.00 19.59 ? 18   DA  B "C5'" 1 
ATOM   350 C  "C4'" . DA  B 1 6  ? 0.822   8.040   3.071   1.00 20.16 ? 18   DA  B "C4'" 1 
ATOM   351 O  "O4'" . DA  B 1 6  ? 0.704   6.592   3.296   1.00 19.90 ? 18   DA  B "O4'" 1 
ATOM   352 C  "C3'" . DA  B 1 6  ? -0.096  8.338   1.859   1.00 20.51 ? 18   DA  B "C3'" 1 
ATOM   353 O  "O3'" . DA  B 1 6  ? 0.675   9.036   0.882   1.00 21.74 ? 18   DA  B "O3'" 1 
ATOM   354 C  "C2'" . DA  B 1 6  ? -0.664  6.958   1.395   1.00 17.86 ? 18   DA  B "C2'" 1 
ATOM   355 C  "C1'" . DA  B 1 6  ? 0.280   5.985   2.071   1.00 15.89 ? 18   DA  B "C1'" 1 
ATOM   356 N  N9    . DA  B 1 6  ? -0.266  4.705   2.492   1.00 16.74 ? 18   DA  B N9    1 
ATOM   357 C  C8    . DA  B 1 6  ? -1.348  4.464   3.287   1.00 18.04 ? 18   DA  B C8    1 
ATOM   358 N  N7    . DA  B 1 6  ? -1.618  3.193   3.562   1.00 18.01 ? 18   DA  B N7    1 
ATOM   359 C  C5    . DA  B 1 6  ? -0.613  2.556   2.857   1.00 15.35 ? 18   DA  B C5    1 
ATOM   360 C  C6    . DA  B 1 6  ? -0.348  1.166   2.712   1.00 12.95 ? 18   DA  B C6    1 
ATOM   361 N  N6    . DA  B 1 6  ? -1.019  0.204   3.294   1.00 15.16 ? 18   DA  B N6    1 
ATOM   362 N  N1    . DA  B 1 6  ? 0.695   0.887   1.904   1.00 13.54 ? 18   DA  B N1    1 
ATOM   363 C  C2    . DA  B 1 6  ? 1.405   1.846   1.320   1.00 12.89 ? 18   DA  B C2    1 
ATOM   364 N  N3    . DA  B 1 6  ? 1.252   3.166   1.389   1.00 14.72 ? 18   DA  B N3    1 
ATOM   365 C  C4    . DA  B 1 6  ? 0.203   3.438   2.173   1.00 14.69 ? 18   DA  B C4    1 
ATOM   366 P  P     . DT  B 1 7  ? 0.053   9.365   -0.552  1.00 24.53 ? 19   DT  B P     1 
ATOM   367 O  OP1   . DT  B 1 7  ? 0.924   10.421  -1.073  1.00 25.55 ? 19   DT  B OP1   1 
ATOM   368 O  OP2   . DT  B 1 7  ? -1.455  9.440   -0.488  1.00 26.40 ? 19   DT  B OP2   1 
ATOM   369 O  "O5'" . DT  B 1 7  ? 0.348   8.072   -1.408  1.00 20.31 ? 19   DT  B "O5'" 1 
ATOM   370 C  "C5'" . DT  B 1 7  ? 1.643   7.590   -1.559  1.00 19.09 ? 19   DT  B "C5'" 1 
ATOM   371 C  "C4'" . DT  B 1 7  ? 1.611   6.240   -2.257  1.00 15.19 ? 19   DT  B "C4'" 1 
ATOM   372 O  "O4'" . DT  B 1 7  ? 0.912   5.276   -1.431  1.00 14.68 ? 19   DT  B "O4'" 1 
ATOM   373 C  "C3'" . DT  B 1 7  ? 0.860   6.260   -3.585  1.00 15.40 ? 19   DT  B "C3'" 1 
ATOM   374 O  "O3'" . DT  B 1 7  ? 1.854   6.175   -4.604  1.00 16.22 ? 19   DT  B "O3'" 1 
ATOM   375 C  "C2'" . DT  B 1 7  ? -0.096  5.080   -3.539  1.00 15.27 ? 19   DT  B "C2'" 1 
ATOM   376 C  "C1'" . DT  B 1 7  ? 0.374   4.282   -2.333  1.00 13.41 ? 19   DT  B "C1'" 1 
ATOM   377 N  N1    . DT  B 1 7  ? -0.622  3.533   -1.557  1.00 13.62 ? 19   DT  B N1    1 
ATOM   378 C  C2    . DT  B 1 7  ? -0.541  2.138   -1.477  1.00 12.17 ? 19   DT  B C2    1 
ATOM   379 O  O2    . DT  B 1 7  ? 0.336   1.546   -2.083  1.00 13.75 ? 19   DT  B O2    1 
ATOM   380 N  N3    . DT  B 1 7  ? -1.484  1.558   -0.690  1.00 13.17 ? 19   DT  B N3    1 
ATOM   381 C  C4    . DT  B 1 7  ? -2.493  2.141   0.038   1.00 13.44 ? 19   DT  B C4    1 
ATOM   382 O  O4    . DT  B 1 7  ? -3.247  1.462   0.699   1.00 14.50 ? 19   DT  B O4    1 
ATOM   383 C  C5    . DT  B 1 7  ? -2.573  3.583   -0.126  1.00 14.88 ? 19   DT  B C5    1 
ATOM   384 C  C7    . DT  B 1 7  ? -3.669  4.361   0.520   1.00 17.24 ? 19   DT  B C7    1 
ATOM   385 C  C6    . DT  B 1 7  ? -1.640  4.174   -0.899  1.00 14.51 ? 19   DT  B C6    1 
ATOM   386 P  P     . DT  B 1 8  ? 1.492   6.226   -6.173  1.00 17.05 ? 20   DT  B P     1 
ATOM   387 O  OP1   . DT  B 1 8  ? 2.782   6.653   -6.784  1.00 19.49 ? 20   DT  B OP1   1 
ATOM   388 O  OP2   . DT  B 1 8  ? 0.251   6.981   -6.470  1.00 18.02 ? 20   DT  B OP2   1 
ATOM   389 O  "O5'" . DT  B 1 8  ? 1.244   4.716   -6.589  1.00 15.01 ? 20   DT  B "O5'" 1 
ATOM   390 C  "C5'" . DT  B 1 8  ? 2.305   3.745   -6.394  1.00 13.99 ? 20   DT  B "C5'" 1 
ATOM   391 C  "C4'" . DT  B 1 8  ? 1.734   2.341   -6.612  1.00 14.15 ? 20   DT  B "C4'" 1 
ATOM   392 O  "O4'" . DT  B 1 8  ? 0.753   2.067   -5.587  1.00 13.67 ? 20   DT  B "O4'" 1 
ATOM   393 C  "C3'" . DT  B 1 8  ? 1.023   2.135   -7.965  1.00 13.46 ? 20   DT  B "C3'" 1 
ATOM   394 O  "O3'" . DT  B 1 8  ? 1.815   1.257   -8.720  1.00 16.90 ? 20   DT  B "O3'" 1 
ATOM   395 C  "C2'" . DT  B 1 8  ? -0.385  1.629   -7.610  1.00 12.84 ? 20   DT  B "C2'" 1 
ATOM   396 C  "C1'" . DT  B 1 8  ? -0.215  1.177   -6.202  1.00 12.80 ? 20   DT  B "C1'" 1 
ATOM   397 N  N1    . DT  B 1 8  ? -1.347  1.209   -5.337  1.00 11.80 ? 20   DT  B N1    1 
ATOM   398 C  C2    . DT  B 1 8  ? -1.804  0.034   -4.776  1.00 11.40 ? 20   DT  B C2    1 
ATOM   399 O  O2    . DT  B 1 8  ? -1.351  -1.086  -5.020  1.00 11.69 ? 20   DT  B O2    1 
ATOM   400 N  N3    . DT  B 1 8  ? -2.817  0.183   -3.854  1.00 10.37 ? 20   DT  B N3    1 
ATOM   401 C  C4    . DT  B 1 8  ? -3.455  1.359   -3.494  1.00 11.54 ? 20   DT  B C4    1 
ATOM   402 O  O4    . DT  B 1 8  ? -4.320  1.358   -2.630  1.00 12.44 ? 20   DT  B O4    1 
ATOM   403 C  C5    . DT  B 1 8  ? -3.032  2.550   -4.169  1.00 11.96 ? 20   DT  B C5    1 
ATOM   404 C  C7    . DT  B 1 8  ? -3.698  3.871   -3.929  1.00 14.75 ? 20   DT  B C7    1 
ATOM   405 C  C6    . DT  B 1 8  ? -1.989  2.437   -5.023  1.00 10.80 ? 20   DT  B C6    1 
ATOM   406 P  P     . DC  B 1 9  ? 1.449   0.826   -10.187 1.00 19.71 ? 21   DC  B P     1 
ATOM   407 O  OP1   . DC  B 1 9  ? 2.713   0.448   -10.765 1.00 22.18 ? 21   DC  B OP1   1 
ATOM   408 O  OP2   . DC  B 1 9  ? 0.689   1.898   -10.833 1.00 21.18 ? 21   DC  B OP2   1 
ATOM   409 O  "O5'" . DC  B 1 9  ? 0.550   -0.443  -10.094 1.00 14.06 ? 21   DC  B "O5'" 1 
ATOM   410 C  "C5'" . DC  B 1 9  ? 1.057   -1.582  -9.464  1.00 13.18 ? 21   DC  B "C5'" 1 
ATOM   411 C  "C4'" . DC  B 1 9  ? -0.094  -2.554  -9.281  1.00 10.77 ? 21   DC  B "C4'" 1 
ATOM   412 O  "O4'" . DC  B 1 9  ? -1.053  -1.993  -8.379  1.00 11.63 ? 21   DC  B "O4'" 1 
ATOM   413 C  "C3'" . DC  B 1 9  ? -0.848  -2.860  -10.565 1.00 11.91 ? 21   DC  B "C3'" 1 
ATOM   414 O  "O3'" . DC  B 1 9  ? -0.565  -4.245  -10.924 1.00 12.11 ? 21   DC  B "O3'" 1 
ATOM   415 C  "C2'" . DC  B 1 9  ? -2.311  -2.644  -10.199 1.00 11.12 ? 21   DC  B "C2'" 1 
ATOM   416 C  "C1'" . DC  B 1 9  ? -2.324  -2.555  -8.705  1.00 12.10 ? 21   DC  B "C1'" 1 
ATOM   417 N  N1    . DC  B 1 9  ? -3.307  -1.646  -8.067  1.00 11.05 ? 21   DC  B N1    1 
ATOM   418 C  C2    . DC  B 1 9  ? -4.177  -2.160  -7.105  1.00 11.00 ? 21   DC  B C2    1 
ATOM   419 O  O2    . DC  B 1 9  ? -4.240  -3.395  -6.927  1.00 12.13 ? 21   DC  B O2    1 
ATOM   420 N  N3    . DC  B 1 9  ? -4.982  -1.337  -6.415  1.00 10.43 ? 21   DC  B N3    1 
ATOM   421 C  C4    . DC  B 1 9  ? -4.909  -0.029  -6.659  1.00 10.54 ? 21   DC  B C4    1 
ATOM   422 N  N4    . DC  B 1 9  ? -5.613  0.823   -5.892  1.00 11.39 ? 21   DC  B N4    1 
ATOM   423 C  C5    . DC  B 1 9  ? -4.041  0.500   -7.624  1.00 10.70 ? 21   DC  B C5    1 
ATOM   424 C  C6    . DC  B 1 9  ? -3.297  -0.306  -8.333  1.00 10.74 ? 21   DC  B C6    1 
ATOM   425 P  P     . DG  B 1 10 ? -0.972  -4.873  -12.308 1.00 13.01 ? 22   DG  B P     1 
ATOM   426 O  OP1   . DG  B 1 10 ? -0.117  -6.042  -12.470 1.00 15.75 ? 22   DG  B OP1   1 
ATOM   427 O  OP2   . DG  B 1 10 ? -0.975  -3.875  -13.362 1.00 13.41 ? 22   DG  B OP2   1 
ATOM   428 O  "O5'" . DG  B 1 10 ? -2.484  -5.320  -12.125 1.00 12.35 ? 22   DG  B "O5'" 1 
ATOM   429 C  "C5'" . DG  B 1 10 ? -2.797  -6.373  -11.175 1.00 12.88 ? 22   DG  B "C5'" 1 
ATOM   430 C  "C4'" . DG  B 1 10 ? -4.294  -6.494  -11.096 1.00 13.02 ? 22   DG  B "C4'" 1 
ATOM   431 O  "O4'" . DG  B 1 10 ? -4.826  -5.320  -10.358 1.00 12.16 ? 22   DG  B "O4'" 1 
ATOM   432 C  "C3'" . DG  B 1 10 ? -5.033  -6.453  -12.414 1.00 13.64 ? 22   DG  B "C3'" 1 
ATOM   433 O  "O3'" . DG  B 1 10 ? -6.137  -7.308  -12.355 1.00 15.26 ? 22   DG  B "O3'" 1 
ATOM   434 C  "C2'" . DG  B 1 10 ? -5.542  -5.023  -12.551 1.00 12.68 ? 22   DG  B "C2'" 1 
ATOM   435 C  "C1'" . DG  B 1 10 ? -5.939  -4.801  -11.085 1.00 12.06 ? 22   DG  B "C1'" 1 
ATOM   436 N  N9    . DG  B 1 10 ? -6.158  -3.438  -10.672 1.00 10.46 ? 22   DG  B N9    1 
ATOM   437 C  C8    . DG  B 1 10 ? -5.680  -2.238  -11.194 1.00 11.46 ? 22   DG  B C8    1 
ATOM   438 N  N7    . DG  B 1 10 ? -6.027  -1.175  -10.523 1.00 10.88 ? 22   DG  B N7    1 
ATOM   439 C  C5    . DG  B 1 10 ? -6.843  -1.675  -9.538  1.00 8.99  ? 22   DG  B C5    1 
ATOM   440 C  C6    . DG  B 1 10 ? -7.613  -1.053  -8.532  1.00 9.21  ? 22   DG  B C6    1 
ATOM   441 O  O6    . DG  B 1 10 ? -7.647  0.173   -8.268  1.00 9.87  ? 22   DG  B O6    1 
ATOM   442 N  N1    . DG  B 1 10 ? -8.381  -1.933  -7.752  1.00 9.52  ? 22   DG  B N1    1 
ATOM   443 C  C2    . DG  B 1 10 ? -8.422  -3.314  -7.886  1.00 9.30  ? 22   DG  B C2    1 
ATOM   444 N  N2    . DG  B 1 10 ? -9.208  -3.991  -7.061  1.00 10.08 ? 22   DG  B N2    1 
ATOM   445 N  N3    . DG  B 1 10 ? -7.677  -3.909  -8.835  1.00 9.94  ? 22   DG  B N3    1 
ATOM   446 C  C4    . DG  B 1 10 ? -6.949  -3.066  -9.600  1.00 9.30  ? 22   DG  B C4    1 
ATOM   447 P  P     . DC  B 1 11 ? -6.558  -8.339  -13.468 1.00 20.05 ? 23   DC  B P     1 
ATOM   448 O  OP1   . DC  B 1 11 ? -5.600  -9.407  -13.658 1.00 22.48 ? 23   DC  B OP1   1 
ATOM   449 O  OP2   . DC  B 1 11 ? -6.836  -7.482  -14.684 1.00 23.75 ? 23   DC  B OP2   1 
ATOM   450 O  "O5'" . DC  B 1 11 ? -7.937  -8.864  -12.934 1.00 18.55 ? 23   DC  B "O5'" 1 
ATOM   451 C  "C5'" . DC  B 1 11 ? -8.005  -9.564  -11.670 1.00 18.44 ? 23   DC  B "C5'" 1 
ATOM   452 C  "C4'" . DC  B 1 11 ? -9.330  -9.278  -11.000 1.00 17.02 ? 23   DC  B "C4'" 1 
ATOM   453 O  "O4'" . DC  B 1 11 ? -9.294  -7.910  -10.527 1.00 17.55 ? 23   DC  B "O4'" 1 
ATOM   454 C  "C3'" . DC  B 1 11 ? -10.453 -9.357  -11.987 1.00 17.97 ? 23   DC  B "C3'" 1 
ATOM   455 O  "O3'" . DC  B 1 11 ? -11.400 -10.294 -11.634 1.00 20.43 ? 23   DC  B "O3'" 1 
ATOM   456 C  "C2'" . DC  B 1 11 ? -11.024 -8.028  -12.182 1.00 21.42 ? 23   DC  B "C2'" 1 
ATOM   457 C  "C1'" . DC  B 1 11 ? -10.530 -7.345  -10.893 1.00 17.99 ? 23   DC  B "C1'" 1 
ATOM   458 N  N1    . DC  B 1 11 ? -10.245 -5.928  -11.131 1.00 14.79 ? 23   DC  B N1    1 
ATOM   459 C  C2    . DC  B 1 11 ? -10.833 -4.921  -10.344 1.00 11.24 ? 23   DC  B C2    1 
ATOM   460 O  O2    . DC  B 1 11 ? -11.614 -5.215  -9.461  1.00 12.98 ? 23   DC  B O2    1 
ATOM   461 N  N3    . DC  B 1 11 ? -10.537 -3.650  -10.701 1.00 10.77 ? 23   DC  B N3    1 
ATOM   462 C  C4    . DC  B 1 11 ? -9.699  -3.351  -11.700 1.00 10.24 ? 23   DC  B C4    1 
ATOM   463 N  N4    . DC  B 1 11 ? -9.390  -2.068  -11.918 1.00 10.67 ? 23   DC  B N4    1 
ATOM   464 C  C5    . DC  B 1 11 ? -9.131  -4.386  -12.470 1.00 12.35 ? 23   DC  B C5    1 
ATOM   465 C  C6    . DC  B 1 11 ? -9.394  -5.615  -12.133 1.00 13.37 ? 23   DC  B C6    1 
ATOM   466 P  P     . DG  B 1 12 ? -12.596 -10.765 -12.570 1.00 25.66 ? 24   DG  B P     1 
ATOM   467 O  OP1   . DG  B 1 12 ? -12.942 -12.177 -12.294 1.00 28.92 ? 24   DG  B OP1   1 
ATOM   468 O  OP2   . DG  B 1 12 ? -12.279 -10.265 -13.897 1.00 22.79 ? 24   DG  B OP2   1 
ATOM   469 O  "O5'" . DG  B 1 12 ? -13.835 -9.896  -12.073 1.00 19.37 ? 24   DG  B "O5'" 1 
ATOM   470 C  "C5'" . DG  B 1 12 ? -14.277 -10.009 -10.718 1.00 18.45 ? 24   DG  B "C5'" 1 
ATOM   471 C  "C4'" . DG  B 1 12 ? -15.187 -8.839  -10.448 1.00 17.12 ? 24   DG  B "C4'" 1 
ATOM   472 O  "O4'" . DG  B 1 12 ? -14.354 -7.679  -10.420 1.00 17.05 ? 24   DG  B "O4'" 1 
ATOM   473 C  "C3'" . DG  B 1 12 ? -16.153 -8.434  -11.554 1.00 17.77 ? 24   DG  B "C3'" 1 
ATOM   474 O  "O3'" . DG  B 1 12 ? -17.313 -9.199  -11.559 1.00 20.01 ? 24   DG  B "O3'" 1 
ATOM   475 C  "C2'" . DG  B 1 12 ? -16.511 -7.029  -11.169 1.00 19.54 ? 24   DG  B "C2'" 1 
ATOM   476 C  "C1'" . DG  B 1 12 ? -15.162 -6.517  -10.760 1.00 17.72 ? 24   DG  B "C1'" 1 
ATOM   477 N  N9    . DG  B 1 12 ? -14.413 -5.711  -11.694 1.00 14.44 ? 24   DG  B N9    1 
ATOM   478 C  C8    . DG  B 1 12 ? -13.669 -6.127  -12.787 1.00 16.50 ? 24   DG  B C8    1 
ATOM   479 N  N7    . DG  B 1 12 ? -13.047 -5.131  -13.367 1.00 14.49 ? 24   DG  B N7    1 
ATOM   480 C  C5    . DG  B 1 12 ? -13.421 -3.998  -12.639 1.00 11.85 ? 24   DG  B C5    1 
ATOM   481 C  C6    . DG  B 1 12 ? -13.091 -2.642  -12.760 1.00 11.65 ? 24   DG  B C6    1 
ATOM   482 O  O6    . DG  B 1 12 ? -12.355 -2.119  -13.602 1.00 13.25 ? 24   DG  B O6    1 
ATOM   483 N  N1    . DG  B 1 12 ? -13.683 -1.882  -11.775 1.00 11.43 ? 24   DG  B N1    1 
ATOM   484 C  C2    . DG  B 1 12 ? -14.546 -2.308  -10.810 1.00 11.75 ? 24   DG  B C2    1 
ATOM   485 N  N2    . DG  B 1 12 ? -15.085 -1.407  -9.970  1.00 12.41 ? 24   DG  B N2    1 
ATOM   486 N  N3    . DG  B 1 12 ? -14.841 -3.580  -10.671 1.00 11.33 ? 24   DG  B N3    1 
ATOM   487 C  C4    . DG  B 1 12 ? -14.251 -4.339  -11.588 1.00 11.51 ? 24   DG  B C4    1 
HETATM 488 MG MG    . MG  C 2 .  ? 1.596   -12.725 -0.557  1.00 11.03 ? 1013 MG  A MG    1 
HETATM 489 MG MG    . MG  D 2 .  ? -17.220 -4.439  2.258   0.25 15.18 ? 1014 MG  A MG    1 
HETATM 490 C  C1    . D98 E 3 .  ? 1.472   -5.842  -7.254  1.00 22.27 ? 1025 D98 B C1    1 
HETATM 491 C  C2    . D98 E 3 .  ? 2.058   -4.702  -6.748  1.00 17.31 ? 1025 D98 B C2    1 
HETATM 492 C  C3    . D98 E 3 .  ? 1.386   -3.695  -6.071  1.00 16.46 ? 1025 D98 B C3    1 
HETATM 493 C  C4    . D98 E 3 .  ? 0.031   -3.787  -5.817  1.00 14.94 ? 1025 D98 B C4    1 
HETATM 494 C  C5    . D98 E 3 .  ? -0.569  -4.977  -6.340  1.00 18.01 ? 1025 D98 B C5    1 
HETATM 495 C  C6    . D98 E 3 .  ? 0.110   -6.024  -7.065  1.00 21.83 ? 1025 D98 B C6    1 
HETATM 496 C  C7    . D98 E 3 .  ? 2.067   -2.530  -5.627  1.00 14.64 ? 1025 D98 B C7    1 
HETATM 497 C  C8    . D98 E 3 .  ? 1.611   -1.936  -4.494  1.00 15.85 ? 1025 D98 B C8    1 
HETATM 498 C  C9    . D98 E 3 .  ? 2.126   -0.762  -3.968  1.00 19.48 ? 1025 D98 B C9    1 
HETATM 499 C  C10   . D98 E 3 .  ? 3.165   -0.177  -4.586  1.00 19.55 ? 1025 D98 B C10   1 
HETATM 500 C  C11   . D98 E 3 .  ? 3.687   -0.720  -5.737  1.00 17.79 ? 1025 D98 B C11   1 
HETATM 501 C  C12   . D98 E 3 .  ? 3.145   -1.917  -6.277  1.00 16.86 ? 1025 D98 B C12   1 
HETATM 502 C  C13   . D98 E 3 .  ? 3.635   1.015   -3.916  1.00 18.83 ? 1025 D98 B C13   1 
HETATM 503 N  N14   . D98 E 3 .  ? 4.532   1.925   -4.304  1.00 23.81 ? 1025 D98 B N14   1 
HETATM 504 C  C15   . D98 E 3 .  ? 4.657   2.897   -3.357  1.00 19.59 ? 1025 D98 B C15   1 
HETATM 505 C  C16   . D98 E 3 .  ? 3.757   2.615   -2.316  1.00 19.24 ? 1025 D98 B C16   1 
HETATM 506 N  N17   . D98 E 3 .  ? 3.178   1.457   -2.725  1.00 23.08 ? 1025 D98 B N17   1 
HETATM 507 C  C18   . D98 E 3 .  ? 3.716   3.474   -1.167  1.00 21.23 ? 1025 D98 B C18   1 
HETATM 508 C  C19   . D98 E 3 .  ? 5.452   4.010   -3.340  1.00 24.17 ? 1025 D98 B C19   1 
HETATM 509 C  C20   . D98 E 3 .  ? 5.372   4.818   -2.248  1.00 24.39 ? 1025 D98 B C20   1 
HETATM 510 C  C21   . D98 E 3 .  ? 4.548   4.607   -1.194  1.00 21.29 ? 1025 D98 B C21   1 
HETATM 511 C  C22   . D98 E 3 .  ? 4.669   5.602   -0.191  1.00 23.69 ? 1025 D98 B C22   1 
HETATM 512 N  N24   . D98 E 3 .  ? 4.842   6.916   -0.422  1.00 24.88 ? 1025 D98 B N24   1 
HETATM 513 N  N23   . D98 E 3 .  ? 4.535   5.212   1.066   1.00 21.94 ? 1025 D98 B N23   1 
HETATM 514 C  C25   . D98 E 3 .  ? -0.491  -7.204  -7.599  1.00 25.32 ? 1025 D98 B C25   1 
HETATM 515 N  N26   . D98 E 3 .  ? -1.576  -7.793  -7.069  1.00 28.74 ? 1025 D98 B N26   1 
HETATM 516 N  N27   . D98 E 3 .  ? -0.038  -7.752  -8.752  1.00 28.30 ? 1025 D98 B N27   1 
HETATM 517 O  OAE   . D98 E 3 .  ? 3.436   -4.615  -6.990  1.00 25.59 ? 1025 D98 B OAE   1 
HETATM 518 MG MG    . MG  F 2 .  ? 1.034   11.061  -5.432  0.25 16.39 ? 1026 MG  B MG    1 
HETATM 519 O  O     . HOH G 4 .  ? -15.231 3.740   -14.068 1.00 15.78 ? 2001 HOH A O     1 
HETATM 520 O  O     . HOH G 4 .  ? -8.287  1.199   -13.884 1.00 15.49 ? 2002 HOH A O     1 
HETATM 521 O  O     . HOH G 4 .  ? -13.154 2.514   -15.532 1.00 21.04 ? 2003 HOH A O     1 
HETATM 522 O  O     . HOH G 4 .  ? -8.774  1.938   -11.112 1.00 11.70 ? 2004 HOH A O     1 
HETATM 523 O  O     . HOH G 4 .  ? -13.438 -0.201  -15.617 1.00 28.02 ? 2005 HOH A O     1 
HETATM 524 O  O     . HOH G 4 .  ? -18.967 8.088   -10.693 1.00 38.57 ? 2006 HOH A O     1 
HETATM 525 O  O     . HOH G 4 .  ? -14.408 6.048   -15.419 1.00 17.93 ? 2007 HOH A O     1 
HETATM 526 O  O     . HOH G 4 .  ? -6.138  0.569   -14.032 1.00 37.43 ? 2008 HOH A O     1 
HETATM 527 O  O     . HOH G 4 .  ? -8.674  4.499   -14.647 1.00 18.03 ? 2009 HOH A O     1 
HETATM 528 O  O     . HOH G 4 .  ? -10.952 4.323   -15.816 1.00 18.47 ? 2010 HOH A O     1 
HETATM 529 O  O     A HOH G 4 .  ? -14.168 4.388   -17.702 0.50 21.61 ? 2011 HOH A O     1 
HETATM 530 O  O     B HOH G 4 .  ? 21.712  -9.329  4.098   0.50 25.82 ? 2011 HOH A O     1 
HETATM 531 O  O     . HOH G 4 .  ? -11.148 5.241   -3.792  1.00 24.53 ? 2012 HOH A O     1 
HETATM 532 O  O     . HOH G 4 .  ? -6.790  5.646   -5.490  1.00 20.20 ? 2013 HOH A O     1 
HETATM 533 O  O     . HOH G 4 .  ? -8.178  6.895   -7.482  1.00 20.53 ? 2014 HOH A O     1 
HETATM 534 O  O     . HOH G 4 .  ? -8.156  -10.475 -4.526  1.00 32.64 ? 2015 HOH A O     1 
HETATM 535 O  O     . HOH G 4 .  ? -9.459  -9.092  -2.934  1.00 34.57 ? 2016 HOH A O     1 
HETATM 536 O  O     . HOH G 4 .  ? -6.452  -12.887 -0.979  1.00 34.99 ? 2017 HOH A O     1 
HETATM 537 O  O     . HOH G 4 .  ? -2.550  -7.833  3.839   1.00 28.06 ? 2018 HOH A O     1 
HETATM 538 O  O     . HOH G 4 .  ? -5.283  -8.035  -7.909  1.00 31.24 ? 2019 HOH A O     1 
HETATM 539 O  O     . HOH G 4 .  ? 3.889   -10.854 -8.325  1.00 43.80 ? 2020 HOH A O     1 
HETATM 540 O  O     . HOH G 4 .  ? 0.582   -6.616  5.609   1.00 43.83 ? 2021 HOH A O     1 
HETATM 541 O  O     A HOH G 4 .  ? -17.685 6.227   -3.783  0.50 25.19 ? 2022 HOH A O     1 
HETATM 542 O  O     B HOH G 4 .  ? -18.749 7.504   -4.612  0.50 25.66 ? 2022 HOH A O     1 
HETATM 543 O  O     . HOH G 4 .  ? -12.472 5.632   -6.216  1.00 16.65 ? 2023 HOH A O     1 
HETATM 544 O  O     . HOH G 4 .  ? -14.621 7.750   -3.986  1.00 40.14 ? 2024 HOH A O     1 
HETATM 545 O  O     . HOH G 4 .  ? -9.814  3.975   -9.206  1.00 11.82 ? 2025 HOH A O     1 
HETATM 546 O  O     . HOH G 4 .  ? -17.530 9.567   -6.267  1.00 45.26 ? 2026 HOH A O     1 
HETATM 547 O  O     . HOH G 4 .  ? 11.811  -1.802  -7.227  1.00 38.60 ? 2027 HOH A O     1 
HETATM 548 O  O     . HOH G 4 .  ? 10.357  0.573   -6.926  1.00 47.84 ? 2028 HOH A O     1 
HETATM 549 O  O     . HOH G 4 .  ? 9.189   -2.107  1.358   1.00 23.38 ? 2029 HOH A O     1 
HETATM 550 O  O     . HOH G 4 .  ? 7.817   6.108   -4.665  1.00 44.29 ? 2030 HOH A O     1 
HETATM 551 O  O     A HOH G 4 .  ? 4.439   -6.213  5.041   0.50 21.39 ? 2031 HOH A O     1 
HETATM 552 O  O     B HOH G 4 .  ? 3.089   -6.604  5.217   0.50 22.09 ? 2031 HOH A O     1 
HETATM 553 O  O     . HOH G 4 .  ? 4.396   -7.285  9.226   0.50 26.42 ? 2033 HOH A O     1 
HETATM 554 O  O     . HOH G 4 .  ? 4.865   8.965   3.267   1.00 39.03 ? 2034 HOH A O     1 
HETATM 555 O  O     . HOH G 4 .  ? 13.984  3.698   2.392   1.00 31.01 ? 2036 HOH A O     1 
HETATM 556 O  O     . HOH G 4 .  ? 14.638  9.309   6.404   1.00 27.17 ? 2037 HOH A O     1 
HETATM 557 O  O     . HOH G 4 .  ? 10.379  12.291  14.115  1.00 31.68 ? 2038 HOH A O     1 
HETATM 558 O  O     . HOH G 4 .  ? -12.114 3.293   -1.775  1.00 29.02 ? 2039 HOH A O     1 
HETATM 559 O  O     . HOH G 4 .  ? -15.415 6.009   -2.292  1.00 35.80 ? 2040 HOH A O     1 
HETATM 560 O  O     . HOH G 4 .  ? -16.322 -2.897  1.219   0.50 20.60 ? 2041 HOH A O     1 
HETATM 561 O  O     A HOH G 4 .  ? -8.532  3.822   -4.424  0.50 14.42 ? 2042 HOH A O     1 
HETATM 562 O  O     B HOH G 4 .  ? -9.152  4.316   -5.076  0.50 24.06 ? 2042 HOH A O     1 
HETATM 563 O  O     . HOH G 4 .  ? -12.704 -4.214  4.781   1.00 32.26 ? 2043 HOH A O     1 
HETATM 564 O  O     . HOH G 4 .  ? -15.592 -5.649  1.985   1.00 30.41 ? 2044 HOH A O     1 
HETATM 565 O  O     . HOH G 4 .  ? -9.372  -1.490  2.563   1.00 31.96 ? 2045 HOH A O     1 
HETATM 566 O  O     . HOH G 4 .  ? -12.717 0.961   1.724   1.00 24.29 ? 2046 HOH A O     1 
HETATM 567 O  O     . HOH G 4 .  ? -11.882 0.042   3.572   1.00 41.11 ? 2047 HOH A O     1 
HETATM 568 O  O     . HOH G 4 .  ? -8.638  0.884   -0.500  1.00 30.50 ? 2048 HOH A O     1 
HETATM 569 O  O     . HOH G 4 .  ? -7.315  2.170   -2.590  1.00 24.85 ? 2049 HOH A O     1 
HETATM 570 O  O     . HOH G 4 .  ? -7.710  -7.282  -4.295  1.00 23.41 ? 2050 HOH A O     1 
HETATM 571 O  O     . HOH G 4 .  ? -15.095 -1.658  4.275   1.00 31.28 ? 2051 HOH A O     1 
HETATM 572 O  O     A HOH G 4 .  ? -6.676  -11.640 1.890   0.50 21.52 ? 2052 HOH A O     1 
HETATM 573 O  O     B HOH G 4 .  ? -5.298  -11.683 3.276   0.50 19.90 ? 2052 HOH A O     1 
HETATM 574 O  O     . HOH G 4 .  ? -5.477  -7.012  3.183   1.00 37.26 ? 2053 HOH A O     1 
HETATM 575 O  O     . HOH G 4 .  ? -9.114  -5.581  4.514   1.00 48.18 ? 2054 HOH A O     1 
HETATM 576 O  O     . HOH G 4 .  ? -5.082  -8.785  -4.998  1.00 27.60 ? 2055 HOH A O     1 
HETATM 577 O  O     . HOH G 4 .  ? -3.678  -11.651 -4.432  1.00 23.53 ? 2056 HOH A O     1 
HETATM 578 O  O     . HOH G 4 .  ? -6.602  -2.112  1.839   1.00 27.14 ? 2057 HOH A O     1 
HETATM 579 O  O     . HOH G 4 .  ? -6.822  0.114   1.309   1.00 33.30 ? 2058 HOH A O     1 
HETATM 580 O  O     . HOH G 4 .  ? -3.365  -6.785  -4.875  1.00 17.01 ? 2059 HOH A O     1 
HETATM 581 O  O     . HOH G 4 .  ? -0.048  -12.412 0.732   1.00 11.55 ? 2060 HOH A O     1 
HETATM 582 O  O     . HOH G 4 .  ? 0.490   -12.198 -2.206  1.00 11.67 ? 2061 HOH A O     1 
HETATM 583 O  O     . HOH G 4 .  ? -2.937  -14.532 -1.903  1.00 18.77 ? 2062 HOH A O     1 
HETATM 584 O  O     . HOH G 4 .  ? -1.027  -8.598  1.585   1.00 16.26 ? 2063 HOH A O     1 
HETATM 585 O  O     . HOH G 4 .  ? -3.742  -11.801 2.197   1.00 26.93 ? 2064 HOH A O     1 
HETATM 586 O  O     A HOH G 4 .  ? 2.500   -8.905  -6.627  0.50 18.37 ? 2065 HOH A O     1 
HETATM 587 O  O     B HOH G 4 .  ? 1.664   -9.249  -6.111  0.50 25.61 ? 2065 HOH A O     1 
HETATM 588 O  O     . HOH G 4 .  ? -3.344  -4.983  3.210   1.00 26.46 ? 2066 HOH A O     1 
HETATM 589 O  O     . HOH G 4 .  ? -4.210  -2.370  3.716   1.00 26.09 ? 2067 HOH A O     1 
HETATM 590 O  O     . HOH G 4 .  ? 6.495   -3.451  -6.925  1.00 32.15 ? 2068 HOH A O     1 
HETATM 591 O  O     A HOH G 4 .  ? 6.128   -7.617  -5.703  0.50 18.93 ? 2069 HOH A O     1 
HETATM 592 O  O     B HOH G 4 .  ? 5.778   -8.885  -6.083  0.50 18.01 ? 2069 HOH A O     1 
HETATM 593 O  O     . HOH G 4 .  ? 3.787   -11.632 -4.145  1.00 13.22 ? 2071 HOH A O     1 
HETATM 594 O  O     . HOH G 4 .  ? 4.123   -7.086  0.528   1.00 15.01 ? 2072 HOH A O     1 
HETATM 595 O  O     . HOH G 4 .  ? 2.104   -10.764 -0.224  1.00 11.34 ? 2073 HOH A O     1 
HETATM 596 O  O     . HOH G 4 .  ? -0.787  -3.967  4.827   1.00 26.44 ? 2074 HOH A O     1 
HETATM 597 O  O     . HOH G 4 .  ? 10.413  -1.225  -5.205  1.00 34.78 ? 2075 HOH A O     1 
HETATM 598 O  O     . HOH G 4 .  ? 8.388   -4.582  0.165   1.00 21.25 ? 2076 HOH A O     1 
HETATM 599 O  O     . HOH G 4 .  ? 9.614   3.691   -5.131  1.00 45.81 ? 2077 HOH A O     1 
HETATM 600 O  O     A HOH G 4 .  ? 3.397   -3.869  5.312   0.50 16.41 ? 2078 HOH A O     1 
HETATM 601 O  O     B HOH G 4 .  ? 3.981   -4.705  6.980   0.50 18.32 ? 2078 HOH A O     1 
HETATM 602 O  O     . HOH G 4 .  ? 10.168  -4.712  -5.840  1.00 35.20 ? 2079 HOH A O     1 
HETATM 603 O  O     . HOH G 4 .  ? 10.797  6.640   -3.272  1.00 41.06 ? 2080 HOH A O     1 
HETATM 604 O  O     . HOH G 4 .  ? 11.231  0.721   1.253   1.00 32.07 ? 2081 HOH A O     1 
HETATM 605 O  O     . HOH G 4 .  ? 8.841   9.861   -1.301  1.00 43.34 ? 2082 HOH A O     1 
HETATM 606 O  O     . HOH G 4 .  ? 7.662   10.025  0.609   1.00 32.04 ? 2083 HOH A O     1 
HETATM 607 O  O     . HOH G 4 .  ? 4.233   6.099   3.612   0.50 25.09 ? 2084 HOH A O     1 
HETATM 608 O  O     . HOH G 4 .  ? 6.305   6.918   5.088   1.00 33.50 ? 2085 HOH A O     1 
HETATM 609 O  O     . HOH G 4 .  ? 8.959   -2.457  4.175   1.00 21.06 ? 2086 HOH A O     1 
HETATM 610 O  O     . HOH G 4 .  ? 11.626  11.645  1.297   1.00 43.69 ? 2087 HOH A O     1 
HETATM 611 O  O     . HOH G 4 .  ? 13.195  5.693   2.855   1.00 32.32 ? 2088 HOH A O     1 
HETATM 612 O  O     . HOH G 4 .  ? 13.056  5.496   -0.192  1.00 42.38 ? 2089 HOH A O     1 
HETATM 613 O  O     . HOH G 4 .  ? 6.567   7.136   7.840   1.00 24.76 ? 2090 HOH A O     1 
HETATM 614 O  O     . HOH G 4 .  ? 13.529  10.329  8.824   1.00 37.29 ? 2091 HOH A O     1 
HETATM 615 O  O     . HOH G 4 .  ? 12.301  2.357   3.337   1.00 36.33 ? 2092 HOH A O     1 
HETATM 616 O  O     . HOH G 4 .  ? 14.044  2.299   6.030   1.00 37.47 ? 2093 HOH A O     1 
HETATM 617 O  O     . HOH G 4 .  ? 11.196  -0.361  5.701   1.00 39.68 ? 2094 HOH A O     1 
HETATM 618 O  O     . HOH G 4 .  ? 7.728   12.446  4.700   1.00 43.22 ? 2095 HOH A O     1 
HETATM 619 O  O     . HOH G 4 .  ? 11.701  12.202  4.197   1.00 42.71 ? 2096 HOH A O     1 
HETATM 620 O  O     . HOH G 4 .  ? 10.974  12.796  10.591  1.00 44.90 ? 2097 HOH A O     1 
HETATM 621 O  O     . HOH G 4 .  ? 2.566   11.858  14.512  1.00 40.84 ? 2100 HOH A O     1 
HETATM 622 O  O     . HOH G 4 .  ? 4.465   14.587  14.346  1.00 33.48 ? 2101 HOH A O     1 
HETATM 623 O  O     . HOH G 4 .  ? 13.621  10.366  11.936  1.00 27.23 ? 2102 HOH A O     1 
HETATM 624 O  O     . HOH G 4 .  ? 5.013   11.868  17.121  0.50 26.49 ? 2103 HOH A O     1 
HETATM 625 O  O     . HOH H 4 .  ? -0.231  -11.810 -8.721  1.00 48.28 ? 2001 HOH B O     1 
HETATM 626 O  O     . HOH H 4 .  ? 18.557  1.083   8.558   1.00 25.63 ? 2002 HOH B O     1 
HETATM 627 O  O     . HOH H 4 .  ? 15.245  -0.243  8.477   1.00 46.56 ? 2003 HOH B O     1 
HETATM 628 O  O     . HOH H 4 .  ? 16.484  -5.533  10.042  1.00 48.65 ? 2004 HOH B O     1 
HETATM 629 O  O     . HOH H 4 .  ? 9.629   -7.715  15.422  1.00 38.35 ? 2005 HOH B O     1 
HETATM 630 O  O     . HOH H 4 .  ? -1.093  0.836   16.856  1.00 36.43 ? 2006 HOH B O     1 
HETATM 631 O  O     . HOH H 4 .  ? 3.043   9.995   8.184   1.00 39.16 ? 2007 HOH B O     1 
HETATM 632 O  O     . HOH H 4 .  ? -3.277  7.455   -4.400  1.00 33.81 ? 2008 HOH B O     1 
HETATM 633 O  O     . HOH H 4 .  ? -5.819  6.115   -1.939  1.00 38.02 ? 2009 HOH B O     1 
HETATM 634 O  O     . HOH H 4 .  ? -5.955  7.183   -3.728  1.00 44.24 ? 2010 HOH B O     1 
HETATM 635 O  O     . HOH H 4 .  ? 5.503   4.175   -8.268  1.00 44.97 ? 2011 HOH B O     1 
HETATM 636 O  O     . HOH H 4 .  ? -4.617  -10.061 -9.695  1.00 38.11 ? 2012 HOH B O     1 
HETATM 637 O  O     . HOH H 4 .  ? -8.667  -3.244  -16.202 1.00 38.51 ? 2013 HOH B O     1 
HETATM 638 O  O     . HOH H 4 .  ? -8.113  -3.998  -18.323 1.00 39.71 ? 2014 HOH B O     1 
HETATM 639 O  O     . HOH H 4 .  ? 19.846  -1.082  12.967  1.00 33.00 ? 2016 HOH B O     1 
HETATM 640 O  O     . HOH H 4 .  ? 20.465  -2.473  10.970  1.00 43.66 ? 2017 HOH B O     1 
HETATM 641 O  O     A HOH H 4 .  ? 17.308  -1.274  9.204   0.50 22.50 ? 2018 HOH B O     1 
HETATM 642 O  O     B HOH H 4 .  ? 18.162  -1.484  10.126  0.50 24.44 ? 2018 HOH B O     1 
HETATM 643 O  O     . HOH H 4 .  ? 17.841  -0.272  14.620  1.00 25.09 ? 2019 HOH B O     1 
HETATM 644 O  O     A HOH H 4 .  ? 16.103  6.179   8.978   0.34 26.72 ? 2020 HOH B O     1 
HETATM 645 O  O     B HOH H 4 .  ? 13.625  6.641   7.491   0.33 25.71 ? 2020 HOH B O     1 
HETATM 646 O  O     C HOH H 4 .  ? 15.569  4.357   8.207   0.33 25.55 ? 2020 HOH B O     1 
HETATM 647 O  O     . HOH H 4 .  ? 20.150  -4.094  14.399  1.00 35.21 ? 2021 HOH B O     1 
HETATM 648 O  O     . HOH H 4 .  ? 14.038  -6.253  15.725  1.00 29.13 ? 2022 HOH B O     1 
HETATM 649 O  O     . HOH H 4 .  ? 15.654  -7.332  11.850  1.00 46.54 ? 2023 HOH B O     1 
HETATM 650 O  O     . HOH H 4 .  ? 12.500  -8.503  13.497  1.00 36.62 ? 2024 HOH B O     1 
HETATM 651 O  O     . HOH H 4 .  ? 12.457  -7.931  9.921   1.00 32.68 ? 2025 HOH B O     1 
HETATM 652 O  O     . HOH H 4 .  ? 13.746  -4.021  8.698   1.00 33.30 ? 2026 HOH B O     1 
HETATM 653 O  O     . HOH H 4 .  ? 9.669   -5.584  9.715   1.00 34.76 ? 2027 HOH B O     1 
HETATM 654 O  O     . HOH H 4 .  ? 12.244  -1.474  8.171   1.00 23.84 ? 2028 HOH B O     1 
HETATM 655 O  O     . HOH H 4 .  ? 13.953  1.615   8.701   1.00 41.47 ? 2029 HOH B O     1 
HETATM 656 O  O     . HOH H 4 .  ? 7.150   -7.903  15.817  1.00 29.49 ? 2030 HOH B O     1 
HETATM 657 O  O     . HOH H 4 .  ? 3.069   -6.067  15.605  1.00 29.31 ? 2031 HOH B O     1 
HETATM 658 O  O     . HOH H 4 .  ? 7.946   -6.762  11.465  1.00 34.36 ? 2032 HOH B O     1 
HETATM 659 O  O     . HOH H 4 .  ? 4.714   -4.715  10.648  0.50 20.99 ? 2033 HOH B O     1 
HETATM 660 O  O     A HOH H 4 .  ? 9.326   -3.864  7.596   0.34 22.27 ? 2034 HOH B O     1 
HETATM 661 O  O     B HOH H 4 .  ? 7.926   -4.066  7.507   0.33 24.34 ? 2034 HOH B O     1 
HETATM 662 O  O     C HOH H 4 .  ? 7.579   -3.992  5.826   0.33 26.43 ? 2034 HOH B O     1 
HETATM 663 O  O     . HOH H 4 .  ? -2.315  -1.662  14.601  1.00 34.92 ? 2036 HOH B O     1 
HETATM 664 O  O     . HOH H 4 .  ? 0.750   -4.856  14.994  1.00 50.01 ? 2037 HOH B O     1 
HETATM 665 O  O     . HOH H 4 .  ? 2.754   -3.220  10.008  1.00 29.18 ? 2038 HOH B O     1 
HETATM 666 O  O     . HOH H 4 .  ? 2.041   -4.931  12.448  1.00 33.36 ? 2039 HOH B O     1 
HETATM 667 O  O     . HOH H 4 .  ? 5.354   -3.139  6.941   1.00 26.36 ? 2040 HOH B O     1 
HETATM 668 O  O     . HOH H 4 .  ? 2.973   6.750   5.317   1.00 25.58 ? 2041 HOH B O     1 
HETATM 669 O  O     . HOH H 4 .  ? 3.950   7.310   7.704   1.00 31.65 ? 2042 HOH B O     1 
HETATM 670 O  O     . HOH H 4 .  ? 0.743   -3.952  10.939  0.50 16.18 ? 2043 HOH B O     1 
HETATM 671 O  O     . HOH H 4 .  ? -4.499  3.258   7.234   1.00 41.20 ? 2044 HOH B O     1 
HETATM 672 O  O     . HOH H 4 .  ? -1.551  -0.280  7.022   1.00 39.00 ? 2045 HOH B O     1 
HETATM 673 O  O     . HOH H 4 .  ? 0.005   -2.240  6.908   1.00 34.58 ? 2046 HOH B O     1 
HETATM 674 O  O     . HOH H 4 .  ? 0.950   11.125  6.418   1.00 42.35 ? 2047 HOH B O     1 
HETATM 675 O  O     . HOH H 4 .  ? -3.837  6.632   3.903   1.00 34.46 ? 2048 HOH B O     1 
HETATM 676 O  O     . HOH H 4 .  ? -4.384  6.936   7.238   1.00 41.43 ? 2049 HOH B O     1 
HETATM 677 O  O     . HOH H 4 .  ? -0.052  12.123  1.600   1.00 42.23 ? 2050 HOH B O     1 
HETATM 678 O  O     . HOH H 4 .  ? -3.124  -0.208  5.109   1.00 35.90 ? 2051 HOH B O     1 
HETATM 679 O  O     . HOH H 4 .  ? -2.986  12.033  7.449   1.00 37.11 ? 2052 HOH B O     1 
HETATM 680 O  O     . HOH H 4 .  ? 1.921   10.120  -3.804  1.00 32.55 ? 2053 HOH B O     1 
HETATM 681 O  O     . HOH H 4 .  ? -2.890  7.181   -1.850  1.00 25.88 ? 2054 HOH B O     1 
HETATM 682 O  O     . HOH H 4 .  ? 4.926   7.001   -5.439  1.00 32.20 ? 2055 HOH B O     1 
HETATM 683 O  O     . HOH H 4 .  ? -5.086  1.826   2.476   1.00 28.05 ? 2056 HOH B O     1 
HETATM 684 O  O     . HOH H 4 .  ? 0.506   12.931  -2.207  1.00 37.68 ? 2057 HOH B O     1 
HETATM 685 O  O     . HOH H 4 .  ? 3.133   5.494   -9.458  1.00 42.96 ? 2058 HOH B O     1 
HETATM 686 O  O     . HOH H 4 .  ? -0.350  9.516   -5.473  1.00 28.13 ? 2059 HOH B O     1 
HETATM 687 O  O     . HOH H 4 .  ? -1.998  5.552   -6.578  1.00 20.14 ? 2060 HOH B O     1 
HETATM 688 O  O     . HOH H 4 .  ? -0.755  7.971   -8.832  1.00 23.71 ? 2061 HOH B O     1 
HETATM 689 O  O     A HOH H 4 .  ? 4.527   -1.966  -10.163 0.50 26.57 ? 2062 HOH B O     1 
HETATM 690 O  O     B HOH H 4 .  ? 4.328   -1.109  -11.969 0.50 15.53 ? 2062 HOH B O     1 
HETATM 691 O  O     . HOH H 4 .  ? 5.999   0.121   -11.287 1.00 41.67 ? 2064 HOH B O     1 
HETATM 692 O  O     . HOH H 4 .  ? 3.084   -2.115  -12.402 0.50 15.69 ? 2065 HOH B O     1 
HETATM 693 O  O     . HOH H 4 .  ? 2.410   1.273   -13.981 1.00 33.57 ? 2066 HOH B O     1 
HETATM 694 O  O     . HOH H 4 .  ? -0.492  0.851   -13.093 1.00 32.65 ? 2067 HOH B O     1 
HETATM 695 O  O     . HOH H 4 .  ? -2.651  2.307   -10.324 1.00 19.63 ? 2068 HOH B O     1 
HETATM 696 O  O     A HOH H 4 .  ? 1.851   -6.711  -10.542 0.50 18.14 ? 2069 HOH B O     1 
HETATM 697 O  O     B HOH H 4 .  ? 0.771   -7.425  -10.234 0.50 21.41 ? 2069 HOH B O     1 
HETATM 698 O  O     . HOH H 4 .  ? -3.732  -5.981  -7.599  1.00 24.28 ? 2071 HOH B O     1 
HETATM 699 O  O     . HOH H 4 .  ? -5.597  3.581   -6.883  1.00 13.63 ? 2072 HOH B O     1 
HETATM 700 O  O     . HOH H 4 .  ? 0.273   -9.032  -12.001 1.00 29.87 ? 2073 HOH B O     1 
HETATM 701 O  O     . HOH H 4 .  ? 0.673   -7.919  -14.601 1.00 31.10 ? 2074 HOH B O     1 
HETATM 702 O  O     . HOH H 4 .  ? 0.740   -1.669  -13.745 1.00 17.65 ? 2075 HOH B O     1 
HETATM 703 O  O     . HOH H 4 .  ? -3.252  -2.349  -13.591 1.00 17.16 ? 2076 HOH B O     1 
HETATM 704 O  O     . HOH H 4 .  ? -7.446  -6.776  -8.710  1.00 19.13 ? 2077 HOH B O     1 
HETATM 705 O  O     . HOH H 4 .  ? -4.992  1.242   -11.417 1.00 14.14 ? 2078 HOH B O     1 
HETATM 706 O  O     . HOH H 4 .  ? -7.065  2.683   -9.004  1.00 12.25 ? 2079 HOH B O     1 
HETATM 707 O  O     . HOH H 4 .  ? -2.805  -9.732  -12.757 1.00 30.74 ? 2080 HOH B O     1 
HETATM 708 O  O     . HOH H 4 .  ? -5.729  -12.214 -12.408 1.00 45.67 ? 2081 HOH B O     1 
HETATM 709 O  O     . HOH H 4 .  ? -5.228  -5.105  -16.016 1.00 43.02 ? 2082 HOH B O     1 
HETATM 710 O  O     . HOH H 4 .  ? -8.790  -5.815  -15.740 1.00 29.93 ? 2083 HOH B O     1 
HETATM 711 O  O     . HOH H 4 .  ? -9.283  -10.294 -15.849 1.00 35.64 ? 2084 HOH B O     1 
HETATM 712 O  O     . HOH H 4 .  ? -7.604  -1.803  -14.371 1.00 17.99 ? 2085 HOH B O     1 
HETATM 713 O  O     . HOH H 4 .  ? -4.535  -10.290 -16.011 1.00 27.44 ? 2086 HOH B O     1 
HETATM 714 O  O     . HOH H 4 .  ? -6.522  -8.490  -17.210 1.00 36.57 ? 2087 HOH B O     1 
HETATM 715 O  O     . HOH H 4 .  ? -13.869 -13.884 -13.752 1.00 38.88 ? 2088 HOH B O     1 
HETATM 716 O  O     . HOH H 4 .  ? -12.453 -8.640  -15.442 1.00 38.40 ? 2089 HOH B O     1 
HETATM 717 O  O     . HOH H 4 .  ? -11.474 -5.818  -15.437 1.00 25.81 ? 2090 HOH B O     1 
HETATM 718 O  O     . HOH H 4 .  ? -11.275 -2.628  -15.842 1.00 33.72 ? 2091 HOH B O     1 
HETATM 719 O  O     . HOH H 4 .  ? 4.607   -6.922  -7.940  1.00 31.38 ? 2092 HOH B O     1 
HETATM 720 O  O     . HOH H 4 .  ? -0.073  -10.319 -6.540  1.00 37.52 ? 2093 HOH B O     1 
HETATM 721 O  O     . HOH H 4 .  ? -1.994  -9.693  -9.991  1.00 44.39 ? 2094 HOH B O     1 
HETATM 722 O  O     . HOH H 4 .  ? 5.998   1.848   -6.606  1.00 29.76 ? 2095 HOH B O     1 
HETATM 723 O  O     . HOH H 4 .  ? 4.696   7.552   -2.321  1.00 33.36 ? 2096 HOH B O     1 
HETATM 724 O  O     . HOH H 4 .  ? 0.458   11.751  -7.080  0.50 23.16 ? 2097 HOH B O     1 
HETATM 725 O  O     . HOH H 4 .  ? -0.288  12.446  -4.309  1.00 36.76 ? 2098 HOH B O     1 
# 
loop_
_atom_site_anisotrop.id 
_atom_site_anisotrop.type_symbol 
_atom_site_anisotrop.pdbx_label_atom_id 
_atom_site_anisotrop.pdbx_label_alt_id 
_atom_site_anisotrop.pdbx_label_comp_id 
_atom_site_anisotrop.pdbx_label_asym_id 
_atom_site_anisotrop.pdbx_label_seq_id 
_atom_site_anisotrop.pdbx_PDB_ins_code 
_atom_site_anisotrop.U[1][1] 
_atom_site_anisotrop.U[2][2] 
_atom_site_anisotrop.U[3][3] 
_atom_site_anisotrop.U[1][2] 
_atom_site_anisotrop.U[1][3] 
_atom_site_anisotrop.U[2][3] 
_atom_site_anisotrop.pdbx_auth_seq_id 
_atom_site_anisotrop.pdbx_auth_comp_id 
_atom_site_anisotrop.pdbx_auth_asym_id 
_atom_site_anisotrop.pdbx_auth_atom_id 
1   O "O5'" . DC A 1  ? 0.2923 0.2137 0.2248 0.0205  -0.0033 0.0348  1  DC A "O5'" 
2   C "C5'" . DC A 1  ? 0.2062 0.2097 0.2101 0.0090  -0.0023 0.0366  1  DC A "C5'" 
3   C "C4'" . DC A 1  ? 0.1563 0.1860 0.1681 -0.0115 0.0070  -0.0013 1  DC A "C4'" 
4   O "O4'" . DC A 1  ? 0.1683 0.1707 0.1549 -0.0210 -0.0471 -0.0076 1  DC A "O4'" 
5   C "C3'" . DC A 1  ? 0.1883 0.1784 0.1934 -0.0165 -0.0051 0.0227  1  DC A "C3'" 
6   O "O3'" . DC A 1  ? 0.1730 0.1942 0.1952 -0.0154 -0.0081 0.0261  1  DC A "O3'" 
7   C "C2'" . DC A 1  ? 0.1852 0.1702 0.1599 -0.0104 -0.0166 -0.0096 1  DC A "C2'" 
8   C "C1'" . DC A 1  ? 0.1686 0.1425 0.1796 -0.0191 -0.0330 0.0108  1  DC A "C1'" 
9   N N1    . DC A 1  ? 0.1479 0.1418 0.1777 -0.0068 -0.0348 0.0143  1  DC A N1    
10  C C2    . DC A 1  ? 0.1381 0.1339 0.1792 -0.0166 -0.0084 -0.0010 1  DC A C2    
11  O O2    . DC A 1  ? 0.1789 0.1618 0.2796 -0.0337 0.0332  -0.0132 1  DC A O2    
12  N N3    . DC A 1  ? 0.1415 0.1706 0.1889 -0.0268 -0.0011 -0.0113 1  DC A N3    
13  C C4    . DC A 1  ? 0.1523 0.1859 0.1458 -0.0400 -0.0057 0.0011  1  DC A C4    
14  N N4    . DC A 1  ? 0.1907 0.1875 0.1269 -0.0364 -0.0224 0.0027  1  DC A N4    
15  C C5    . DC A 1  ? 0.1282 0.1779 0.1692 -0.0222 -0.0296 0.0094  1  DC A C5    
16  C C6    . DC A 1  ? 0.1389 0.1627 0.2040 -0.0272 -0.0265 0.0188  1  DC A C6    
17  P P     . DG A 2  ? 0.2379 0.2235 0.1984 0.0145  0.0046  -0.0023 2  DG A P     
18  O OP1   . DG A 2  ? 0.2704 0.2695 0.2269 -0.0008 -0.0229 -0.0058 2  DG A OP1   
19  O OP2   . DG A 2  ? 0.2325 0.2352 0.2139 0.0102  -0.0090 -0.0177 2  DG A OP2   
20  O "O5'" . DG A 2  ? 0.1950 0.2081 0.1837 -0.0089 0.0154  0.0257  2  DG A "O5'" 
21  C "C5'" . DG A 2  ? 0.1771 0.2510 0.1683 -0.0027 0.0074  0.0155  2  DG A "C5'" 
22  C "C4'" . DG A 2  ? 0.1430 0.2132 0.1351 -0.0006 0.0108  0.0031  2  DG A "C4'" 
23  O "O4'" . DG A 2  ? 0.1283 0.2436 0.1292 -0.0216 0.0113  -0.0379 2  DG A "O4'" 
24  C "C3'" . DG A 2  ? 0.1918 0.1663 0.1428 0.0115  0.0101  -0.0086 2  DG A "C3'" 
25  O "O3'" . DG A 2  ? 0.1753 0.1991 0.1809 -0.0225 0.0368  0.0002  2  DG A "O3'" 
26  C "C2'" . DG A 2  ? 0.1630 0.1711 0.1065 -0.0153 0.0089  -0.0100 2  DG A "C2'" 
27  C "C1'" . DG A 2  ? 0.1292 0.1599 0.1096 -0.0039 0.0003  -0.0050 2  DG A "C1'" 
28  N N9    . DG A 2  ? 0.1258 0.1477 0.1074 -0.0021 0.0083  -0.0137 2  DG A N9    
29  C C8    . DG A 2  ? 0.1571 0.1411 0.1182 -0.0124 0.0088  -0.0009 2  DG A C8    
30  N N7    . DG A 2  ? 0.1149 0.1452 0.1059 -0.0278 -0.0051 0.0135  2  DG A N7    
31  C C5    . DG A 2  ? 0.1175 0.1176 0.0797 -0.0113 0.0103  -0.0115 2  DG A C5    
32  C C6    . DG A 2  ? 0.1010 0.1378 0.1060 -0.0094 -0.0129 -0.0127 2  DG A C6    
33  O O6    . DG A 2  ? 0.1063 0.1466 0.1319 0.0091  0.0008  -0.0028 2  DG A O6    
34  N N1    . DG A 2  ? 0.0857 0.1409 0.1117 -0.0011 0.0070  -0.0124 2  DG A N1    
35  C C2    . DG A 2  ? 0.1015 0.1353 0.1179 0.0039  -0.0087 -0.0124 2  DG A C2    
36  N N2    . DG A 2  ? 0.1129 0.1343 0.1238 -0.0147 0.0078  0.0111  2  DG A N2    
37  N N3    . DG A 2  ? 0.1161 0.1479 0.1045 -0.0148 -0.0075 0.0131  2  DG A N3    
38  C C4    . DG A 2  ? 0.1139 0.1290 0.1089 -0.0185 -0.0011 -0.0091 2  DG A C4    
39  P P     . DC A 3  ? 0.2560 0.1898 0.1336 -0.0033 0.0353  -0.0164 3  DC A P     
40  O OP1   . DC A 3  ? 0.2785 0.2054 0.1881 0.0342  0.0786  -0.0045 3  DC A OP1   
41  O OP2   . DC A 3  ? 0.2921 0.2195 0.1475 -0.0244 0.0218  -0.0231 3  DC A OP2   
42  O "O5'" . DC A 3  ? 0.1972 0.2178 0.1317 -0.0207 0.0027  -0.0196 3  DC A "O5'" 
43  C "C5'" . DC A 3  ? 0.1613 0.1979 0.1572 0.0061  0.0118  0.0026  3  DC A "C5'" 
44  C "C4'" . DC A 3  ? 0.1226 0.2166 0.1540 -0.0001 0.0092  0.0104  3  DC A "C4'" 
45  O "O4'" . DC A 3  ? 0.1412 0.2188 0.1128 0.0044  0.0079  0.0009  3  DC A "O4'" 
46  C "C3'" . DC A 3  ? 0.1418 0.2299 0.1364 0.0143  -0.0121 0.0178  3  DC A "C3'" 
47  O "O3'" . DC A 3  ? 0.1464 0.2707 0.1379 0.0256  0.0066  0.0315  3  DC A "O3'" 
48  C "C2'" . DC A 3  ? 0.1967 0.2475 0.2018 0.0434  0.0220  0.0392  3  DC A "C2'" 
49  C "C1'" . DC A 3  ? 0.1219 0.1696 0.1811 0.0144  0.0314  -0.0032 3  DC A "C1'" 
50  N N1    . DC A 3  ? 0.1208 0.1765 0.1200 -0.0036 0.0030  -0.0210 3  DC A N1    
51  C C2    . DC A 3  ? 0.1256 0.1487 0.1182 -0.0079 -0.0056 -0.0281 3  DC A C2    
52  O O2    . DC A 3  ? 0.1233 0.1552 0.1218 -0.0074 -0.0011 -0.0177 3  DC A O2    
53  N N3    . DC A 3  ? 0.1049 0.1594 0.1088 -0.0119 0.0048  -0.0177 3  DC A N3    
54  C C4    . DC A 3  ? 0.0891 0.1564 0.1152 -0.0068 -0.0009 -0.0183 3  DC A C4    
55  N N4    . DC A 3  ? 0.1330 0.1523 0.1328 -0.0062 -0.0140 -0.0110 3  DC A N4    
56  C C5    . DC A 3  ? 0.1442 0.1759 0.1291 -0.0048 0.0024  -0.0371 3  DC A C5    
57  C C6    . DC A 3  ? 0.1250 0.1959 0.1179 0.0060  0.0243  -0.0416 3  DC A C6    
58  P P     . DG A 4  ? 0.2036 0.3462 0.1219 0.0541  0.0395  0.0358  4  DG A P     
59  O OP1   . DG A 4  ? 0.2149 0.3903 0.1732 0.0666  0.0617  0.0387  4  DG A OP1   
60  O OP2   . DG A 4  ? 0.3033 0.3098 0.1031 0.0497  0.0023  0.0078  4  DG A OP2   
61  O "O5'" . DG A 4  ? 0.1507 0.2880 0.1563 0.0323  0.0163  0.0298  4  DG A "O5'" 
62  C "C5'" . DG A 4  ? 0.2007 0.2481 0.1952 0.0232  0.0184  0.0486  4  DG A "C5'" 
63  C "C4'" . DG A 4  ? 0.1830 0.2396 0.2097 0.0021  0.0264  0.0386  4  DG A "C4'" 
64  O "O4'" . DG A 4  ? 0.1494 0.2757 0.1774 0.0060  0.0184  0.0514  4  DG A "O4'" 
65  C "C3'" . DG A 4  ? 0.2152 0.2705 0.2309 0.0351  0.0343  0.0600  4  DG A "C3'" 
66  O "O3'" . DG A 4  ? 0.2414 0.3166 0.2889 0.0562  0.0660  0.0731  4  DG A "O3'" 
67  C "C2'" . DG A 4  ? 0.1695 0.2855 0.1922 0.0230  -0.0128 0.0553  4  DG A "C2'" 
68  C "C1'" . DG A 4  ? 0.1423 0.2523 0.1882 0.0279  -0.0075 0.0156  4  DG A "C1'" 
69  N N9    . DG A 4  ? 0.1248 0.2514 0.1640 -0.0038 -0.0218 0.0224  4  DG A N9    
70  C C8    . DG A 4  ? 0.1552 0.2703 0.1468 -0.0158 -0.0244 -0.0038 4  DG A C8    
71  N N7    . DG A 4  ? 0.1365 0.2751 0.1600 -0.0177 -0.0062 -0.0168 4  DG A N7    
72  C C5    . DG A 4  ? 0.0973 0.2251 0.1040 -0.0033 -0.0001 -0.0049 4  DG A C5    
73  C C6    . DG A 4  ? 0.1064 0.2040 0.1487 -0.0044 -0.0260 0.0209  4  DG A C6    
74  O O6    . DG A 4  ? 0.1199 0.2110 0.1223 -0.0112 -0.0159 -0.0247 4  DG A O6    
75  N N1    . DG A 4  ? 0.1167 0.2046 0.1351 0.0090  -0.0375 -0.0027 4  DG A N1    
76  C C2    . DG A 4  ? 0.0915 0.1843 0.1454 0.0150  -0.0202 0.0087  4  DG A C2    
77  N N2    . DG A 4  ? 0.1311 0.2005 0.1291 0.0081  -0.0005 0.0100  4  DG A N2    
78  N N3    . DG A 4  ? 0.1178 0.2265 0.1666 0.0055  -0.0134 0.0351  4  DG A N3    
79  C C4    . DG A 4  ? 0.0976 0.2345 0.1703 -0.0143 -0.0216 0.0225  4  DG A C4    
80  P P     . DA A 5  ? 0.3209 0.4102 0.3049 0.1195  0.0683  0.0962  5  DA A P     
81  O OP1   . DA A 5  ? 0.2743 0.3977 0.3492 0.0492  0.1017  0.0501  5  DA A OP1   
82  O OP2   . DA A 5  ? 0.3296 0.4105 0.2572 0.1127  -0.0044 0.0877  5  DA A OP2   
83  O "O5'" . DA A 5  ? 0.2086 0.2905 0.2772 0.0797  0.0369  0.0448  5  DA A "O5'" 
84  C "C5'" . DA A 5  ? 0.1820 0.2049 0.2738 0.0401  0.0090  0.0342  5  DA A "C5'" 
85  C "C4'" . DA A 5  ? 0.1463 0.1439 0.1998 0.0111  -0.0016 0.0113  5  DA A "C4'" 
86  O "O4'" . DA A 5  ? 0.1548 0.1712 0.1926 0.0109  -0.0263 0.0148  5  DA A "O4'" 
87  C "C3'" . DA A 5  ? 0.1498 0.1605 0.1878 0.0094  -0.0002 0.0109  5  DA A "C3'" 
88  O "O3'" . DA A 5  ? 0.1269 0.1760 0.1933 0.0058  -0.0080 -0.0264 5  DA A "O3'" 
89  C "C2'" . DA A 5  ? 0.1424 0.1612 0.1665 0.0317  -0.0080 0.0046  5  DA A "C2'" 
90  C "C1'" . DA A 5  ? 0.1232 0.1710 0.1458 0.0028  -0.0257 -0.0009 5  DA A "C1'" 
91  N N9    . DA A 5  ? 0.1108 0.1644 0.1136 0.0149  -0.0168 0.0088  5  DA A N9    
92  C C8    . DA A 5  ? 0.1382 0.1724 0.1252 0.0085  0.0010  0.0230  5  DA A C8    
93  N N7    . DA A 5  ? 0.1392 0.1695 0.1436 0.0078  -0.0144 -0.0186 5  DA A N7    
94  C C5    . DA A 5  ? 0.0947 0.1619 0.1390 -0.0143 -0.0387 -0.0185 5  DA A C5    
95  C C6    . DA A 5  ? 0.1057 0.1568 0.1276 -0.0081 -0.0493 -0.0218 5  DA A C6    
96  N N6    . DA A 5  ? 0.1373 0.1728 0.1419 0.0027  -0.0420 -0.0260 5  DA A N6    
97  N N1    . DA A 5  ? 0.1466 0.1517 0.1321 0.0132  -0.0386 -0.0122 5  DA A N1    
98  C C2    . DA A 5  ? 0.1395 0.1621 0.1010 0.0045  -0.0146 0.0051  5  DA A C2    
99  N N3    . DA A 5  ? 0.1318 0.1500 0.1352 0.0000  -0.0412 -0.0079 5  DA A N3    
100 C C4    . DA A 5  ? 0.1332 0.1542 0.1032 0.0116  -0.0198 -0.0085 5  DA A C4    
101 P P     . DA A 6  ? 0.1311 0.1524 0.2061 0.0035  -0.0213 -0.0082 6  DA A P     
102 O OP1   . DA A 6  ? 0.1269 0.1654 0.2149 -0.0114 -0.0259 -0.0131 6  DA A OP1   
103 O OP2   . DA A 6  ? 0.1397 0.1562 0.2143 -0.0071 -0.0011 0.0164  6  DA A OP2   
104 O "O5'" . DA A 6  ? 0.1325 0.1380 0.1538 -0.0022 -0.0104 -0.0253 6  DA A "O5'" 
105 C "C5'" . DA A 6  ? 0.1367 0.1473 0.1504 -0.0036 -0.0119 -0.0380 6  DA A "C5'" 
106 C "C4'" . DA A 6  ? 0.1527 0.1631 0.1084 -0.0032 -0.0236 -0.0071 6  DA A "C4'" 
107 O "O4'" . DA A 6  ? 0.1532 0.1354 0.1597 0.0038  -0.0563 -0.0211 6  DA A "O4'" 
108 C "C3'" . DA A 6  ? 0.1286 0.1341 0.1382 0.0013  -0.0056 0.0052  6  DA A "C3'" 
109 O "O3'" . DA A 6  ? 0.1296 0.1436 0.1466 -0.0305 -0.0239 -0.0238 6  DA A "O3'" 
110 C "C2'" . DA A 6  ? 0.0944 0.1653 0.1510 -0.0028 -0.0280 0.0010  6  DA A "C2'" 
111 C "C1'" . DA A 6  ? 0.1623 0.1415 0.1413 -0.0122 -0.0257 -0.0023 6  DA A "C1'" 
112 N N9    . DA A 6  ? 0.1385 0.1306 0.1469 0.0134  -0.0224 -0.0160 6  DA A N9    
113 C C8    . DA A 6  ? 0.1383 0.1537 0.1441 -0.0017 -0.0254 -0.0035 6  DA A C8    
114 N N7    . DA A 6  ? 0.1543 0.1715 0.1419 0.0206  -0.0483 -0.0101 6  DA A N7    
115 C C5    . DA A 6  ? 0.1281 0.1464 0.1406 0.0260  -0.0501 -0.0160 6  DA A C5    
116 C C6    . DA A 6  ? 0.1519 0.1493 0.1226 0.0185  -0.0711 -0.0114 6  DA A C6    
117 N N6    . DA A 6  ? 0.1676 0.1648 0.1299 0.0227  -0.0631 -0.0386 6  DA A N6    
118 N N1    . DA A 6  ? 0.1598 0.1474 0.1217 0.0193  -0.0732 -0.0149 6  DA A N1    
119 C C2    . DA A 6  ? 0.1488 0.1302 0.1303 -0.0059 -0.0392 0.0031  6  DA A C2    
120 N N3    . DA A 6  ? 0.1532 0.1405 0.1292 -0.0016 -0.0365 -0.0190 6  DA A N3    
121 C C4    . DA A 6  ? 0.1443 0.1315 0.1361 0.0072  -0.0341 -0.0076 6  DA A C4    
122 P P     . DT A 7  ? 0.1362 0.1382 0.1700 -0.0045 -0.0065 -0.0219 7  DT A P     
123 O OP1   . DT A 7  ? 0.1383 0.1427 0.2073 -0.0113 -0.0196 -0.0015 7  DT A OP1   
124 O OP2   . DT A 7  ? 0.1408 0.1408 0.1710 -0.0146 -0.0214 0.0160  7  DT A OP2   
125 O "O5'" . DT A 7  ? 0.1216 0.1231 0.1648 -0.0252 -0.0183 0.0027  7  DT A "O5'" 
126 C "C5'" . DT A 7  ? 0.1431 0.1404 0.1470 -0.0160 -0.0178 -0.0308 7  DT A "C5'" 
127 C "C4'" . DT A 7  ? 0.1514 0.1342 0.1764 -0.0009 -0.0342 -0.0076 7  DT A "C4'" 
128 O "O4'" . DT A 7  ? 0.1515 0.1480 0.1644 -0.0008 -0.0424 -0.0151 7  DT A "O4'" 
129 C "C3'" . DT A 7  ? 0.1302 0.1681 0.1776 -0.0169 -0.0347 -0.0012 7  DT A "C3'" 
130 O "O3'" . DT A 7  ? 0.1666 0.1702 0.1780 -0.0270 -0.0328 -0.0008 7  DT A "O3'" 
131 C "C2'" . DT A 7  ? 0.1440 0.1361 0.1718 -0.0278 -0.0216 -0.0051 7  DT A "C2'" 
132 C "C1'" . DT A 7  ? 0.1728 0.1180 0.1658 -0.0163 -0.0372 -0.0100 7  DT A "C1'" 
133 N N1    . DT A 7  ? 0.1646 0.1384 0.1580 -0.0154 -0.0513 -0.0221 7  DT A N1    
134 C C2    . DT A 7  ? 0.1751 0.1268 0.1227 0.0072  -0.0419 -0.0035 7  DT A C2    
135 O O2    . DT A 7  ? 0.1889 0.1264 0.1654 -0.0034 -0.0480 -0.0196 7  DT A O2    
136 N N3    . DT A 7  ? 0.1579 0.1324 0.1348 0.0128  -0.0623 -0.0120 7  DT A N3    
137 C C4    . DT A 7  ? 0.1115 0.1477 0.1448 0.0141  -0.0404 -0.0063 7  DT A C4    
138 O O4    . DT A 7  ? 0.1289 0.1506 0.1619 0.0024  -0.0424 -0.0160 7  DT A O4    
139 C C5    . DT A 7  ? 0.1188 0.1280 0.1582 -0.0083 -0.0646 -0.0024 7  DT A C5    
140 C C7    . DT A 7  ? 0.1809 0.1474 0.1648 -0.0064 -0.0288 0.0040  7  DT A C7    
141 C C6    . DT A 7  ? 0.1365 0.1085 0.1828 -0.0030 -0.0201 0.0128  7  DT A C6    
142 P P     . DT A 8  ? 0.1826 0.1562 0.2086 -0.0193 -0.0187 -0.0050 8  DT A P     
143 O OP1   . DT A 8  ? 0.2450 0.1963 0.2529 -0.0063 0.0047  -0.0119 8  DT A OP1   
144 O OP2   . DT A 8  ? 0.1505 0.1709 0.2419 -0.0055 -0.0167 -0.0109 8  DT A OP2   
145 O "O5'" . DT A 8  ? 0.1640 0.1805 0.1994 -0.0342 -0.0508 -0.0165 8  DT A "O5'" 
146 C "C5'" . DT A 8  ? 0.1909 0.1570 0.1893 -0.0164 -0.0318 -0.0054 8  DT A "C5'" 
147 C "C4'" . DT A 8  ? 0.2134 0.1581 0.2039 -0.0287 -0.0439 -0.0127 8  DT A "C4'" 
148 O "O4'" . DT A 8  ? 0.1858 0.1825 0.2111 0.0046  -0.0373 -0.0233 8  DT A "O4'" 
149 C "C3'" . DT A 8  ? 0.2000 0.1693 0.2128 -0.0312 -0.0296 -0.0201 8  DT A "C3'" 
150 O "O3'" . DT A 8  ? 0.2716 0.1963 0.2687 -0.0487 -0.0257 -0.0223 8  DT A "O3'" 
151 C "C2'" . DT A 8  ? 0.1999 0.1761 0.2201 -0.0383 -0.0243 0.0083  8  DT A "C2'" 
152 C "C1'" . DT A 8  ? 0.2030 0.1749 0.1781 -0.0059 -0.0154 -0.0458 8  DT A "C1'" 
153 N N1    . DT A 8  ? 0.1767 0.1877 0.1962 0.0031  -0.0517 -0.0150 8  DT A N1    
154 C C2    . DT A 8  ? 0.1702 0.1832 0.1898 0.0059  -0.0591 -0.0127 8  DT A C2    
155 O O2    . DT A 8  ? 0.2254 0.1355 0.2007 0.0039  -0.0750 -0.0036 8  DT A O2    
156 N N3    . DT A 8  ? 0.1629 0.1597 0.1822 0.0022  -0.0555 -0.0222 8  DT A N3    
157 C C4    . DT A 8  ? 0.1981 0.2050 0.1768 -0.0104 -0.0738 -0.0063 8  DT A C4    
158 O O4    . DT A 8  ? 0.1704 0.1722 0.1855 0.0095  -0.0854 -0.0099 8  DT A O4    
159 C C5    . DT A 8  ? 0.1724 0.1798 0.1911 -0.0125 -0.0710 -0.0187 8  DT A C5    
160 C C7    . DT A 8  ? 0.2145 0.1728 0.2123 0.0098  -0.0474 -0.0083 8  DT A C7    
161 C C6    . DT A 8  ? 0.1542 0.1789 0.1758 0.0044  -0.0570 -0.0355 8  DT A C6    
162 P P     . DC A 9  ? 0.2343 0.2300 0.3003 -0.0737 -0.0050 -0.0259 9  DC A P     
163 O OP1   . DC A 9  ? 0.3316 0.2605 0.2858 -0.0544 -0.0013 -0.0363 9  DC A OP1   
164 O OP2   . DC A 9  ? 0.2584 0.2389 0.3307 -0.0340 -0.0373 -0.0543 9  DC A OP2   
165 O "O5'" . DC A 9  ? 0.2164 0.1970 0.2281 -0.0410 -0.0277 -0.0285 9  DC A "O5'" 
166 C "C5'" . DC A 9  ? 0.2314 0.2185 0.2260 -0.0240 -0.0050 0.0251  9  DC A "C5'" 
167 C "C4'" . DC A 9  ? 0.2152 0.2339 0.2236 -0.0417 -0.0264 0.0034  9  DC A "C4'" 
168 O "O4'" . DC A 9  ? 0.2252 0.1933 0.2198 -0.0453 -0.0258 0.0166  9  DC A "O4'" 
169 C "C3'" . DC A 9  ? 0.2807 0.1996 0.2717 -0.0293 -0.0475 -0.0102 9  DC A "C3'" 
170 O "O3'" . DC A 9  ? 0.3380 0.1641 0.2609 -0.0401 -0.0614 -0.0015 9  DC A "O3'" 
171 C "C2'" . DC A 9  ? 0.2542 0.2014 0.2826 -0.0518 -0.0294 0.0017  9  DC A "C2'" 
172 C "C1'" . DC A 9  ? 0.2380 0.1838 0.2084 -0.0457 -0.0238 0.0065  9  DC A "C1'" 
173 N N1    . DC A 9  ? 0.2151 0.1599 0.2180 -0.0334 -0.0322 -0.0317 9  DC A N1    
174 C C2    . DC A 9  ? 0.1720 0.1857 0.1921 -0.0238 -0.0521 -0.0500 9  DC A C2    
175 O O2    . DC A 9  ? 0.2595 0.1871 0.2244 -0.0137 -0.0320 -0.0526 9  DC A O2    
176 N N3    . DC A 9  ? 0.2037 0.1807 0.1961 -0.0446 -0.0321 -0.0549 9  DC A N3    
177 C C4    . DC A 9  ? 0.1738 0.1647 0.1697 -0.0058 -0.0614 -0.0479 9  DC A C4    
178 N N4    . DC A 9  ? 0.2027 0.1738 0.1959 -0.0121 -0.0639 -0.0224 9  DC A N4    
179 C C5    . DC A 9  ? 0.2125 0.1636 0.2225 -0.0057 -0.0328 -0.0255 9  DC A C5    
180 C C6    . DC A 9  ? 0.2228 0.1869 0.1898 0.0007  -0.0116 -0.0258 9  DC A C6    
181 P P     . DG A 10 ? 0.3496 0.2273 0.2730 -0.0640 -0.0753 0.0063  10 DG A P     
182 O OP1   . DG A 10 ? 0.3858 0.2812 0.3116 -0.0300 -0.0458 0.0438  10 DG A OP1   
183 O OP2   . DG A 10 ? 0.3144 0.3135 0.2998 -0.0237 -0.0665 -0.0412 10 DG A OP2   
184 O "O5'" . DG A 10 ? 0.3277 0.2339 0.2369 -0.0428 -0.0453 0.0167  10 DG A "O5'" 
185 C "C5'" . DG A 10 ? 0.3609 0.2291 0.3075 -0.0100 -0.0055 0.0082  10 DG A "C5'" 
186 C "C4'" . DG A 10 ? 0.3129 0.2419 0.2734 0.0010  -0.0027 0.0175  10 DG A "C4'" 
187 O "O4'" . DG A 10 ? 0.2915 0.2123 0.2666 0.0147  -0.0070 0.0274  10 DG A "O4'" 
188 C "C3'" . DG A 10 ? 0.3218 0.2695 0.2777 0.0018  0.0094  -0.0057 10 DG A "C3'" 
189 O "O3'" . DG A 10 ? 0.3744 0.2488 0.2639 -0.0140 0.0122  -0.0063 10 DG A "O3'" 
190 C "C2'" . DG A 10 ? 0.2928 0.2234 0.2598 -0.0306 0.0020  0.0154  10 DG A "C2'" 
191 C "C1'" . DG A 10 ? 0.2677 0.2407 0.2319 -0.0039 0.0074  -0.0009 10 DG A "C1'" 
192 N N9    . DG A 10 ? 0.2590 0.2165 0.2265 -0.0444 -0.0050 0.0042  10 DG A N9    
193 C C8    . DG A 10 ? 0.2604 0.2288 0.2201 -0.0087 0.0049  0.0160  10 DG A C8    
194 N N7    . DG A 10 ? 0.2543 0.2388 0.2045 -0.0265 -0.0198 0.0135  10 DG A N7    
195 C C5    . DG A 10 ? 0.1957 0.2007 0.2007 -0.0140 -0.0271 -0.0031 10 DG A C5    
196 C C6    . DG A 10 ? 0.1742 0.1836 0.1861 -0.0286 -0.0578 -0.0093 10 DG A C6    
197 O O6    . DG A 10 ? 0.2620 0.1844 0.2133 -0.0273 -0.0527 -0.0081 10 DG A O6    
198 N N1    . DG A 10 ? 0.1959 0.1831 0.1788 -0.0061 -0.0501 -0.0018 10 DG A N1    
199 C C2    . DG A 10 ? 0.1536 0.1906 0.2005 -0.0264 -0.0446 -0.0062 10 DG A C2    
200 N N2    . DG A 10 ? 0.1807 0.2284 0.1957 -0.0065 -0.0185 0.0261  10 DG A N2    
201 N N3    . DG A 10 ? 0.2109 0.2168 0.1931 -0.0306 -0.0099 0.0070  10 DG A N3    
202 C C4    . DG A 10 ? 0.1988 0.2074 0.1994 -0.0253 0.0022  0.0125  10 DG A C4    
203 P P     . DC A 11 ? 0.4512 0.2850 0.3069 0.0044  0.0052  0.0156  11 DC A P     
204 O OP1   . DC A 11 ? 0.4863 0.3575 0.3569 0.0077  0.0062  0.0259  11 DC A OP1   
205 O OP2   . DC A 11 ? 0.4175 0.3778 0.3238 0.0052  0.0052  0.0213  11 DC A OP2   
206 O "O5'" . DC A 11 ? 0.4059 0.3162 0.3317 0.0283  -0.0053 0.0167  11 DC A "O5'" 
207 C "C5'" . DC A 11 ? 0.3574 0.2656 0.3371 0.0292  0.0029  -0.0129 11 DC A "C5'" 
208 C "C4'" . DC A 11 ? 0.3607 0.3008 0.2929 0.0227  -0.0154 -0.0009 11 DC A "C4'" 
209 O "O4'" . DC A 11 ? 0.3849 0.2837 0.2460 0.0513  -0.0334 -0.0119 11 DC A "O4'" 
210 C "C3'" . DC A 11 ? 0.3399 0.2966 0.2680 0.0257  -0.0354 0.0030  11 DC A "C3'" 
211 O "O3'" . DC A 11 ? 0.3487 0.3067 0.2914 0.0642  -0.0653 0.0003  11 DC A "O3'" 
212 C "C2'" . DC A 11 ? 0.3724 0.2857 0.2942 0.0238  -0.0165 0.0022  11 DC A "C2'" 
213 C "C1'" . DC A 11 ? 0.3332 0.2933 0.2404 0.0294  -0.0312 0.0100  11 DC A "C1'" 
214 N N1    . DC A 11 ? 0.3422 0.2390 0.2299 0.0133  -0.0054 0.0111  11 DC A N1    
215 C C2    . DC A 11 ? 0.2863 0.2175 0.2183 0.0208  0.0034  0.0447  11 DC A C2    
216 O O2    . DC A 11 ? 0.2779 0.2436 0.2193 0.0487  0.0053  0.0125  11 DC A O2    
217 N N3    . DC A 11 ? 0.2993 0.2008 0.1683 0.0057  -0.0238 0.0115  11 DC A N3    
218 C C4    . DC A 11 ? 0.3040 0.2064 0.2064 0.0156  0.0029  0.0459  11 DC A C4    
219 N N4    . DC A 11 ? 0.2941 0.2267 0.2482 -0.0074 0.0482  0.0328  11 DC A N4    
220 C C5    . DC A 11 ? 0.3243 0.2351 0.2429 -0.0058 0.0033  0.0240  11 DC A C5    
221 C C6    . DC A 11 ? 0.3144 0.2222 0.2385 0.0111  -0.0001 0.0254  11 DC A C6    
222 P P     . DG A 12 ? 0.3085 0.2607 0.3258 0.0418  -0.0451 0.0169  12 DG A P     
223 O OP1   . DG A 12 ? 0.3317 0.3161 0.3782 0.0504  -0.0119 0.0338  12 DG A OP1   
224 O OP2   . DG A 12 ? 0.3924 0.2740 0.2283 -0.0375 -0.0177 0.0510  12 DG A OP2   
225 O "O5'" . DG A 12 ? 0.3019 0.2166 0.2326 0.0290  -0.0219 0.0018  12 DG A "O5'" 
226 C "C5'" . DG A 12 ? 0.2455 0.2040 0.2514 0.0360  0.0117  0.0136  12 DG A "C5'" 
227 C "C4'" . DG A 12 ? 0.2062 0.2072 0.2012 0.0135  0.0056  0.0070  12 DG A "C4'" 
228 O "O4'" . DG A 12 ? 0.1939 0.1902 0.1847 0.0196  -0.0056 -0.0061 12 DG A "O4'" 
229 C "C3'" . DG A 12 ? 0.1998 0.1962 0.2131 -0.0019 0.0343  0.0196  12 DG A "C3'" 
230 O "O3'" . DG A 12 ? 0.2193 0.2160 0.1927 0.0016  0.0657  0.0222  12 DG A "O3'" 
231 C "C2'" . DG A 12 ? 0.1715 0.1788 0.2234 -0.0261 0.0390  0.0032  12 DG A "C2'" 
232 C "C1'" . DG A 12 ? 0.1670 0.1584 0.1977 0.0063  0.0189  0.0210  12 DG A "C1'" 
233 N N9    . DG A 12 ? 0.1719 0.1808 0.1858 0.0024  0.0321  0.0368  12 DG A N9    
234 C C8    . DG A 12 ? 0.2684 0.1958 0.2335 0.0134  0.0441  0.0391  12 DG A C8    
235 N N7    . DG A 12 ? 0.2049 0.1918 0.2350 -0.0146 0.0484  0.0373  12 DG A N7    
236 C C5    . DG A 12 ? 0.1719 0.1838 0.1803 0.0055  0.0462  0.0224  12 DG A C5    
237 C C6    . DG A 12 ? 0.1491 0.1707 0.1509 0.0037  0.0341  0.0001  12 DG A C6    
238 O O6    . DG A 12 ? 0.1915 0.2332 0.1793 0.0198  0.0585  0.0197  12 DG A O6    
239 N N1    . DG A 12 ? 0.1339 0.1652 0.1356 -0.0086 0.0093  -0.0004 12 DG A N1    
240 C C2    . DG A 12 ? 0.1393 0.1809 0.0997 -0.0273 0.0101  -0.0204 12 DG A C2    
241 N N2    . DG A 12 ? 0.1027 0.1668 0.1181 -0.0080 -0.0218 -0.0027 12 DG A N2    
242 N N3    . DG A 12 ? 0.1461 0.1553 0.1087 -0.0162 0.0030  0.0165  12 DG A N3    
243 C C4    . DG A 12 ? 0.1290 0.1766 0.1535 -0.0008 0.0267  0.0227  12 DG A C4    
244 O "O5'" A DC B 1  ? 0.2568 0.2882 0.2649 0.0239  -0.0055 0.0037  13 DC B "O5'" 
245 O "O5'" B DC B 1  ? 0.2859 0.3116 0.3054 0.0175  0.0044  -0.0102 13 DC B "O5'" 
246 C "C5'" . DC B 1  ? 0.2441 0.2416 0.3006 0.0072  0.0089  0.0027  13 DC B "C5'" 
247 C "C4'" . DC B 1  ? 0.2179 0.2163 0.2356 0.0194  0.0229  0.0015  13 DC B "C4'" 
248 O "O4'" . DC B 1  ? 0.1944 0.1930 0.2172 0.0033  0.0242  0.0094  13 DC B "O4'" 
249 C "C3'" . DC B 1  ? 0.2313 0.2202 0.2467 0.0078  0.0363  -0.0112 13 DC B "C3'" 
250 O "O3'" . DC B 1  ? 0.2267 0.1835 0.2639 -0.0274 0.0219  0.0030  13 DC B "O3'" 
251 C "C2'" . DC B 1  ? 0.1980 0.1689 0.2253 -0.0053 0.0443  -0.0201 13 DC B "C2'" 
252 C "C1'" . DC B 1  ? 0.1727 0.1776 0.1953 0.0122  0.0278  -0.0162 13 DC B "C1'" 
253 N N1    . DC B 1  ? 0.1558 0.1751 0.1579 -0.0089 0.0316  -0.0161 13 DC B N1    
254 C C2    . DC B 1  ? 0.1417 0.1532 0.1524 -0.0122 0.0147  -0.0118 13 DC B C2    
255 O O2    . DC B 1  ? 0.1302 0.1794 0.1558 -0.0147 -0.0087 -0.0298 13 DC B O2    
256 N N3    . DC B 1  ? 0.1290 0.1636 0.1352 -0.0100 0.0061  -0.0104 13 DC B N3    
257 C C4    . DC B 1  ? 0.1299 0.1733 0.1441 -0.0213 0.0358  0.0015  13 DC B C4    
258 N N4    . DC B 1  ? 0.1437 0.1916 0.1499 -0.0246 0.0248  -0.0038 13 DC B N4    
259 C C5    . DC B 1  ? 0.1567 0.2029 0.1693 -0.0128 0.0270  -0.0042 13 DC B C5    
260 C C6    . DC B 1  ? 0.1411 0.1913 0.1979 0.0103  0.0417  -0.0176 13 DC B C6    
261 P P     . DG B 2  ? 0.2772 0.2121 0.2260 -0.0265 0.0202  -0.0220 14 DG B P     
262 O OP1   . DG B 2  ? 0.3132 0.2335 0.2640 0.0058  0.0433  -0.0027 14 DG B OP1   
263 O OP2   . DG B 2  ? 0.3247 0.3070 0.2049 -0.0073 0.0152  -0.0384 14 DG B OP2   
264 O "O5'" . DG B 2  ? 0.2405 0.1968 0.2104 -0.0452 -0.0014 -0.0038 14 DG B "O5'" 
265 C "C5'" . DG B 2  ? 0.2281 0.1847 0.2062 -0.0310 0.0067  0.0155  14 DG B "C5'" 
266 C "C4'" . DG B 2  ? 0.2107 0.1945 0.1770 -0.0585 0.0029  -0.0131 14 DG B "C4'" 
267 O "O4'" . DG B 2  ? 0.2529 0.2143 0.1705 -0.0123 -0.0190 -0.0067 14 DG B "O4'" 
268 C "C3'" . DG B 2  ? 0.2276 0.2938 0.2603 -0.0332 -0.0045 0.0113  14 DG B "C3'" 
269 O "O3'" . DG B 2  ? 0.2305 0.2140 0.1609 -0.0533 -0.0385 0.0070  14 DG B "O3'" 
270 C "C2'" . DG B 2  ? 0.2792 0.2374 0.2858 -0.0144 0.0036  0.0170  14 DG B "C2'" 
271 C "C1'" . DG B 2  ? 0.3061 0.2059 0.2566 0.0031  -0.0271 0.0321  14 DG B "C1'" 
272 N N9    . DG B 2  ? 0.2522 0.1944 0.1855 0.0277  0.0075  0.0175  14 DG B N9    
273 C C8    . DG B 2  ? 0.2429 0.1831 0.2172 0.0295  0.0170  0.0206  14 DG B C8    
274 N N7    . DG B 2  ? 0.1961 0.1936 0.1771 -0.0079 -0.0335 0.0220  14 DG B N7    
275 C C5    . DG B 2  ? 0.1587 0.2066 0.1497 -0.0026 -0.0200 0.0048  14 DG B C5    
276 C C6    . DG B 2  ? 0.1590 0.1992 0.1262 -0.0094 -0.0191 0.0025  14 DG B C6    
277 O O6    . DG B 2  ? 0.2025 0.2188 0.1510 -0.0129 0.0105  0.0031  14 DG B O6    
278 N N1    . DG B 2  ? 0.1555 0.1832 0.1376 -0.0187 -0.0336 0.0004  14 DG B N1    
279 C C2    . DG B 2  ? 0.1548 0.2007 0.1260 -0.0129 -0.0250 -0.0002 14 DG B C2    
280 N N2    . DG B 2  ? 0.1553 0.2209 0.1369 -0.0151 -0.0475 0.0014  14 DG B N2    
281 N N3    . DG B 2  ? 0.1476 0.2187 0.1354 -0.0177 -0.0105 0.0150  14 DG B N3    
282 C C4    . DG B 2  ? 0.1724 0.1971 0.1557 -0.0255 -0.0151 0.0137  14 DG B C4    
283 P P     . DC B 3  ? 0.2761 0.2167 0.1634 -0.0613 -0.0525 -0.0196 15 DC B P     
284 O OP1   . DC B 3  ? 0.2574 0.2254 0.2049 -0.0548 -0.0517 0.0034  15 DC B OP1   
285 O OP2   . DC B 3  ? 0.2844 0.3084 0.2405 -0.0373 -0.0499 -0.0585 15 DC B OP2   
286 O "O5'" . DC B 3  ? 0.2328 0.2265 0.1555 -0.0623 -0.0484 -0.0034 15 DC B "O5'" 
287 C "C5'" . DC B 3  ? 0.2181 0.2027 0.1752 -0.0488 -0.0372 0.0185  15 DC B "C5'" 
288 C "C4'" . DC B 3  ? 0.1948 0.1958 0.1799 -0.0345 -0.0382 -0.0058 15 DC B "C4'" 
289 O "O4'" . DC B 3  ? 0.2396 0.2189 0.1949 -0.0708 -0.0722 0.0207  15 DC B "O4'" 
290 C "C3'" . DC B 3  ? 0.2156 0.2295 0.2128 -0.0338 -0.0449 0.0219  15 DC B "C3'" 
291 O "O3'" . DC B 3  ? 0.2824 0.2577 0.1788 -0.0143 -0.0475 -0.0062 15 DC B "O3'" 
292 C "C2'" . DC B 3  ? 0.2398 0.2335 0.1975 -0.0418 -0.0303 0.0010  15 DC B "C2'" 
293 C "C1'" . DC B 3  ? 0.2441 0.2021 0.2039 -0.0268 -0.0396 0.0260  15 DC B "C1'" 
294 N N1    . DC B 3  ? 0.1836 0.1894 0.2037 -0.0279 -0.0600 0.0120  15 DC B N1    
295 C C2    . DC B 3  ? 0.1697 0.1743 0.1734 -0.0560 -0.0552 -0.0186 15 DC B C2    
296 O O2    . DC B 3  ? 0.2199 0.1814 0.1792 -0.0351 -0.0391 0.0129  15 DC B O2    
297 N N3    . DC B 3  ? 0.2105 0.1648 0.1672 -0.0371 -0.0630 -0.0071 15 DC B N3    
298 C C4    . DC B 3  ? 0.2553 0.1677 0.1516 -0.0188 -0.0445 -0.0055 15 DC B C4    
299 N N4    . DC B 3  ? 0.2608 0.1976 0.1925 -0.0218 -0.0427 -0.0227 15 DC B N4    
300 C C5    . DC B 3  ? 0.2838 0.1272 0.2432 -0.0228 -0.0264 -0.0210 15 DC B C5    
301 C C6    . DC B 3  ? 0.2570 0.1767 0.2240 -0.0439 -0.0435 -0.0083 15 DC B C6    
302 P P     . DG B 4  ? 0.2665 0.2991 0.2218 -0.0324 -0.0350 0.0061  16 DG B P     
303 O OP1   . DG B 4  ? 0.3617 0.3896 0.3018 -0.0164 0.0047  0.0376  16 DG B OP1   
304 O OP2   . DG B 4  ? 0.2508 0.2934 0.2769 -0.0438 -0.0613 -0.0129 16 DG B OP2   
305 O "O5'" . DG B 4  ? 0.2859 0.2715 0.2021 0.0051  -0.0238 -0.0152 16 DG B "O5'" 
306 C "C5'" . DG B 4  ? 0.2754 0.2854 0.1972 0.0088  -0.0018 -0.0060 16 DG B "C5'" 
307 C "C4'" . DG B 4  ? 0.2744 0.2971 0.2558 0.0073  0.0134  -0.0014 16 DG B "C4'" 
308 O "O4'" . DG B 4  ? 0.2693 0.3045 0.1809 0.0143  -0.0075 0.0013  16 DG B "O4'" 
309 C "C3'" . DG B 4  ? 0.2958 0.3092 0.2721 -0.0019 0.0047  -0.0067 16 DG B "C3'" 
310 O "O3'" . DG B 4  ? 0.3027 0.3309 0.3273 0.0198  -0.0035 0.0005  16 DG B "O3'" 
311 C "C2'" . DG B 4  ? 0.2688 0.2883 0.2221 0.0090  -0.0199 0.0080  16 DG B "C2'" 
312 C "C1'" . DG B 4  ? 0.2636 0.2869 0.1942 0.0003  -0.0237 -0.0053 16 DG B "C1'" 
313 N N9    . DG B 4  ? 0.2725 0.2850 0.1747 0.0073  -0.0306 -0.0011 16 DG B N9    
314 C C8    . DG B 4  ? 0.1960 0.2764 0.1716 0.0027  -0.0352 0.0036  16 DG B C8    
315 N N7    . DG B 4  ? 0.2232 0.2562 0.1346 -0.0040 -0.0420 -0.0087 16 DG B N7    
316 C C5    . DG B 4  ? 0.2073 0.2323 0.1399 0.0109  -0.0772 0.0138  16 DG B C5    
317 C C6    . DG B 4  ? 0.2120 0.2261 0.1221 0.0009  -0.0622 -0.0262 16 DG B C6    
318 O O6    . DG B 4  ? 0.1754 0.2220 0.1623 -0.0331 -0.0500 -0.0400 16 DG B O6    
319 N N1    . DG B 4  ? 0.2014 0.2036 0.1448 -0.0132 -0.0706 -0.0209 16 DG B N1    
320 C C2    . DG B 4  ? 0.1762 0.2357 0.1513 0.0053  -0.0673 -0.0141 16 DG B C2    
321 N N2    . DG B 4  ? 0.2130 0.2109 0.1756 0.0089  -0.0638 -0.0288 16 DG B N2    
322 N N3    . DG B 4  ? 0.2383 0.2382 0.1466 0.0144  -0.0614 0.0022  16 DG B N3    
323 C C4    . DG B 4  ? 0.2054 0.2375 0.1381 -0.0068 -0.0506 -0.0053 16 DG B C4    
324 P P     . DA B 5  ? 0.3151 0.3430 0.3252 0.0325  -0.0177 -0.0328 17 DA B P     
325 O OP1   . DA B 5  ? 0.3519 0.4066 0.3654 0.0486  0.0442  -0.0344 17 DA B OP1   
326 O OP2   . DA B 5  ? 0.2519 0.3234 0.3276 -0.0006 -0.0216 -0.0026 17 DA B OP2   
327 O "O5'" . DA B 5  ? 0.2670 0.3362 0.2674 0.0129  -0.0550 -0.0235 17 DA B "O5'" 
328 C "C5'" . DA B 5  ? 0.2981 0.2586 0.2477 0.0244  -0.0094 -0.0226 17 DA B "C5'" 
329 C "C4'" . DA B 5  ? 0.3375 0.2885 0.2870 0.0310  0.0097  -0.0198 17 DA B "C4'" 
330 O "O4'" . DA B 5  ? 0.3698 0.2152 0.2194 0.0283  -0.0232 -0.0429 17 DA B "O4'" 
331 C "C3'" . DA B 5  ? 0.3607 0.2500 0.2917 0.0183  0.0012  -0.0176 17 DA B "C3'" 
332 O "O3'" . DA B 5  ? 0.4654 0.2125 0.2580 0.0064  0.0126  -0.0215 17 DA B "O3'" 
333 C "C2'" . DA B 5  ? 0.3355 0.2794 0.2418 0.0312  -0.0144 -0.0343 17 DA B "C2'" 
334 C "C1'" . DA B 5  ? 0.3224 0.2658 0.2259 0.0012  -0.0293 -0.0190 17 DA B "C1'" 
335 N N9    . DA B 5  ? 0.2766 0.2282 0.1984 0.0443  -0.0217 -0.0245 17 DA B N9    
336 C C8    . DA B 5  ? 0.2934 0.2281 0.1841 0.0285  -0.0014 -0.0414 17 DA B C8    
337 N N7    . DA B 5  ? 0.3015 0.2035 0.1673 0.0255  -0.0290 -0.0332 17 DA B N7    
338 C C5    . DA B 5  ? 0.2503 0.1915 0.1548 0.0095  -0.0662 0.0009  17 DA B C5    
339 C C6    . DA B 5  ? 0.2242 0.1613 0.1382 -0.0057 -0.0776 -0.0217 17 DA B C6    
340 N N6    . DA B 5  ? 0.2201 0.1693 0.1456 -0.0163 -0.0782 -0.0125 17 DA B N6    
341 N N1    . DA B 5  ? 0.2275 0.1534 0.1910 0.0099  -0.1044 0.0133  17 DA B N1    
342 C C2    . DA B 5  ? 0.2471 0.2042 0.1710 0.0089  -0.0664 0.0025  17 DA B C2    
343 N N3    . DA B 5  ? 0.2764 0.1781 0.1892 -0.0133 -0.0720 -0.0358 17 DA B N3    
344 C C4    . DA B 5  ? 0.2528 0.2158 0.1557 0.0116  -0.0518 -0.0183 17 DA B C4    
345 P P     . DA B 6  ? 0.4892 0.2757 0.3721 0.0682  -0.0076 -0.0037 18 DA B P     
346 O OP1   . DA B 6  ? 0.4650 0.3094 0.3705 -0.0194 -0.0319 -0.0428 18 DA B OP1   
347 O OP2   . DA B 6  ? 0.4494 0.3204 0.3745 0.0645  0.0196  -0.0177 18 DA B OP2   
348 O "O5'" . DA B 6  ? 0.3818 0.2620 0.2920 0.0233  -0.0364 -0.0083 18 DA B "O5'" 
349 C "C5'" . DA B 6  ? 0.3497 0.2030 0.1917 0.0232  -0.0352 -0.0102 18 DA B "C5'" 
350 C "C4'" . DA B 6  ? 0.3349 0.1945 0.2366 -0.0072 -0.0426 -0.0264 18 DA B "C4'" 
351 O "O4'" . DA B 6  ? 0.3751 0.1409 0.2402 0.0361  -0.0727 -0.0294 18 DA B "O4'" 
352 C "C3'" . DA B 6  ? 0.3446 0.1944 0.2402 0.0251  -0.0368 -0.0166 18 DA B "C3'" 
353 O "O3'" . DA B 6  ? 0.4220 0.1773 0.2269 0.0019  -0.0435 -0.0367 18 DA B "O3'" 
354 C "C2'" . DA B 6  ? 0.2935 0.1758 0.2091 0.0326  -0.0245 -0.0067 18 DA B "C2'" 
355 C "C1'" . DA B 6  ? 0.2593 0.1766 0.1681 0.0178  -0.0441 -0.0337 18 DA B "C1'" 
356 N N9    . DA B 6  ? 0.2571 0.1846 0.1943 0.0220  -0.0683 -0.0200 18 DA B N9    
357 C C8    . DA B 6  ? 0.2940 0.1725 0.2191 0.0363  -0.0378 -0.0253 18 DA B C8    
358 N N7    . DA B 6  ? 0.2877 0.1998 0.1967 0.0318  -0.0470 -0.0066 18 DA B N7    
359 C C5    . DA B 6  ? 0.2087 0.1868 0.1877 0.0242  -0.0581 -0.0397 18 DA B C5    
360 C C6    . DA B 6  ? 0.1909 0.1593 0.1418 0.0048  -0.0684 -0.0274 18 DA B C6    
361 N N6    . DA B 6  ? 0.2219 0.1826 0.1715 0.0065  -0.0724 -0.0542 18 DA B N6    
362 N N1    . DA B 6  ? 0.2094 0.1538 0.1510 0.0012  -0.0502 -0.0193 18 DA B N1    
363 C C2    . DA B 6  ? 0.1963 0.1635 0.1300 0.0071  -0.0643 -0.0253 18 DA B C2    
364 N N3    . DA B 6  ? 0.2264 0.1564 0.1765 0.0152  -0.0874 -0.0255 18 DA B N3    
365 C C4    . DA B 6  ? 0.2504 0.1570 0.1507 0.0192  -0.0874 -0.0161 18 DA B C4    
366 P P     . DT B 7  ? 0.4555 0.2231 0.2533 0.0271  -0.0593 -0.0028 19 DT B P     
367 O OP1   . DT B 7  ? 0.4662 0.2361 0.2685 -0.0136 -0.0604 -0.0465 19 DT B OP1   
368 O OP2   . DT B 7  ? 0.4371 0.2853 0.2806 0.0391  -0.0452 -0.0068 19 DT B OP2   
369 O "O5'" . DT B 7  ? 0.3613 0.2007 0.2098 0.0158  -0.0743 -0.0286 19 DT B "O5'" 
370 C "C5'" . DT B 7  ? 0.2958 0.1846 0.2448 -0.0160 -0.0506 -0.0114 19 DT B "C5'" 
371 C "C4'" . DT B 7  ? 0.2454 0.1261 0.2056 -0.0281 -0.0782 -0.0159 19 DT B "C4'" 
372 O "O4'" . DT B 7  ? 0.2363 0.1349 0.1865 -0.0057 -0.0726 -0.0053 19 DT B "O4'" 
373 C "C3'" . DT B 7  ? 0.2378 0.1590 0.1882 0.0009  -0.0577 0.0099  19 DT B "C3'" 
374 O "O3'" . DT B 7  ? 0.2319 0.1652 0.2190 -0.0313 -0.0694 0.0040  19 DT B "O3'" 
375 C "C2'" . DT B 7  ? 0.2368 0.1695 0.1740 -0.0049 -0.0764 -0.0085 19 DT B "C2'" 
376 C "C1'" . DT B 7  ? 0.2238 0.1176 0.1679 -0.0002 -0.0679 -0.0173 19 DT B "C1'" 
377 N N1    . DT B 7  ? 0.2076 0.1451 0.1649 0.0139  -0.0500 -0.0004 19 DT B N1    
378 C C2    . DT B 7  ? 0.1662 0.1437 0.1524 0.0169  -0.0426 -0.0130 19 DT B C2    
379 O O2    . DT B 7  ? 0.1790 0.1383 0.2051 0.0012  -0.0387 -0.0059 19 DT B O2    
380 N N3    . DT B 7  ? 0.1830 0.1616 0.1559 0.0106  -0.0567 -0.0112 19 DT B N3    
381 C C4    . DT B 7  ? 0.1839 0.1476 0.1792 -0.0125 -0.0594 0.0024  19 DT B C4    
382 O O4    . DT B 7  ? 0.2067 0.1809 0.1633 0.0216  -0.0503 -0.0226 19 DT B O4    
383 C C5    . DT B 7  ? 0.2416 0.1670 0.1567 0.0253  -0.0483 -0.0178 19 DT B C5    
384 C C7    . DT B 7  ? 0.2481 0.2202 0.1867 0.0148  -0.0080 -0.0181 19 DT B C7    
385 C C6    . DT B 7  ? 0.2556 0.1356 0.1597 0.0283  -0.0505 -0.0133 19 DT B C6    
386 P P     . DT B 8  ? 0.2665 0.1725 0.2086 -0.0419 -0.0653 0.0114  20 DT B P     
387 O OP1   . DT B 8  ? 0.2844 0.2466 0.2093 -0.0544 -0.0440 -0.0147 20 DT B OP1   
388 O OP2   . DT B 8  ? 0.2704 0.2013 0.2131 0.0042  -0.0859 0.0144  20 DT B OP2   
389 O "O5'" . DT B 8  ? 0.2192 0.1579 0.1933 -0.0239 -0.0649 0.0034  20 DT B "O5'" 
390 C "C5'" . DT B 8  ? 0.1844 0.1673 0.1798 -0.0211 -0.0298 -0.0127 20 DT B "C5'" 
391 C "C4'" . DT B 8  ? 0.1781 0.1726 0.1871 -0.0172 -0.0218 -0.0044 20 DT B "C4'" 
392 O "O4'" . DT B 8  ? 0.1945 0.1824 0.1424 -0.0338 -0.0487 -0.0001 20 DT B "O4'" 
393 C "C3'" . DT B 8  ? 0.2068 0.1676 0.1370 -0.0049 -0.0273 0.0076  20 DT B "C3'" 
394 O "O3'" . DT B 8  ? 0.2198 0.2173 0.2050 -0.0576 -0.0019 -0.0233 20 DT B "O3'" 
395 C "C2'" . DT B 8  ? 0.1814 0.1658 0.1408 -0.0038 -0.0517 0.0039  20 DT B "C2'" 
396 C "C1'" . DT B 8  ? 0.1739 0.1553 0.1572 -0.0133 -0.0328 -0.0022 20 DT B "C1'" 
397 N N1    . DT B 8  ? 0.1758 0.1546 0.1182 0.0059  -0.0449 -0.0044 20 DT B N1    
398 C C2    . DT B 8  ? 0.1666 0.1471 0.1193 -0.0029 -0.0382 0.0128  20 DT B C2    
399 O O2    . DT B 8  ? 0.1616 0.1467 0.1359 -0.0007 -0.0354 -0.0065 20 DT B O2    
400 N N3    . DT B 8  ? 0.1394 0.1367 0.1179 -0.0072 -0.0507 -0.0062 20 DT B N3    
401 C C4    . DT B 8  ? 0.1486 0.1639 0.1261 -0.0082 -0.0411 0.0027  20 DT B C4    
402 O O4    . DT B 8  ? 0.1783 0.1524 0.1420 -0.0002 -0.0472 -0.0077 20 DT B O4    
403 C C5    . DT B 8  ? 0.1661 0.1397 0.1486 -0.0065 -0.0444 -0.0056 20 DT B C5    
404 C C7    . DT B 8  ? 0.2210 0.1772 0.1622 0.0113  -0.0278 -0.0151 20 DT B C7    
405 C C6    . DT B 8  ? 0.1663 0.1184 0.1256 -0.0028 -0.0458 0.0117  20 DT B C6    
406 P P     . DC B 9  ? 0.3444 0.2345 0.1701 -0.0781 0.0290  -0.0101 21 DC B P     
407 O OP1   . DC B 9  ? 0.3405 0.2731 0.2291 -0.1245 0.0571  -0.0469 21 DC B OP1   
408 O OP2   . DC B 9  ? 0.3898 0.2026 0.2123 -0.0704 -0.0158 0.0103  21 DC B OP2   
409 O "O5'" . DC B 9  ? 0.2153 0.1691 0.1500 -0.0324 0.0018  -0.0141 21 DC B "O5'" 
410 C "C5'" . DC B 9  ? 0.1392 0.2183 0.1433 0.0004  0.0039  -0.0135 21 DC B "C5'" 
411 C "C4'" . DC B 9  ? 0.1101 0.1835 0.1155 0.0152  0.0116  0.0009  21 DC B "C4'" 
412 O "O4'" . DC B 9  ? 0.1221 0.1993 0.1203 0.0111  0.0030  -0.0062 21 DC B "O4'" 
413 C "C3'" . DC B 9  ? 0.1434 0.1621 0.1470 -0.0115 0.0097  -0.0150 21 DC B "C3'" 
414 O "O3'" . DC B 9  ? 0.1507 0.1727 0.1368 0.0054  0.0050  -0.0143 21 DC B "O3'" 
415 C "C2'" . DC B 9  ? 0.1363 0.1534 0.1328 0.0046  -0.0036 -0.0063 21 DC B "C2'" 
416 C "C1'" . DC B 9  ? 0.1295 0.1848 0.1456 -0.0126 -0.0016 0.0001  21 DC B "C1'" 
417 N N1    . DC B 9  ? 0.1262 0.1644 0.1294 0.0078  0.0156  -0.0039 21 DC B N1    
418 C C2    . DC B 9  ? 0.1288 0.1805 0.1088 0.0141  -0.0071 -0.0072 21 DC B C2    
419 O O2    . DC B 9  ? 0.1401 0.1784 0.1424 0.0062  0.0297  -0.0107 21 DC B O2    
420 N N3    . DC B 9  ? 0.1084 0.1644 0.1233 0.0089  -0.0078 -0.0160 21 DC B N3    
421 C C4    . DC B 9  ? 0.1041 0.1644 0.1318 -0.0028 -0.0105 -0.0052 21 DC B C4    
422 N N4    . DC B 9  ? 0.1129 0.1742 0.1455 0.0145  -0.0371 -0.0285 21 DC B N4    
423 C C5    . DC B 9  ? 0.1490 0.1340 0.1233 -0.0007 -0.0247 -0.0084 21 DC B C5    
424 C C6    . DC B 9  ? 0.1295 0.1678 0.1106 -0.0020 -0.0039 0.0119  21 DC B C6    
425 P P     . DG B 10 ? 0.1610 0.1951 0.1382 0.0026  0.0149  -0.0200 22 DG B P     
426 O OP1   . DG B 10 ? 0.1744 0.2171 0.2070 0.0094  0.0181  -0.0394 22 DG B OP1   
427 O OP2   . DG B 10 ? 0.1866 0.1943 0.1287 0.0030  0.0176  -0.0191 22 DG B OP2   
428 O "O5'" . DG B 10 ? 0.1473 0.1665 0.1556 -0.0081 -0.0017 -0.0264 22 DG B "O5'" 
429 C "C5'" . DG B 10 ? 0.1694 0.1683 0.1518 0.0224  0.0396  -0.0203 22 DG B "C5'" 
430 C "C4'" . DG B 10 ? 0.1682 0.1657 0.1608 -0.0004 0.0494  -0.0164 22 DG B "C4'" 
431 O "O4'" . DG B 10 ? 0.1562 0.1667 0.1393 0.0017  0.0316  -0.0057 22 DG B "O4'" 
432 C "C3'" . DG B 10 ? 0.1521 0.1727 0.1936 -0.0286 0.0292  -0.0090 22 DG B "C3'" 
433 O "O3'" . DG B 10 ? 0.1719 0.1888 0.2191 -0.0376 0.0461  -0.0518 22 DG B "O3'" 
434 C "C2'" . DG B 10 ? 0.1514 0.1743 0.1560 -0.0034 0.0070  -0.0187 22 DG B "C2'" 
435 C "C1'" . DG B 10 ? 0.1683 0.1664 0.1235 -0.0164 0.0049  -0.0209 22 DG B "C1'" 
436 N N9    . DG B 10 ? 0.1217 0.1409 0.1348 -0.0142 -0.0001 -0.0095 22 DG B N9    
437 C C8    . DG B 10 ? 0.1040 0.2007 0.1306 -0.0051 0.0031  -0.0051 22 DG B C8    
438 N N7    . DG B 10 ? 0.1234 0.1889 0.1010 -0.0049 0.0061  -0.0167 22 DG B N7    
439 C C5    . DG B 10 ? 0.1161 0.1445 0.0809 -0.0022 0.0153  -0.0160 22 DG B C5    
440 C C6    . DG B 10 ? 0.1006 0.1625 0.0866 -0.0021 -0.0075 -0.0129 22 DG B C6    
441 O O6    . DG B 10 ? 0.1129 0.1498 0.1124 -0.0017 -0.0028 -0.0074 22 DG B O6    
442 N N1    . DG B 10 ? 0.1200 0.1541 0.0875 -0.0136 0.0092  -0.0027 22 DG B N1    
443 C C2    . DG B 10 ? 0.1039 0.1493 0.0998 0.0024  -0.0166 -0.0139 22 DG B C2    
444 N N2    . DG B 10 ? 0.1235 0.1397 0.1197 -0.0193 -0.0078 0.0162  22 DG B N2    
445 N N3    . DG B 10 ? 0.1348 0.1319 0.1108 -0.0126 -0.0166 -0.0059 22 DG B N3    
446 C C4    . DG B 10 ? 0.1165 0.1452 0.0915 0.0003  0.0115  -0.0017 22 DG B C4    
447 P P     . DC B 11 ? 0.2088 0.2420 0.3111 -0.0589 0.0733  -0.1069 23 DC B P     
448 O OP1   . DC B 11 ? 0.2121 0.2660 0.3762 -0.0116 0.0595  -0.0657 23 DC B OP1   
449 O OP2   . DC B 11 ? 0.2738 0.3051 0.3235 -0.0507 0.0553  -0.0343 23 DC B OP2   
450 O "O5'" . DC B 11 ? 0.1826 0.2261 0.2962 -0.0202 0.0264  -0.0743 23 DC B "O5'" 
451 C "C5'" . DC B 11 ? 0.2187 0.1785 0.3034 -0.0260 -0.0008 -0.0229 23 DC B "C5'" 
452 C "C4'" . DC B 11 ? 0.2016 0.1934 0.2516 -0.0086 -0.0108 -0.0106 23 DC B "C4'" 
453 O "O4'" . DC B 11 ? 0.2882 0.1685 0.2102 -0.0071 -0.0631 0.0049  23 DC B "O4'" 
454 C "C3'" . DC B 11 ? 0.1935 0.2525 0.2366 -0.0072 0.0220  -0.0143 23 DC B "C3'" 
455 O "O3'" . DC B 11 ? 0.1878 0.1908 0.3977 -0.0304 -0.0407 -0.0427 23 DC B "O3'" 
456 C "C2'" . DC B 11 ? 0.2364 0.2696 0.3081 -0.0131 -0.0188 -0.0218 23 DC B "C2'" 
457 C "C1'" . DC B 11 ? 0.2472 0.2200 0.2162 0.0286  0.0317  -0.0297 23 DC B "C1'" 
458 N N1    . DC B 11 ? 0.1925 0.1746 0.1950 0.0046  0.0453  -0.0203 23 DC B N1    
459 C C2    . DC B 11 ? 0.1442 0.1431 0.1396 -0.0098 0.0031  -0.0177 23 DC B C2    
460 O O2    . DC B 11 ? 0.1595 0.1393 0.1944 -0.0204 0.0327  -0.0115 23 DC B O2    
461 N N3    . DC B 11 ? 0.1274 0.1514 0.1305 -0.0017 -0.0053 -0.0010 23 DC B N3    
462 C C4    . DC B 11 ? 0.1032 0.1596 0.1263 -0.0165 -0.0210 -0.0148 23 DC B C4    
463 N N4    . DC B 11 ? 0.1218 0.1477 0.1357 -0.0196 -0.0123 -0.0154 23 DC B N4    
464 C C5    . DC B 11 ? 0.1393 0.1596 0.1703 -0.0182 0.0166  -0.0123 23 DC B C5    
465 C C6    . DC B 11 ? 0.1765 0.1689 0.1627 -0.0052 0.0219  -0.0163 23 DC B C6    
466 P P     . DG B 12 ? 0.2461 0.3230 0.4058 0.0022  -0.0321 -0.1039 24 DG B P     
467 O OP1   . DG B 12 ? 0.2985 0.3271 0.4733 -0.0026 -0.0463 -0.0802 24 DG B OP1   
468 O OP2   . DG B 12 ? 0.1871 0.3584 0.3205 0.0282  -0.0036 -0.0854 24 DG B OP2   
469 O "O5'" . DG B 12 ? 0.1945 0.2523 0.2891 0.0346  -0.0304 -0.0790 24 DG B "O5'" 
470 C "C5'" . DG B 12 ? 0.2280 0.2141 0.2588 -0.0223 -0.0215 -0.0044 24 DG B "C5'" 
471 C "C4'" . DG B 12 ? 0.2190 0.2200 0.2114 -0.0159 -0.0063 -0.0240 24 DG B "C4'" 
472 O "O4'" . DG B 12 ? 0.2118 0.1841 0.2518 -0.0054 -0.0060 0.0039  24 DG B "O4'" 
473 C "C3'" . DG B 12 ? 0.1917 0.2359 0.2475 -0.0311 -0.0021 0.0192  24 DG B "C3'" 
474 O "O3'" . DG B 12 ? 0.1969 0.2454 0.3178 -0.0242 -0.0198 0.0304  24 DG B "O3'" 
475 C "C2'" . DG B 12 ? 0.2154 0.2400 0.2871 0.0075  -0.0114 0.0414  24 DG B "C2'" 
476 C "C1'" . DG B 12 ? 0.2310 0.1556 0.2864 -0.0104 0.0167  0.0172  24 DG B "C1'" 
477 N N9    . DG B 12 ? 0.1709 0.1509 0.2266 -0.0232 0.0133  0.0031  24 DG B N9    
478 C C8    . DG B 12 ? 0.1717 0.1786 0.2767 0.0163  0.0032  -0.0019 24 DG B C8    
479 N N7    . DG B 12 ? 0.1604 0.1883 0.2019 -0.0067 -0.0089 -0.0297 24 DG B N7    
480 C C5    . DG B 12 ? 0.1206 0.1600 0.1695 -0.0246 -0.0261 -0.0263 24 DG B C5    
481 C C6    . DG B 12 ? 0.1273 0.1606 0.1549 -0.0311 -0.0319 -0.0165 24 DG B C6    
482 O O6    . DG B 12 ? 0.1607 0.1596 0.1831 -0.0290 -0.0045 -0.0109 24 DG B O6    
483 N N1    . DG B 12 ? 0.1592 0.1235 0.1518 -0.0358 -0.0173 -0.0141 24 DG B N1    
484 C C2    . DG B 12 ? 0.1347 0.1785 0.1331 -0.0221 -0.0210 0.0054  24 DG B C2    
485 N N2    . DG B 12 ? 0.1622 0.1661 0.1431 -0.0268 -0.0417 -0.0159 24 DG B N2    
486 N N3    . DG B 12 ? 0.1361 0.1501 0.1444 -0.0215 -0.0186 -0.0045 24 DG B N3    
487 C C4    . DG B 12 ? 0.1173 0.1518 0.1684 -0.0185 -0.0219 -0.0091 24 DG B C4    
# 
loop_
_pdbx_poly_seq_scheme.asym_id 
_pdbx_poly_seq_scheme.entity_id 
_pdbx_poly_seq_scheme.seq_id 
_pdbx_poly_seq_scheme.mon_id 
_pdbx_poly_seq_scheme.ndb_seq_num 
_pdbx_poly_seq_scheme.pdb_seq_num 
_pdbx_poly_seq_scheme.auth_seq_num 
_pdbx_poly_seq_scheme.pdb_mon_id 
_pdbx_poly_seq_scheme.auth_mon_id 
_pdbx_poly_seq_scheme.pdb_strand_id 
_pdbx_poly_seq_scheme.pdb_ins_code 
_pdbx_poly_seq_scheme.hetero 
A 1 1  DC 1  1  1  DC DC A . n 
A 1 2  DG 2  2  2  DG DG A . n 
A 1 3  DC 3  3  3  DC DC A . n 
A 1 4  DG 4  4  4  DG DG A . n 
A 1 5  DA 5  5  5  DA DA A . n 
A 1 6  DA 6  6  6  DA DA A . n 
A 1 7  DT 7  7  7  DT DT A . n 
A 1 8  DT 8  8  8  DT DT A . n 
A 1 9  DC 9  9  9  DC DC A . n 
A 1 10 DG 10 10 10 DG DG A . n 
A 1 11 DC 11 11 11 DC DC A . n 
A 1 12 DG 12 12 12 DG DG A . n 
B 1 1  DC 1  13 13 DC DC B . n 
B 1 2  DG 2  14 14 DG DG B . n 
B 1 3  DC 3  15 15 DC DC B . n 
B 1 4  DG 4  16 16 DG DG B . n 
B 1 5  DA 5  17 17 DA DA B . n 
B 1 6  DA 6  18 18 DA DA B . n 
B 1 7  DT 7  19 19 DT DT B . n 
B 1 8  DT 8  20 20 DT DT B . n 
B 1 9  DC 9  21 21 DC DC B . n 
B 1 10 DG 10 22 22 DG DG B . n 
B 1 11 DC 11 23 23 DC DC B . n 
B 1 12 DG 12 24 24 DG DG B . n 
# 
loop_
_pdbx_nonpoly_scheme.asym_id 
_pdbx_nonpoly_scheme.entity_id 
_pdbx_nonpoly_scheme.mon_id 
_pdbx_nonpoly_scheme.ndb_seq_num 
_pdbx_nonpoly_scheme.pdb_seq_num 
_pdbx_nonpoly_scheme.auth_seq_num 
_pdbx_nonpoly_scheme.pdb_mon_id 
_pdbx_nonpoly_scheme.auth_mon_id 
_pdbx_nonpoly_scheme.pdb_strand_id 
_pdbx_nonpoly_scheme.pdb_ins_code 
C 2 MG  1  1013 1013 MG  MG  A . 
D 2 MG  1  1014 1014 MG  MG  A . 
E 3 D98 1  1025 1025 D98 D98 B . 
F 2 MG  1  1026 1026 MG  MG  B . 
G 4 HOH 1  2001 2001 HOH HOH A . 
G 4 HOH 2  2002 2002 HOH HOH A . 
G 4 HOH 3  2003 2003 HOH HOH A . 
G 4 HOH 4  2004 2004 HOH HOH A . 
G 4 HOH 5  2005 2005 HOH HOH A . 
G 4 HOH 6  2006 2006 HOH HOH A . 
G 4 HOH 7  2007 2007 HOH HOH A . 
G 4 HOH 8  2008 2008 HOH HOH A . 
G 4 HOH 9  2009 2009 HOH HOH A . 
G 4 HOH 10 2010 2010 HOH HOH A . 
G 4 HOH 11 2011 2011 HOH HOH A . 
G 4 HOH 12 2012 2012 HOH HOH A . 
G 4 HOH 13 2013 2013 HOH HOH A . 
G 4 HOH 14 2014 2014 HOH HOH A . 
G 4 HOH 15 2015 2015 HOH HOH A . 
G 4 HOH 16 2016 2016 HOH HOH A . 
G 4 HOH 17 2017 2017 HOH HOH A . 
G 4 HOH 18 2018 2018 HOH HOH A . 
G 4 HOH 19 2019 2019 HOH HOH A . 
G 4 HOH 20 2020 2020 HOH HOH A . 
G 4 HOH 21 2021 2021 HOH HOH A . 
G 4 HOH 22 2022 2022 HOH HOH A . 
G 4 HOH 23 2023 2023 HOH HOH A . 
G 4 HOH 24 2024 2024 HOH HOH A . 
G 4 HOH 25 2025 2025 HOH HOH A . 
G 4 HOH 26 2026 2026 HOH HOH A . 
G 4 HOH 27 2027 2027 HOH HOH A . 
G 4 HOH 28 2028 2028 HOH HOH A . 
G 4 HOH 29 2029 2029 HOH HOH A . 
G 4 HOH 30 2030 2030 HOH HOH A . 
G 4 HOH 31 2031 2031 HOH HOH A . 
G 4 HOH 32 2033 2033 HOH HOH A . 
G 4 HOH 33 2034 2034 HOH HOH A . 
G 4 HOH 34 2036 2036 HOH HOH A . 
G 4 HOH 35 2037 2037 HOH HOH A . 
G 4 HOH 36 2038 2038 HOH HOH A . 
G 4 HOH 37 2039 2039 HOH HOH A . 
G 4 HOH 38 2040 2040 HOH HOH A . 
G 4 HOH 39 2041 2041 HOH HOH A . 
G 4 HOH 40 2042 2042 HOH HOH A . 
G 4 HOH 41 2043 2043 HOH HOH A . 
G 4 HOH 42 2044 2044 HOH HOH A . 
G 4 HOH 43 2045 2045 HOH HOH A . 
G 4 HOH 44 2046 2046 HOH HOH A . 
G 4 HOH 45 2047 2047 HOH HOH A . 
G 4 HOH 46 2048 2048 HOH HOH A . 
G 4 HOH 47 2049 2049 HOH HOH A . 
G 4 HOH 48 2050 2050 HOH HOH A . 
G 4 HOH 49 2051 2051 HOH HOH A . 
G 4 HOH 50 2052 2052 HOH HOH A . 
G 4 HOH 51 2053 2053 HOH HOH A . 
G 4 HOH 52 2054 2054 HOH HOH A . 
G 4 HOH 53 2055 2055 HOH HOH A . 
G 4 HOH 54 2056 2056 HOH HOH A . 
G 4 HOH 55 2057 2057 HOH HOH A . 
G 4 HOH 56 2058 2058 HOH HOH A . 
G 4 HOH 57 2059 2059 HOH HOH A . 
G 4 HOH 58 2060 2060 HOH HOH A . 
G 4 HOH 59 2061 2061 HOH HOH A . 
G 4 HOH 60 2062 2062 HOH HOH A . 
G 4 HOH 61 2063 2063 HOH HOH A . 
G 4 HOH 62 2064 2064 HOH HOH A . 
G 4 HOH 63 2065 2065 HOH HOH A . 
G 4 HOH 64 2066 2066 HOH HOH A . 
G 4 HOH 65 2067 2067 HOH HOH A . 
G 4 HOH 66 2068 2068 HOH HOH A . 
G 4 HOH 67 2069 2069 HOH HOH A . 
G 4 HOH 68 2071 2071 HOH HOH A . 
G 4 HOH 69 2072 2072 HOH HOH A . 
G 4 HOH 70 2073 2073 HOH HOH A . 
G 4 HOH 71 2074 2074 HOH HOH A . 
G 4 HOH 72 2075 2075 HOH HOH A . 
G 4 HOH 73 2076 2076 HOH HOH A . 
G 4 HOH 74 2077 2077 HOH HOH A . 
G 4 HOH 75 2078 2078 HOH HOH A . 
G 4 HOH 76 2079 2079 HOH HOH A . 
G 4 HOH 77 2080 2080 HOH HOH A . 
G 4 HOH 78 2081 2081 HOH HOH A . 
G 4 HOH 79 2082 2082 HOH HOH A . 
G 4 HOH 80 2083 2083 HOH HOH A . 
G 4 HOH 81 2084 2084 HOH HOH A . 
G 4 HOH 82 2085 2085 HOH HOH A . 
G 4 HOH 83 2086 2086 HOH HOH A . 
G 4 HOH 84 2087 2087 HOH HOH A . 
G 4 HOH 85 2088 2088 HOH HOH A . 
G 4 HOH 86 2089 2089 HOH HOH A . 
G 4 HOH 87 2090 2090 HOH HOH A . 
G 4 HOH 88 2091 2091 HOH HOH A . 
G 4 HOH 89 2092 2092 HOH HOH A . 
G 4 HOH 90 2093 2093 HOH HOH A . 
G 4 HOH 91 2094 2094 HOH HOH A . 
G 4 HOH 92 2095 2095 HOH HOH A . 
G 4 HOH 93 2096 2096 HOH HOH A . 
G 4 HOH 94 2097 2097 HOH HOH A . 
G 4 HOH 95 2100 2100 HOH HOH A . 
G 4 HOH 96 2101 2101 HOH HOH A . 
G 4 HOH 97 2102 2102 HOH HOH A . 
G 4 HOH 98 2103 2103 HOH HOH A . 
H 4 HOH 1  2001 2001 HOH HOH B . 
H 4 HOH 2  2002 2002 HOH HOH B . 
H 4 HOH 3  2003 2003 HOH HOH B . 
H 4 HOH 4  2004 2004 HOH HOH B . 
H 4 HOH 5  2005 2005 HOH HOH B . 
H 4 HOH 6  2006 2006 HOH HOH B . 
H 4 HOH 7  2007 2007 HOH HOH B . 
H 4 HOH 8  2008 2008 HOH HOH B . 
H 4 HOH 9  2009 2009 HOH HOH B . 
H 4 HOH 10 2010 2010 HOH HOH B . 
H 4 HOH 11 2011 2011 HOH HOH B . 
H 4 HOH 12 2012 2012 HOH HOH B . 
H 4 HOH 13 2013 2013 HOH HOH B . 
H 4 HOH 14 2014 2014 HOH HOH B . 
H 4 HOH 15 2016 2016 HOH HOH B . 
H 4 HOH 16 2017 2017 HOH HOH B . 
H 4 HOH 17 2018 2018 HOH HOH B . 
H 4 HOH 18 2019 2019 HOH HOH B . 
H 4 HOH 19 2020 2020 HOH HOH B . 
H 4 HOH 20 2021 2021 HOH HOH B . 
H 4 HOH 21 2022 2022 HOH HOH B . 
H 4 HOH 22 2023 2023 HOH HOH B . 
H 4 HOH 23 2024 2024 HOH HOH B . 
H 4 HOH 24 2025 2025 HOH HOH B . 
H 4 HOH 25 2026 2026 HOH HOH B . 
H 4 HOH 26 2027 2027 HOH HOH B . 
H 4 HOH 27 2028 2028 HOH HOH B . 
H 4 HOH 28 2029 2029 HOH HOH B . 
H 4 HOH 29 2030 2030 HOH HOH B . 
H 4 HOH 30 2031 2031 HOH HOH B . 
H 4 HOH 31 2032 2032 HOH HOH B . 
H 4 HOH 32 2033 2033 HOH HOH B . 
H 4 HOH 33 2034 2034 HOH HOH B . 
H 4 HOH 34 2036 2036 HOH HOH B . 
H 4 HOH 35 2037 2037 HOH HOH B . 
H 4 HOH 36 2038 2038 HOH HOH B . 
H 4 HOH 37 2039 2039 HOH HOH B . 
H 4 HOH 38 2040 2040 HOH HOH B . 
H 4 HOH 39 2041 2041 HOH HOH B . 
H 4 HOH 40 2042 2042 HOH HOH B . 
H 4 HOH 41 2043 2043 HOH HOH B . 
H 4 HOH 42 2044 2044 HOH HOH B . 
H 4 HOH 43 2045 2045 HOH HOH B . 
H 4 HOH 44 2046 2046 HOH HOH B . 
H 4 HOH 45 2047 2047 HOH HOH B . 
H 4 HOH 46 2048 2048 HOH HOH B . 
H 4 HOH 47 2049 2049 HOH HOH B . 
H 4 HOH 48 2050 2050 HOH HOH B . 
H 4 HOH 49 2051 2051 HOH HOH B . 
H 4 HOH 50 2052 2052 HOH HOH B . 
H 4 HOH 51 2053 2053 HOH HOH B . 
H 4 HOH 52 2054 2054 HOH HOH B . 
H 4 HOH 53 2055 2055 HOH HOH B . 
H 4 HOH 54 2056 2056 HOH HOH B . 
H 4 HOH 55 2057 2057 HOH HOH B . 
H 4 HOH 56 2058 2058 HOH HOH B . 
H 4 HOH 57 2059 2059 HOH HOH B . 
H 4 HOH 58 2060 2060 HOH HOH B . 
H 4 HOH 59 2061 2061 HOH HOH B . 
H 4 HOH 60 2062 2062 HOH HOH B . 
H 4 HOH 61 2064 2064 HOH HOH B . 
H 4 HOH 62 2065 2065 HOH HOH B . 
H 4 HOH 63 2066 2066 HOH HOH B . 
H 4 HOH 64 2067 2067 HOH HOH B . 
H 4 HOH 65 2068 2068 HOH HOH B . 
H 4 HOH 66 2069 2069 HOH HOH B . 
H 4 HOH 67 2071 2071 HOH HOH B . 
H 4 HOH 68 2072 2072 HOH HOH B . 
H 4 HOH 69 2073 2073 HOH HOH B . 
H 4 HOH 70 2074 2074 HOH HOH B . 
H 4 HOH 71 2075 2075 HOH HOH B . 
H 4 HOH 72 2076 2076 HOH HOH B . 
H 4 HOH 73 2077 2077 HOH HOH B . 
H 4 HOH 74 2078 2078 HOH HOH B . 
H 4 HOH 75 2079 2079 HOH HOH B . 
H 4 HOH 76 2080 2080 HOH HOH B . 
H 4 HOH 77 2081 2081 HOH HOH B . 
H 4 HOH 78 2082 2082 HOH HOH B . 
H 4 HOH 79 2083 2083 HOH HOH B . 
H 4 HOH 80 2084 2084 HOH HOH B . 
H 4 HOH 81 2085 2085 HOH HOH B . 
H 4 HOH 82 2086 2086 HOH HOH B . 
H 4 HOH 83 2087 2087 HOH HOH B . 
H 4 HOH 84 2088 2088 HOH HOH B . 
H 4 HOH 85 2089 2089 HOH HOH B . 
H 4 HOH 86 2090 2090 HOH HOH B . 
H 4 HOH 87 2091 2091 HOH HOH B . 
H 4 HOH 88 2092 2092 HOH HOH B . 
H 4 HOH 89 2093 2093 HOH HOH B . 
H 4 HOH 90 2094 2094 HOH HOH B . 
H 4 HOH 91 2095 2095 HOH HOH B . 
H 4 HOH 92 2096 2096 HOH HOH B . 
H 4 HOH 93 2097 2097 HOH HOH B . 
H 4 HOH 94 2098 2098 HOH HOH B . 
# 
_pdbx_struct_assembly.id                   1 
_pdbx_struct_assembly.details              author_and_software_defined_assembly 
_pdbx_struct_assembly.method_details       PISA 
_pdbx_struct_assembly.oligomeric_details   dimeric 
_pdbx_struct_assembly.oligomeric_count     2 
# 
_pdbx_struct_assembly_gen.assembly_id       1 
_pdbx_struct_assembly_gen.oper_expression   1 
_pdbx_struct_assembly_gen.asym_id_list      A,B,C,D,E,F,G,H 
# 
loop_
_pdbx_struct_assembly_prop.biol_id 
_pdbx_struct_assembly_prop.type 
_pdbx_struct_assembly_prop.value 
_pdbx_struct_assembly_prop.details 
1 'ABSA (A^2)' 1600  ? 
1 MORE         -14.4 ? 
1 'SSA (A^2)'  4550  ? 
# 
_pdbx_struct_oper_list.id                   1 
_pdbx_struct_oper_list.type                 'identity operation' 
_pdbx_struct_oper_list.name                 1_555 
_pdbx_struct_oper_list.symmetry_operation   x,y,z 
_pdbx_struct_oper_list.matrix[1][1]         1.0000000000 
_pdbx_struct_oper_list.matrix[1][2]         0.0000000000 
_pdbx_struct_oper_list.matrix[1][3]         0.0000000000 
_pdbx_struct_oper_list.vector[1]            0.0000000000 
_pdbx_struct_oper_list.matrix[2][1]         0.0000000000 
_pdbx_struct_oper_list.matrix[2][2]         1.0000000000 
_pdbx_struct_oper_list.matrix[2][3]         0.0000000000 
_pdbx_struct_oper_list.vector[2]            0.0000000000 
_pdbx_struct_oper_list.matrix[3][1]         0.0000000000 
_pdbx_struct_oper_list.matrix[3][2]         0.0000000000 
_pdbx_struct_oper_list.matrix[3][3]         1.0000000000 
_pdbx_struct_oper_list.vector[3]            0.0000000000 
# 
loop_
_pdbx_struct_conn_angle.id 
_pdbx_struct_conn_angle.ptnr1_label_atom_id 
_pdbx_struct_conn_angle.ptnr1_label_alt_id 
_pdbx_struct_conn_angle.ptnr1_label_asym_id 
_pdbx_struct_conn_angle.ptnr1_label_comp_id 
_pdbx_struct_conn_angle.ptnr1_label_seq_id 
_pdbx_struct_conn_angle.ptnr1_auth_atom_id 
_pdbx_struct_conn_angle.ptnr1_auth_asym_id 
_pdbx_struct_conn_angle.ptnr1_auth_comp_id 
_pdbx_struct_conn_angle.ptnr1_auth_seq_id 
_pdbx_struct_conn_angle.ptnr1_PDB_ins_code 
_pdbx_struct_conn_angle.ptnr1_symmetry 
_pdbx_struct_conn_angle.ptnr2_label_atom_id 
_pdbx_struct_conn_angle.ptnr2_label_alt_id 
_pdbx_struct_conn_angle.ptnr2_label_asym_id 
_pdbx_struct_conn_angle.ptnr2_label_comp_id 
_pdbx_struct_conn_angle.ptnr2_label_seq_id 
_pdbx_struct_conn_angle.ptnr2_auth_atom_id 
_pdbx_struct_conn_angle.ptnr2_auth_asym_id 
_pdbx_struct_conn_angle.ptnr2_auth_comp_id 
_pdbx_struct_conn_angle.ptnr2_auth_seq_id 
_pdbx_struct_conn_angle.ptnr2_PDB_ins_code 
_pdbx_struct_conn_angle.ptnr2_symmetry 
_pdbx_struct_conn_angle.ptnr3_label_atom_id 
_pdbx_struct_conn_angle.ptnr3_label_alt_id 
_pdbx_struct_conn_angle.ptnr3_label_asym_id 
_pdbx_struct_conn_angle.ptnr3_label_comp_id 
_pdbx_struct_conn_angle.ptnr3_label_seq_id 
_pdbx_struct_conn_angle.ptnr3_auth_atom_id 
_pdbx_struct_conn_angle.ptnr3_auth_asym_id 
_pdbx_struct_conn_angle.ptnr3_auth_comp_id 
_pdbx_struct_conn_angle.ptnr3_auth_seq_id 
_pdbx_struct_conn_angle.ptnr3_PDB_ins_code 
_pdbx_struct_conn_angle.ptnr3_symmetry 
_pdbx_struct_conn_angle.value 
_pdbx_struct_conn_angle.value_esd 
1  O   ? G HOH .  ? A HOH 2004 ? 3_645 MG ? C MG . ? A MG 1013 ? 1_555 O   ? G HOH .  ? A HOH 2025 ? 3_645 91.0  ? 
2  O   ? G HOH .  ? A HOH 2004 ? 3_645 MG ? C MG . ? A MG 1013 ? 1_555 O   ? G HOH .  ? A HOH 2060 ? 1_555 87.3  ? 
3  O   ? G HOH .  ? A HOH 2025 ? 3_645 MG ? C MG . ? A MG 1013 ? 1_555 O   ? G HOH .  ? A HOH 2060 ? 1_555 175.4 ? 
4  O   ? G HOH .  ? A HOH 2004 ? 3_645 MG ? C MG . ? A MG 1013 ? 1_555 O   ? G HOH .  ? A HOH 2061 ? 1_555 174.5 ? 
5  O   ? G HOH .  ? A HOH 2025 ? 3_645 MG ? C MG . ? A MG 1013 ? 1_555 O   ? G HOH .  ? A HOH 2061 ? 1_555 90.2  ? 
6  O   ? G HOH .  ? A HOH 2060 ? 1_555 MG ? C MG . ? A MG 1013 ? 1_555 O   ? G HOH .  ? A HOH 2061 ? 1_555 91.9  ? 
7  O   ? G HOH .  ? A HOH 2004 ? 3_645 MG ? C MG . ? A MG 1013 ? 1_555 O   ? G HOH .  ? A HOH 2073 ? 1_555 94.3  ? 
8  O   ? G HOH .  ? A HOH 2025 ? 3_645 MG ? C MG . ? A MG 1013 ? 1_555 O   ? G HOH .  ? A HOH 2073 ? 1_555 88.5  ? 
9  O   ? G HOH .  ? A HOH 2060 ? 1_555 MG ? C MG . ? A MG 1013 ? 1_555 O   ? G HOH .  ? A HOH 2073 ? 1_555 87.3  ? 
10 O   ? G HOH .  ? A HOH 2061 ? 1_555 MG ? C MG . ? A MG 1013 ? 1_555 O   ? G HOH .  ? A HOH 2073 ? 1_555 91.1  ? 
11 O   ? G HOH .  ? A HOH 2004 ? 3_645 MG ? C MG . ? A MG 1013 ? 1_555 O   ? H HOH .  ? B HOH 2079 ? 3_645 86.6  ? 
12 O   ? G HOH .  ? A HOH 2025 ? 3_645 MG ? C MG . ? A MG 1013 ? 1_555 O   ? H HOH .  ? B HOH 2079 ? 3_645 94.7  ? 
13 O   ? G HOH .  ? A HOH 2060 ? 1_555 MG ? C MG . ? A MG 1013 ? 1_555 O   ? H HOH .  ? B HOH 2079 ? 3_645 89.5  ? 
14 O   ? G HOH .  ? A HOH 2061 ? 1_555 MG ? C MG . ? A MG 1013 ? 1_555 O   ? H HOH .  ? B HOH 2079 ? 3_645 88.0  ? 
15 O   ? G HOH .  ? A HOH 2073 ? 1_555 MG ? C MG . ? A MG 1013 ? 1_555 O   ? H HOH .  ? B HOH 2079 ? 3_645 176.6 ? 
16 O   ? G HOH .  ? A HOH 2041 ? 1_555 MG ? D MG . ? A MG 1014 ? 1_555 O   ? G HOH .  ? A HOH 2044 ? 1_555 91.6  ? 
17 O   ? G HOH .  ? A HOH 2041 ? 1_555 MG ? D MG . ? A MG 1014 ? 1_555 OP1 ? B DG  10 ? B DG  22   ? 1_655 83.0  ? 
18 O   ? G HOH .  ? A HOH 2044 ? 1_555 MG ? D MG . ? A MG 1014 ? 1_555 OP1 ? B DG  10 ? B DG  22   ? 1_655 174.3 ? 
19 O   ? G HOH .  ? A HOH 2041 ? 1_555 MG ? D MG . ? A MG 1014 ? 1_555 O   ? H HOH .  ? B HOH 2073 ? 1_655 168.7 ? 
20 O   ? G HOH .  ? A HOH 2044 ? 1_555 MG ? D MG . ? A MG 1014 ? 1_555 O   ? H HOH .  ? B HOH 2073 ? 1_655 89.4  ? 
21 OP1 ? B DG  10 ? B DG  22   ? 1_655 MG ? D MG . ? A MG 1014 ? 1_555 O   ? H HOH .  ? B HOH 2073 ? 1_655 96.2  ? 
22 O   ? G HOH .  ? A HOH 2041 ? 1_555 MG ? D MG . ? A MG 1014 ? 1_555 O   ? H HOH .  ? B HOH 2074 ? 1_655 82.9  ? 
23 O   ? G HOH .  ? A HOH 2044 ? 1_555 MG ? D MG . ? A MG 1014 ? 1_555 O   ? H HOH .  ? B HOH 2074 ? 1_655 89.2  ? 
24 OP1 ? B DG  10 ? B DG  22   ? 1_655 MG ? D MG . ? A MG 1014 ? 1_555 O   ? H HOH .  ? B HOH 2074 ? 1_655 91.8  ? 
25 O   ? H HOH .  ? B HOH 2073 ? 1_655 MG ? D MG . ? A MG 1014 ? 1_555 O   ? H HOH .  ? B HOH 2074 ? 1_655 85.8  ? 
26 O   ? G HOH .  ? A HOH 2100 ? 4_465 MG ? F MG . ? B MG 1026 ? 1_555 O   ? G HOH .  ? A HOH 2101 ? 4_465 99.3  ? 
27 O   ? G HOH .  ? A HOH 2100 ? 4_465 MG ? F MG . ? B MG 1026 ? 1_555 O   ? H HOH .  ? B HOH 2053 ? 1_555 90.7  ? 
28 O   ? G HOH .  ? A HOH 2101 ? 4_465 MG ? F MG . ? B MG 1026 ? 1_555 O   ? H HOH .  ? B HOH 2053 ? 1_555 83.0  ? 
29 O   ? G HOH .  ? A HOH 2100 ? 4_465 MG ? F MG . ? B MG 1026 ? 1_555 O   ? H HOH .  ? B HOH 2059 ? 1_555 174.6 ? 
30 O   ? G HOH .  ? A HOH 2101 ? 4_465 MG ? F MG . ? B MG 1026 ? 1_555 O   ? H HOH .  ? B HOH 2059 ? 1_555 85.7  ? 
31 O   ? H HOH .  ? B HOH 2053 ? 1_555 MG ? F MG . ? B MG 1026 ? 1_555 O   ? H HOH .  ? B HOH 2059 ? 1_555 87.9  ? 
32 O   ? G HOH .  ? A HOH 2100 ? 4_465 MG ? F MG . ? B MG 1026 ? 1_555 O   ? H HOH .  ? B HOH 2097 ? 1_555 89.3  ? 
33 O   ? G HOH .  ? A HOH 2101 ? 4_465 MG ? F MG . ? B MG 1026 ? 1_555 O   ? H HOH .  ? B HOH 2097 ? 1_555 87.1  ? 
34 O   ? H HOH .  ? B HOH 2053 ? 1_555 MG ? F MG . ? B MG 1026 ? 1_555 O   ? H HOH .  ? B HOH 2097 ? 1_555 170.0 ? 
35 O   ? H HOH .  ? B HOH 2059 ? 1_555 MG ? F MG . ? B MG 1026 ? 1_555 O   ? H HOH .  ? B HOH 2097 ? 1_555 93.0  ? 
36 O   ? G HOH .  ? A HOH 2100 ? 4_465 MG ? F MG . ? B MG 1026 ? 1_555 O   ? H HOH .  ? B HOH 2098 ? 1_555 80.6  ? 
37 O   ? G HOH .  ? A HOH 2101 ? 4_465 MG ? F MG . ? B MG 1026 ? 1_555 O   ? H HOH .  ? B HOH 2098 ? 1_555 178.9 ? 
38 O   ? H HOH .  ? B HOH 2053 ? 1_555 MG ? F MG . ? B MG 1026 ? 1_555 O   ? H HOH .  ? B HOH 2098 ? 1_555 98.1  ? 
39 O   ? H HOH .  ? B HOH 2059 ? 1_555 MG ? F MG . ? B MG 1026 ? 1_555 O   ? H HOH .  ? B HOH 2098 ? 1_555 94.4  ? 
40 O   ? H HOH .  ? B HOH 2097 ? 1_555 MG ? F MG . ? B MG 1026 ? 1_555 O   ? H HOH .  ? B HOH 2098 ? 1_555 91.8  ? 
# 
loop_
_pdbx_audit_revision_history.ordinal 
_pdbx_audit_revision_history.data_content_type 
_pdbx_audit_revision_history.major_revision 
_pdbx_audit_revision_history.minor_revision 
_pdbx_audit_revision_history.revision_date 
1 'Structure model' 1 0 2013-01-16 
2 'Structure model' 1 1 2019-01-30 
3 'Structure model' 1 2 2019-05-08 
4 'Structure model' 1 3 2023-12-20 
# 
_pdbx_audit_revision_details.ordinal             1 
_pdbx_audit_revision_details.revision_ordinal    1 
_pdbx_audit_revision_details.data_content_type   'Structure model' 
_pdbx_audit_revision_details.provider            repository 
_pdbx_audit_revision_details.type                'Initial release' 
_pdbx_audit_revision_details.description         ? 
_pdbx_audit_revision_details.details             ? 
# 
loop_
_pdbx_audit_revision_group.ordinal 
_pdbx_audit_revision_group.revision_ordinal 
_pdbx_audit_revision_group.data_content_type 
_pdbx_audit_revision_group.group 
1 2 'Structure model' 'Data collection'          
2 2 'Structure model' 'Experimental preparation' 
3 3 'Structure model' 'Data collection'          
4 3 'Structure model' 'Experimental preparation' 
5 4 'Structure model' 'Data collection'          
6 4 'Structure model' 'Database references'      
7 4 'Structure model' 'Derived calculations'     
8 4 'Structure model' Other                      
9 4 'Structure model' 'Refinement description'   
# 
loop_
_pdbx_audit_revision_category.ordinal 
_pdbx_audit_revision_category.revision_ordinal 
_pdbx_audit_revision_category.data_content_type 
_pdbx_audit_revision_category.category 
1  2 'Structure model' exptl_crystal_grow            
2  3 'Structure model' exptl_crystal_grow            
3  3 'Structure model' pdbx_seq_map_depositor_info   
4  3 'Structure model' struct_biol                   
5  4 'Structure model' chem_comp_atom                
6  4 'Structure model' chem_comp_bond                
7  4 'Structure model' database_2                    
8  4 'Structure model' pdbx_database_status          
9  4 'Structure model' pdbx_initial_refinement_model 
10 4 'Structure model' pdbx_struct_conn_angle        
11 4 'Structure model' struct_conn                   
12 4 'Structure model' struct_site                   
# 
loop_
_pdbx_audit_revision_item.ordinal 
_pdbx_audit_revision_item.revision_ordinal 
_pdbx_audit_revision_item.data_content_type 
_pdbx_audit_revision_item.item 
1  2 'Structure model' '_exptl_crystal_grow.method'                       
2  3 'Structure model' '_exptl_crystal_grow.temp'                         
3  3 'Structure model' '_pdbx_seq_map_depositor_info.one_letter_code_mod' 
4  4 'Structure model' '_database_2.pdbx_DOI'                             
5  4 'Structure model' '_database_2.pdbx_database_accession'              
6  4 'Structure model' '_pdbx_database_status.status_code_sf'             
7  4 'Structure model' '_pdbx_struct_conn_angle.ptnr1_auth_asym_id'       
8  4 'Structure model' '_pdbx_struct_conn_angle.ptnr1_auth_comp_id'       
9  4 'Structure model' '_pdbx_struct_conn_angle.ptnr1_auth_seq_id'        
10 4 'Structure model' '_pdbx_struct_conn_angle.ptnr1_label_asym_id'      
11 4 'Structure model' '_pdbx_struct_conn_angle.ptnr1_label_atom_id'      
12 4 'Structure model' '_pdbx_struct_conn_angle.ptnr1_label_comp_id'      
13 4 'Structure model' '_pdbx_struct_conn_angle.ptnr1_label_seq_id'       
14 4 'Structure model' '_pdbx_struct_conn_angle.ptnr1_symmetry'           
15 4 'Structure model' '_pdbx_struct_conn_angle.ptnr3_auth_asym_id'       
16 4 'Structure model' '_pdbx_struct_conn_angle.ptnr3_auth_comp_id'       
17 4 'Structure model' '_pdbx_struct_conn_angle.ptnr3_auth_seq_id'        
18 4 'Structure model' '_pdbx_struct_conn_angle.ptnr3_label_asym_id'      
19 4 'Structure model' '_pdbx_struct_conn_angle.ptnr3_label_atom_id'      
20 4 'Structure model' '_pdbx_struct_conn_angle.ptnr3_label_comp_id'      
21 4 'Structure model' '_pdbx_struct_conn_angle.ptnr3_label_seq_id'       
22 4 'Structure model' '_pdbx_struct_conn_angle.ptnr3_symmetry'           
23 4 'Structure model' '_pdbx_struct_conn_angle.value'                    
24 4 'Structure model' '_struct_conn.pdbx_dist_value'                     
25 4 'Structure model' '_struct_conn.ptnr1_auth_asym_id'                  
26 4 'Structure model' '_struct_conn.ptnr1_auth_comp_id'                  
27 4 'Structure model' '_struct_conn.ptnr1_auth_seq_id'                   
28 4 'Structure model' '_struct_conn.ptnr1_label_asym_id'                 
29 4 'Structure model' '_struct_conn.ptnr1_label_atom_id'                 
30 4 'Structure model' '_struct_conn.ptnr1_label_comp_id'                 
31 4 'Structure model' '_struct_conn.ptnr1_symmetry'                      
32 4 'Structure model' '_struct_conn.ptnr2_auth_asym_id'                  
33 4 'Structure model' '_struct_conn.ptnr2_auth_comp_id'                  
34 4 'Structure model' '_struct_conn.ptnr2_auth_seq_id'                   
35 4 'Structure model' '_struct_conn.ptnr2_label_asym_id'                 
36 4 'Structure model' '_struct_conn.ptnr2_label_atom_id'                 
37 4 'Structure model' '_struct_conn.ptnr2_label_comp_id'                 
38 4 'Structure model' '_struct_conn.ptnr2_label_seq_id'                  
39 4 'Structure model' '_struct_conn.ptnr2_symmetry'                      
40 4 'Structure model' '_struct_site.pdbx_auth_asym_id'                   
41 4 'Structure model' '_struct_site.pdbx_auth_comp_id'                   
42 4 'Structure model' '_struct_site.pdbx_auth_seq_id'                    
# 
loop_
_software.name 
_software.classification 
_software.version 
_software.citation_id 
_software.pdbx_ordinal 
_software.date 
_software.type 
_software.location 
_software.language 
REFMAC refinement       5.5.0110 ? 1 ? ? ? ? 
MOSFLM 'data reduction' .        ? 2 ? ? ? ? 
SCALA  'data scaling'   .        ? 3 ? ? ? ? 
PHASER phasing          .        ? 4 ? ? ? ? 
# 
loop_
_pdbx_validate_close_contact.id 
_pdbx_validate_close_contact.PDB_model_num 
_pdbx_validate_close_contact.auth_atom_id_1 
_pdbx_validate_close_contact.auth_asym_id_1 
_pdbx_validate_close_contact.auth_comp_id_1 
_pdbx_validate_close_contact.auth_seq_id_1 
_pdbx_validate_close_contact.PDB_ins_code_1 
_pdbx_validate_close_contact.label_alt_id_1 
_pdbx_validate_close_contact.auth_atom_id_2 
_pdbx_validate_close_contact.auth_asym_id_2 
_pdbx_validate_close_contact.auth_comp_id_2 
_pdbx_validate_close_contact.auth_seq_id_2 
_pdbx_validate_close_contact.PDB_ins_code_2 
_pdbx_validate_close_contact.label_alt_id_2 
_pdbx_validate_close_contact.dist 
1 1 N24 B D98 1025 ? ? O B HOH 2096 ? ? 2.01 
2 1 O   B HOH 2009 ? ? O B HOH 2010 ? ? 2.09 
3 1 O   A HOH 2036 ? ? O A HOH 2088 ? ? 2.19 
# 
loop_
_pdbx_validate_rmsd_bond.id 
_pdbx_validate_rmsd_bond.PDB_model_num 
_pdbx_validate_rmsd_bond.auth_atom_id_1 
_pdbx_validate_rmsd_bond.auth_asym_id_1 
_pdbx_validate_rmsd_bond.auth_comp_id_1 
_pdbx_validate_rmsd_bond.auth_seq_id_1 
_pdbx_validate_rmsd_bond.PDB_ins_code_1 
_pdbx_validate_rmsd_bond.label_alt_id_1 
_pdbx_validate_rmsd_bond.auth_atom_id_2 
_pdbx_validate_rmsd_bond.auth_asym_id_2 
_pdbx_validate_rmsd_bond.auth_comp_id_2 
_pdbx_validate_rmsd_bond.auth_seq_id_2 
_pdbx_validate_rmsd_bond.PDB_ins_code_2 
_pdbx_validate_rmsd_bond.label_alt_id_2 
_pdbx_validate_rmsd_bond.bond_value 
_pdbx_validate_rmsd_bond.bond_target_value 
_pdbx_validate_rmsd_bond.bond_deviation 
_pdbx_validate_rmsd_bond.bond_standard_deviation 
_pdbx_validate_rmsd_bond.linker_flag 
1 1 "O3'" A DA 6  ? ? "C3'" A DA 6  ? ? 1.382 1.419 -0.037 0.006 N 
2 1 "O3'" B DC 13 ? ? "C3'" B DC 13 ? ? 1.360 1.419 -0.059 0.006 N 
3 1 "O3'" B DG 14 ? ? P     B DC 15 ? ? 1.535 1.607 -0.072 0.012 Y 
4 1 C6    B DT 20 ? ? N1    B DT 20 ? ? 1.421 1.378 0.043  0.007 N 
5 1 "C3'" B DC 23 ? ? "C2'" B DC 23 ? ? 1.459 1.516 -0.057 0.008 N 
6 1 "O3'" B DC 23 ? ? "C3'" B DC 23 ? ? 1.377 1.419 -0.042 0.006 N 
# 
loop_
_pdbx_validate_rmsd_angle.id 
_pdbx_validate_rmsd_angle.PDB_model_num 
_pdbx_validate_rmsd_angle.auth_atom_id_1 
_pdbx_validate_rmsd_angle.auth_asym_id_1 
_pdbx_validate_rmsd_angle.auth_comp_id_1 
_pdbx_validate_rmsd_angle.auth_seq_id_1 
_pdbx_validate_rmsd_angle.PDB_ins_code_1 
_pdbx_validate_rmsd_angle.label_alt_id_1 
_pdbx_validate_rmsd_angle.auth_atom_id_2 
_pdbx_validate_rmsd_angle.auth_asym_id_2 
_pdbx_validate_rmsd_angle.auth_comp_id_2 
_pdbx_validate_rmsd_angle.auth_seq_id_2 
_pdbx_validate_rmsd_angle.PDB_ins_code_2 
_pdbx_validate_rmsd_angle.label_alt_id_2 
_pdbx_validate_rmsd_angle.auth_atom_id_3 
_pdbx_validate_rmsd_angle.auth_asym_id_3 
_pdbx_validate_rmsd_angle.auth_comp_id_3 
_pdbx_validate_rmsd_angle.auth_seq_id_3 
_pdbx_validate_rmsd_angle.PDB_ins_code_3 
_pdbx_validate_rmsd_angle.label_alt_id_3 
_pdbx_validate_rmsd_angle.angle_value 
_pdbx_validate_rmsd_angle.angle_target_value 
_pdbx_validate_rmsd_angle.angle_deviation 
_pdbx_validate_rmsd_angle.angle_standard_deviation 
_pdbx_validate_rmsd_angle.linker_flag 
1  1 N3    A DC 1  ? ? C4    A DC 1  ? ? C5    A DC 1  ? ? 119.38 121.90 -2.52 0.40 N 
2  1 C4    A DC 1  ? ? C5    A DC 1  ? ? C6    A DC 1  ? ? 121.23 117.40 3.83  0.50 N 
3  1 C4    A DG 2  ? ? C5    A DG 2  ? ? N7    A DG 2  ? ? 108.25 110.80 -2.55 0.40 N 
4  1 C5    A DG 2  ? ? N7    A DG 2  ? ? C8    A DG 2  ? ? 107.97 104.30 3.67  0.50 N 
5  1 N7    A DG 2  ? ? C8    A DG 2  ? ? N9    A DG 2  ? ? 109.37 113.10 -3.73 0.50 N 
6  1 N1    A DG 2  ? ? C6    A DG 2  ? ? O6    A DG 2  ? ? 115.81 119.90 -4.09 0.60 N 
7  1 N3    A DC 3  ? ? C4    A DC 3  ? ? C5    A DC 3  ? ? 117.84 121.90 -4.06 0.40 N 
8  1 N7    A DG 4  ? ? C8    A DG 4  ? ? N9    A DG 4  ? ? 116.18 113.10 3.08  0.50 N 
9  1 C8    A DG 4  ? ? N9    A DG 4  ? ? C4    A DG 4  ? ? 103.70 106.40 -2.70 0.40 N 
10 1 N7    A DA 5  ? ? C8    A DA 5  ? ? N9    A DA 5  ? ? 110.79 113.80 -3.01 0.50 N 
11 1 "O4'" A DC 11 ? ? "C1'" A DC 11 ? ? "C2'" A DC 11 ? ? 100.60 105.90 -5.30 0.80 N 
12 1 "O4'" A DC 11 ? ? "C1'" A DC 11 ? ? N1    A DC 11 ? ? 100.44 108.00 -7.56 0.70 N 
13 1 "O5'" A DG 12 ? ? P     A DG 12 ? ? OP2   A DG 12 ? ? 99.20  105.70 -6.50 0.90 N 
14 1 "O4'" B DG 14 ? ? "C4'" B DG 14 ? ? "C3'" B DG 14 ? ? 113.23 106.00 7.23  0.60 N 
15 1 "C1'" B DG 14 ? ? "O4'" B DG 14 ? ? "C4'" B DG 14 ? ? 102.29 110.10 -7.81 1.00 N 
16 1 "O4'" B DG 14 ? ? "C1'" B DG 14 ? ? N9    B DG 14 ? ? 101.68 108.00 -6.32 0.70 N 
17 1 C4    B DG 14 ? ? C5    B DG 14 ? ? N7    B DG 14 ? ? 108.13 110.80 -2.67 0.40 N 
18 1 "O4'" B DA 18 ? ? "C1'" B DA 18 ? ? N9    B DA 18 ? ? 103.72 108.00 -4.28 0.70 N 
19 1 C5    B DA 18 ? ? C6    B DA 18 ? ? N1    B DA 18 ? ? 114.03 117.70 -3.67 0.50 N 
20 1 C5    B DA 18 ? ? N7    B DA 18 ? ? C8    B DA 18 ? ? 100.85 103.90 -3.05 0.50 N 
21 1 N7    B DA 18 ? ? C8    B DA 18 ? ? N9    B DA 18 ? ? 116.81 113.80 3.01  0.50 N 
22 1 N1    B DG 22 ? ? C2    B DG 22 ? ? N3    B DG 22 ? ? 119.46 123.90 -4.44 0.60 N 
23 1 C2    B DG 22 ? ? N3    B DG 22 ? ? C4    B DG 22 ? ? 114.94 111.90 3.04  0.50 N 
24 1 C5    B DG 22 ? ? C6    B DG 22 ? ? N1    B DG 22 ? ? 114.75 111.50 3.25  0.50 N 
25 1 "C4'" B DC 23 ? ? "C3'" B DC 23 ? ? "C2'" B DC 23 ? ? 109.46 103.10 6.36  0.90 N 
26 1 C2    B DC 23 ? ? N3    B DC 23 ? ? C4    B DC 23 ? ? 122.94 119.90 3.04  0.50 N 
27 1 "O4'" B DG 24 ? ? "C4'" B DG 24 ? ? "C3'" B DG 24 ? ? 99.68  104.50 -4.82 0.40 N 
# 
_pdbx_validate_planes.id              1 
_pdbx_validate_planes.PDB_model_num   1 
_pdbx_validate_planes.auth_comp_id    DC 
_pdbx_validate_planes.auth_asym_id    B 
_pdbx_validate_planes.auth_seq_id     21 
_pdbx_validate_planes.PDB_ins_code    ? 
_pdbx_validate_planes.label_alt_id    ? 
_pdbx_validate_planes.rmsd            0.067 
_pdbx_validate_planes.type            'SIDE CHAIN' 
# 
loop_
_pdbx_distant_solvent_atoms.id 
_pdbx_distant_solvent_atoms.PDB_model_num 
_pdbx_distant_solvent_atoms.auth_atom_id 
_pdbx_distant_solvent_atoms.label_alt_id 
_pdbx_distant_solvent_atoms.auth_asym_id 
_pdbx_distant_solvent_atoms.auth_comp_id 
_pdbx_distant_solvent_atoms.auth_seq_id 
_pdbx_distant_solvent_atoms.PDB_ins_code 
_pdbx_distant_solvent_atoms.neighbor_macromolecule_distance 
_pdbx_distant_solvent_atoms.neighbor_ligand_distance 
1 1 O A A HOH 2011 ? 6.40 . 
2 1 O ? B HOH 2010 ? 5.99 . 
# 
loop_
_chem_comp_atom.comp_id 
_chem_comp_atom.atom_id 
_chem_comp_atom.type_symbol 
_chem_comp_atom.pdbx_aromatic_flag 
_chem_comp_atom.pdbx_stereo_config 
_chem_comp_atom.pdbx_ordinal 
D98 C1     C  Y N 1   
D98 C2     C  Y N 2   
D98 C3     C  Y N 3   
D98 C4     C  Y N 4   
D98 C5     C  Y N 5   
D98 C6     C  Y N 6   
D98 C7     C  Y N 7   
D98 C8     C  Y N 8   
D98 C9     C  Y N 9   
D98 C10    C  Y N 10  
D98 C11    C  Y N 11  
D98 C12    C  Y N 12  
D98 C13    C  Y N 13  
D98 N14    N  Y N 14  
D98 C15    C  Y N 15  
D98 C16    C  Y N 16  
D98 N17    N  Y N 17  
D98 C18    C  Y N 18  
D98 C19    C  Y N 19  
D98 C20    C  Y N 20  
D98 C21    C  Y N 21  
D98 C22    C  N N 22  
D98 N24    N  N N 23  
D98 N23    N  N N 24  
D98 C25    C  N N 25  
D98 N26    N  N N 26  
D98 N27    N  N N 27  
D98 OAE    O  N N 28  
D98 H1     H  N N 29  
D98 HAE    H  N N 30  
D98 H4     H  N N 31  
D98 H5     H  N N 32  
D98 H8     H  N N 33  
D98 H12    H  N N 34  
D98 H9     H  N N 35  
D98 H11    H  N N 36  
D98 H14    H  N N 37  
D98 H19    H  N N 38  
D98 H18    H  N N 39  
D98 H20    H  N N 40  
D98 H23    H  N N 41  
D98 H241   H  N N 42  
D98 H242   H  N N 43  
D98 H26    H  N N 44  
D98 H271   H  N N 45  
D98 H272   H  N N 46  
DA  OP3    O  N N 47  
DA  P      P  N N 48  
DA  OP1    O  N N 49  
DA  OP2    O  N N 50  
DA  "O5'"  O  N N 51  
DA  "C5'"  C  N N 52  
DA  "C4'"  C  N R 53  
DA  "O4'"  O  N N 54  
DA  "C3'"  C  N S 55  
DA  "O3'"  O  N N 56  
DA  "C2'"  C  N N 57  
DA  "C1'"  C  N R 58  
DA  N9     N  Y N 59  
DA  C8     C  Y N 60  
DA  N7     N  Y N 61  
DA  C5     C  Y N 62  
DA  C6     C  Y N 63  
DA  N6     N  N N 64  
DA  N1     N  Y N 65  
DA  C2     C  Y N 66  
DA  N3     N  Y N 67  
DA  C4     C  Y N 68  
DA  HOP3   H  N N 69  
DA  HOP2   H  N N 70  
DA  "H5'"  H  N N 71  
DA  "H5''" H  N N 72  
DA  "H4'"  H  N N 73  
DA  "H3'"  H  N N 74  
DA  "HO3'" H  N N 75  
DA  "H2'"  H  N N 76  
DA  "H2''" H  N N 77  
DA  "H1'"  H  N N 78  
DA  H8     H  N N 79  
DA  H61    H  N N 80  
DA  H62    H  N N 81  
DA  H2     H  N N 82  
DC  OP3    O  N N 83  
DC  P      P  N N 84  
DC  OP1    O  N N 85  
DC  OP2    O  N N 86  
DC  "O5'"  O  N N 87  
DC  "C5'"  C  N N 88  
DC  "C4'"  C  N R 89  
DC  "O4'"  O  N N 90  
DC  "C3'"  C  N S 91  
DC  "O3'"  O  N N 92  
DC  "C2'"  C  N N 93  
DC  "C1'"  C  N R 94  
DC  N1     N  N N 95  
DC  C2     C  N N 96  
DC  O2     O  N N 97  
DC  N3     N  N N 98  
DC  C4     C  N N 99  
DC  N4     N  N N 100 
DC  C5     C  N N 101 
DC  C6     C  N N 102 
DC  HOP3   H  N N 103 
DC  HOP2   H  N N 104 
DC  "H5'"  H  N N 105 
DC  "H5''" H  N N 106 
DC  "H4'"  H  N N 107 
DC  "H3'"  H  N N 108 
DC  "HO3'" H  N N 109 
DC  "H2'"  H  N N 110 
DC  "H2''" H  N N 111 
DC  "H1'"  H  N N 112 
DC  H41    H  N N 113 
DC  H42    H  N N 114 
DC  H5     H  N N 115 
DC  H6     H  N N 116 
DG  OP3    O  N N 117 
DG  P      P  N N 118 
DG  OP1    O  N N 119 
DG  OP2    O  N N 120 
DG  "O5'"  O  N N 121 
DG  "C5'"  C  N N 122 
DG  "C4'"  C  N R 123 
DG  "O4'"  O  N N 124 
DG  "C3'"  C  N S 125 
DG  "O3'"  O  N N 126 
DG  "C2'"  C  N N 127 
DG  "C1'"  C  N R 128 
DG  N9     N  Y N 129 
DG  C8     C  Y N 130 
DG  N7     N  Y N 131 
DG  C5     C  Y N 132 
DG  C6     C  N N 133 
DG  O6     O  N N 134 
DG  N1     N  N N 135 
DG  C2     C  N N 136 
DG  N2     N  N N 137 
DG  N3     N  N N 138 
DG  C4     C  Y N 139 
DG  HOP3   H  N N 140 
DG  HOP2   H  N N 141 
DG  "H5'"  H  N N 142 
DG  "H5''" H  N N 143 
DG  "H4'"  H  N N 144 
DG  "H3'"  H  N N 145 
DG  "HO3'" H  N N 146 
DG  "H2'"  H  N N 147 
DG  "H2''" H  N N 148 
DG  "H1'"  H  N N 149 
DG  H8     H  N N 150 
DG  H1     H  N N 151 
DG  H21    H  N N 152 
DG  H22    H  N N 153 
DT  OP3    O  N N 154 
DT  P      P  N N 155 
DT  OP1    O  N N 156 
DT  OP2    O  N N 157 
DT  "O5'"  O  N N 158 
DT  "C5'"  C  N N 159 
DT  "C4'"  C  N R 160 
DT  "O4'"  O  N N 161 
DT  "C3'"  C  N S 162 
DT  "O3'"  O  N N 163 
DT  "C2'"  C  N N 164 
DT  "C1'"  C  N R 165 
DT  N1     N  N N 166 
DT  C2     C  N N 167 
DT  O2     O  N N 168 
DT  N3     N  N N 169 
DT  C4     C  N N 170 
DT  O4     O  N N 171 
DT  C5     C  N N 172 
DT  C7     C  N N 173 
DT  C6     C  N N 174 
DT  HOP3   H  N N 175 
DT  HOP2   H  N N 176 
DT  "H5'"  H  N N 177 
DT  "H5''" H  N N 178 
DT  "H4'"  H  N N 179 
DT  "H3'"  H  N N 180 
DT  "HO3'" H  N N 181 
DT  "H2'"  H  N N 182 
DT  "H2''" H  N N 183 
DT  "H1'"  H  N N 184 
DT  H3     H  N N 185 
DT  H71    H  N N 186 
DT  H72    H  N N 187 
DT  H73    H  N N 188 
DT  H6     H  N N 189 
HOH O      O  N N 190 
HOH H1     H  N N 191 
HOH H2     H  N N 192 
MG  MG     MG N N 193 
# 
loop_
_chem_comp_bond.comp_id 
_chem_comp_bond.atom_id_1 
_chem_comp_bond.atom_id_2 
_chem_comp_bond.value_order 
_chem_comp_bond.pdbx_aromatic_flag 
_chem_comp_bond.pdbx_stereo_config 
_chem_comp_bond.pdbx_ordinal 
D98 C1    C2     sing Y N 1   
D98 C1    C6     doub Y N 2   
D98 C2    C3     doub Y N 3   
D98 C2    OAE    sing N N 4   
D98 C3    C4     sing Y N 5   
D98 C3    C7     sing N N 6   
D98 C4    C5     doub Y N 7   
D98 C5    C6     sing Y N 8   
D98 C6    C25    sing N N 9   
D98 C7    C8     sing Y N 10  
D98 C7    C12    doub Y N 11  
D98 C8    C9     doub Y N 12  
D98 C9    C10    sing Y N 13  
D98 C10   C11    doub Y N 14  
D98 C10   C13    sing N N 15  
D98 C11   C12    sing Y N 16  
D98 C13   N14    sing Y N 17  
D98 C13   N17    doub Y N 18  
D98 N14   C15    sing Y N 19  
D98 C15   C16    sing Y N 20  
D98 C15   C19    doub Y N 21  
D98 C16   N17    sing Y N 22  
D98 C16   C18    doub Y N 23  
D98 C18   C21    sing Y N 24  
D98 C19   C20    sing Y N 25  
D98 C20   C21    doub Y N 26  
D98 C21   C22    sing N N 27  
D98 C22   N23    doub N N 28  
D98 C22   N24    sing N N 29  
D98 C25   N26    doub N N 30  
D98 C25   N27    sing N N 31  
D98 C1    H1     sing N N 32  
D98 OAE   HAE    sing N N 33  
D98 C4    H4     sing N N 34  
D98 C5    H5     sing N N 35  
D98 C8    H8     sing N N 36  
D98 C12   H12    sing N N 37  
D98 C9    H9     sing N N 38  
D98 C11   H11    sing N N 39  
D98 N14   H14    sing N N 40  
D98 C19   H19    sing N N 41  
D98 C18   H18    sing N N 42  
D98 C20   H20    sing N N 43  
D98 N23   H23    sing N N 44  
D98 N24   H241   sing N N 45  
D98 N24   H242   sing N N 46  
D98 N26   H26    sing N N 47  
D98 N27   H271   sing N N 48  
D98 N27   H272   sing N N 49  
DA  OP3   P      sing N N 50  
DA  OP3   HOP3   sing N N 51  
DA  P     OP1    doub N N 52  
DA  P     OP2    sing N N 53  
DA  P     "O5'"  sing N N 54  
DA  OP2   HOP2   sing N N 55  
DA  "O5'" "C5'"  sing N N 56  
DA  "C5'" "C4'"  sing N N 57  
DA  "C5'" "H5'"  sing N N 58  
DA  "C5'" "H5''" sing N N 59  
DA  "C4'" "O4'"  sing N N 60  
DA  "C4'" "C3'"  sing N N 61  
DA  "C4'" "H4'"  sing N N 62  
DA  "O4'" "C1'"  sing N N 63  
DA  "C3'" "O3'"  sing N N 64  
DA  "C3'" "C2'"  sing N N 65  
DA  "C3'" "H3'"  sing N N 66  
DA  "O3'" "HO3'" sing N N 67  
DA  "C2'" "C1'"  sing N N 68  
DA  "C2'" "H2'"  sing N N 69  
DA  "C2'" "H2''" sing N N 70  
DA  "C1'" N9     sing N N 71  
DA  "C1'" "H1'"  sing N N 72  
DA  N9    C8     sing Y N 73  
DA  N9    C4     sing Y N 74  
DA  C8    N7     doub Y N 75  
DA  C8    H8     sing N N 76  
DA  N7    C5     sing Y N 77  
DA  C5    C6     sing Y N 78  
DA  C5    C4     doub Y N 79  
DA  C6    N6     sing N N 80  
DA  C6    N1     doub Y N 81  
DA  N6    H61    sing N N 82  
DA  N6    H62    sing N N 83  
DA  N1    C2     sing Y N 84  
DA  C2    N3     doub Y N 85  
DA  C2    H2     sing N N 86  
DA  N3    C4     sing Y N 87  
DC  OP3   P      sing N N 88  
DC  OP3   HOP3   sing N N 89  
DC  P     OP1    doub N N 90  
DC  P     OP2    sing N N 91  
DC  P     "O5'"  sing N N 92  
DC  OP2   HOP2   sing N N 93  
DC  "O5'" "C5'"  sing N N 94  
DC  "C5'" "C4'"  sing N N 95  
DC  "C5'" "H5'"  sing N N 96  
DC  "C5'" "H5''" sing N N 97  
DC  "C4'" "O4'"  sing N N 98  
DC  "C4'" "C3'"  sing N N 99  
DC  "C4'" "H4'"  sing N N 100 
DC  "O4'" "C1'"  sing N N 101 
DC  "C3'" "O3'"  sing N N 102 
DC  "C3'" "C2'"  sing N N 103 
DC  "C3'" "H3'"  sing N N 104 
DC  "O3'" "HO3'" sing N N 105 
DC  "C2'" "C1'"  sing N N 106 
DC  "C2'" "H2'"  sing N N 107 
DC  "C2'" "H2''" sing N N 108 
DC  "C1'" N1     sing N N 109 
DC  "C1'" "H1'"  sing N N 110 
DC  N1    C2     sing N N 111 
DC  N1    C6     sing N N 112 
DC  C2    O2     doub N N 113 
DC  C2    N3     sing N N 114 
DC  N3    C4     doub N N 115 
DC  C4    N4     sing N N 116 
DC  C4    C5     sing N N 117 
DC  N4    H41    sing N N 118 
DC  N4    H42    sing N N 119 
DC  C5    C6     doub N N 120 
DC  C5    H5     sing N N 121 
DC  C6    H6     sing N N 122 
DG  OP3   P      sing N N 123 
DG  OP3   HOP3   sing N N 124 
DG  P     OP1    doub N N 125 
DG  P     OP2    sing N N 126 
DG  P     "O5'"  sing N N 127 
DG  OP2   HOP2   sing N N 128 
DG  "O5'" "C5'"  sing N N 129 
DG  "C5'" "C4'"  sing N N 130 
DG  "C5'" "H5'"  sing N N 131 
DG  "C5'" "H5''" sing N N 132 
DG  "C4'" "O4'"  sing N N 133 
DG  "C4'" "C3'"  sing N N 134 
DG  "C4'" "H4'"  sing N N 135 
DG  "O4'" "C1'"  sing N N 136 
DG  "C3'" "O3'"  sing N N 137 
DG  "C3'" "C2'"  sing N N 138 
DG  "C3'" "H3'"  sing N N 139 
DG  "O3'" "HO3'" sing N N 140 
DG  "C2'" "C1'"  sing N N 141 
DG  "C2'" "H2'"  sing N N 142 
DG  "C2'" "H2''" sing N N 143 
DG  "C1'" N9     sing N N 144 
DG  "C1'" "H1'"  sing N N 145 
DG  N9    C8     sing Y N 146 
DG  N9    C4     sing Y N 147 
DG  C8    N7     doub Y N 148 
DG  C8    H8     sing N N 149 
DG  N7    C5     sing Y N 150 
DG  C5    C6     sing N N 151 
DG  C5    C4     doub Y N 152 
DG  C6    O6     doub N N 153 
DG  C6    N1     sing N N 154 
DG  N1    C2     sing N N 155 
DG  N1    H1     sing N N 156 
DG  C2    N2     sing N N 157 
DG  C2    N3     doub N N 158 
DG  N2    H21    sing N N 159 
DG  N2    H22    sing N N 160 
DG  N3    C4     sing N N 161 
DT  OP3   P      sing N N 162 
DT  OP3   HOP3   sing N N 163 
DT  P     OP1    doub N N 164 
DT  P     OP2    sing N N 165 
DT  P     "O5'"  sing N N 166 
DT  OP2   HOP2   sing N N 167 
DT  "O5'" "C5'"  sing N N 168 
DT  "C5'" "C4'"  sing N N 169 
DT  "C5'" "H5'"  sing N N 170 
DT  "C5'" "H5''" sing N N 171 
DT  "C4'" "O4'"  sing N N 172 
DT  "C4'" "C3'"  sing N N 173 
DT  "C4'" "H4'"  sing N N 174 
DT  "O4'" "C1'"  sing N N 175 
DT  "C3'" "O3'"  sing N N 176 
DT  "C3'" "C2'"  sing N N 177 
DT  "C3'" "H3'"  sing N N 178 
DT  "O3'" "HO3'" sing N N 179 
DT  "C2'" "C1'"  sing N N 180 
DT  "C2'" "H2'"  sing N N 181 
DT  "C2'" "H2''" sing N N 182 
DT  "C1'" N1     sing N N 183 
DT  "C1'" "H1'"  sing N N 184 
DT  N1    C2     sing N N 185 
DT  N1    C6     sing N N 186 
DT  C2    O2     doub N N 187 
DT  C2    N3     sing N N 188 
DT  N3    C4     sing N N 189 
DT  N3    H3     sing N N 190 
DT  C4    O4     doub N N 191 
DT  C4    C5     sing N N 192 
DT  C5    C7     sing N N 193 
DT  C5    C6     doub N N 194 
DT  C7    H71    sing N N 195 
DT  C7    H72    sing N N 196 
DT  C7    H73    sing N N 197 
DT  C6    H6     sing N N 198 
HOH O     H1     sing N N 199 
HOH O     H2     sing N N 200 
# 
loop_
_ndb_struct_conf_na.entry_id 
_ndb_struct_conf_na.feature 
4AGZ 'double helix'        
4AGZ 'b-form double helix' 
# 
loop_
_ndb_struct_na_base_pair.model_number 
_ndb_struct_na_base_pair.i_label_asym_id 
_ndb_struct_na_base_pair.i_label_comp_id 
_ndb_struct_na_base_pair.i_label_seq_id 
_ndb_struct_na_base_pair.i_symmetry 
_ndb_struct_na_base_pair.j_label_asym_id 
_ndb_struct_na_base_pair.j_label_comp_id 
_ndb_struct_na_base_pair.j_label_seq_id 
_ndb_struct_na_base_pair.j_symmetry 
_ndb_struct_na_base_pair.shear 
_ndb_struct_na_base_pair.stretch 
_ndb_struct_na_base_pair.stagger 
_ndb_struct_na_base_pair.buckle 
_ndb_struct_na_base_pair.propeller 
_ndb_struct_na_base_pair.opening 
_ndb_struct_na_base_pair.pair_number 
_ndb_struct_na_base_pair.pair_name 
_ndb_struct_na_base_pair.i_auth_asym_id 
_ndb_struct_na_base_pair.i_auth_seq_id 
_ndb_struct_na_base_pair.i_PDB_ins_code 
_ndb_struct_na_base_pair.j_auth_asym_id 
_ndb_struct_na_base_pair.j_auth_seq_id 
_ndb_struct_na_base_pair.j_PDB_ins_code 
_ndb_struct_na_base_pair.hbond_type_28 
_ndb_struct_na_base_pair.hbond_type_12 
1 A DC 1  1_555 B DG 12 1_555 0.190  -0.143 -0.003 2.563  -18.455 0.426  1  A_DC1:DG24_B  A 1  ? B 24 ? 19 1 
1 A DG 2  1_555 B DC 11 1_555 -0.152 -0.147 0.235  3.699  -5.966  -1.907 2  A_DG2:DC23_B  A 2  ? B 23 ? 19 1 
1 A DC 3  1_555 B DG 10 1_555 0.241  -0.147 0.124  -2.213 -8.147  0.253  3  A_DC3:DG22_B  A 3  ? B 22 ? 19 1 
1 A DG 4  1_555 B DC 9  1_555 -0.208 -0.140 -0.051 10.252 -10.904 -1.295 4  A_DG4:DC21_B  A 4  ? B 21 ? 19 1 
1 A DA 5  1_555 B DT 8  1_555 0.091  -0.087 -0.145 6.172  -17.261 1.220  5  A_DA5:DT20_B  A 5  ? B 20 ? 20 1 
1 A DA 6  1_555 B DT 7  1_555 0.080  -0.103 -0.046 1.678  -19.035 7.640  6  A_DA6:DT19_B  A 6  ? B 19 ? 20 1 
1 A DT 7  1_555 B DA 6  1_555 -0.099 -0.097 -0.001 -1.875 -19.039 6.423  7  A_DT7:DA18_B  A 7  ? B 18 ? 20 1 
1 A DT 8  1_555 B DA 5  1_555 -0.109 -0.163 -0.099 -4.003 -14.529 1.723  8  A_DT8:DA17_B  A 8  ? B 17 ? 20 1 
1 A DC 9  1_555 B DG 4  1_555 0.221  -0.193 -0.108 -7.922 -10.680 -0.405 9  A_DC9:DG16_B  A 9  ? B 16 ? 19 1 
1 A DG 10 1_555 B DC 3  1_555 -0.176 -0.141 0.128  9.726  -2.335  1.248  10 A_DG10:DC15_B A 10 ? B 15 ? 19 1 
1 A DC 11 1_555 B DG 2  1_555 0.177  -0.185 0.267  9.924  -26.245 -2.192 11 A_DC11:DG14_B A 11 ? B 14 ? 19 1 
1 A DG 12 1_555 B DC 1  1_555 -0.343 -0.130 -0.205 9.324  19.224  -2.375 12 A_DG12:DC13_B A 12 ? B 13 ? 19 1 
# 
loop_
_ndb_struct_na_base_pair_step.model_number 
_ndb_struct_na_base_pair_step.i_label_asym_id_1 
_ndb_struct_na_base_pair_step.i_label_comp_id_1 
_ndb_struct_na_base_pair_step.i_label_seq_id_1 
_ndb_struct_na_base_pair_step.i_symmetry_1 
_ndb_struct_na_base_pair_step.j_label_asym_id_1 
_ndb_struct_na_base_pair_step.j_label_comp_id_1 
_ndb_struct_na_base_pair_step.j_label_seq_id_1 
_ndb_struct_na_base_pair_step.j_symmetry_1 
_ndb_struct_na_base_pair_step.i_label_asym_id_2 
_ndb_struct_na_base_pair_step.i_label_comp_id_2 
_ndb_struct_na_base_pair_step.i_label_seq_id_2 
_ndb_struct_na_base_pair_step.i_symmetry_2 
_ndb_struct_na_base_pair_step.j_label_asym_id_2 
_ndb_struct_na_base_pair_step.j_label_comp_id_2 
_ndb_struct_na_base_pair_step.j_label_seq_id_2 
_ndb_struct_na_base_pair_step.j_symmetry_2 
_ndb_struct_na_base_pair_step.shift 
_ndb_struct_na_base_pair_step.slide 
_ndb_struct_na_base_pair_step.rise 
_ndb_struct_na_base_pair_step.tilt 
_ndb_struct_na_base_pair_step.roll 
_ndb_struct_na_base_pair_step.twist 
_ndb_struct_na_base_pair_step.x_displacement 
_ndb_struct_na_base_pair_step.y_displacement 
_ndb_struct_na_base_pair_step.helical_rise 
_ndb_struct_na_base_pair_step.inclination 
_ndb_struct_na_base_pair_step.tip 
_ndb_struct_na_base_pair_step.helical_twist 
_ndb_struct_na_base_pair_step.step_number 
_ndb_struct_na_base_pair_step.step_name 
_ndb_struct_na_base_pair_step.i_auth_asym_id_1 
_ndb_struct_na_base_pair_step.i_auth_seq_id_1 
_ndb_struct_na_base_pair_step.i_PDB_ins_code_1 
_ndb_struct_na_base_pair_step.j_auth_asym_id_1 
_ndb_struct_na_base_pair_step.j_auth_seq_id_1 
_ndb_struct_na_base_pair_step.j_PDB_ins_code_1 
_ndb_struct_na_base_pair_step.i_auth_asym_id_2 
_ndb_struct_na_base_pair_step.i_auth_seq_id_2 
_ndb_struct_na_base_pair_step.i_PDB_ins_code_2 
_ndb_struct_na_base_pair_step.j_auth_asym_id_2 
_ndb_struct_na_base_pair_step.j_auth_seq_id_2 
_ndb_struct_na_base_pair_step.j_PDB_ins_code_2 
1 A DC 1  1_555 B DG 12 1_555 A DG 2  1_555 B DC 11 1_555 -0.434 0.192  3.287 -2.856 7.379   33.390 -0.854 0.279  3.279 12.624  
4.887  34.289 1  AA_DC1DG2:DC23DG24_BB   A 1  ? B 24 ? A 2  ? B 23 ? 
1 A DG 2  1_555 B DC 11 1_555 A DC 3  1_555 B DG 10 1_555 0.738  0.655  3.471 2.121  -3.845  42.165 1.320  -0.792 3.433 -5.327  
-2.938 42.383 2  AA_DG2DC3:DG22DC23_BB   A 2  ? B 23 ? A 3  ? B 22 ? 
1 A DC 3  1_555 B DG 10 1_555 A DG 4  1_555 B DC 9  1_555 -0.429 0.801  3.144 3.110  10.312  26.862 -0.686 1.550  3.161 21.150  
-6.378 28.904 3  AA_DC3DG4:DC21DG22_BB   A 3  ? B 22 ? A 4  ? B 21 ? 
1 A DG 4  1_555 B DC 9  1_555 A DA 5  1_555 B DT 8  1_555 0.011  0.128  3.371 0.333  4.077   38.607 -0.320 0.025  3.366 6.145   
-0.502 38.814 4  AA_DG4DA5:DT20DC21_BB   A 4  ? B 21 ? A 5  ? B 20 ? 
1 A DA 5  1_555 B DT 8  1_555 A DA 6  1_555 B DT 7  1_555 0.470  -0.221 3.304 -0.485 3.754   34.864 -0.934 -0.854 3.257 6.242   
0.807  35.063 5  AA_DA5DA6:DT19DT20_BB   A 5  ? B 20 ? A 6  ? B 19 ? 
1 A DA 6  1_555 B DT 7  1_555 A DT 7  1_555 B DA 6  1_555 -0.019 -0.583 3.288 -0.258 0.657   31.045 -1.216 -0.014 3.275 1.228   
0.482  31.053 6  AA_DA6DT7:DA18DT19_BB   A 6  ? B 19 ? A 7  ? B 18 ? 
1 A DT 7  1_555 B DA 6  1_555 A DT 8  1_555 B DA 5  1_555 -0.429 -0.254 3.270 1.401  1.101   35.339 -0.580 0.912  3.242 1.812   
-2.306 35.382 7  AA_DT7DT8:DA17DA18_BB   A 7  ? B 18 ? A 8  ? B 17 ? 
1 A DT 8  1_555 B DA 5  1_555 A DC 9  1_555 B DG 4  1_555 0.115  0.322  3.392 1.655  -0.443  41.087 0.508  0.022  3.390 -0.630  
-2.357 41.121 8  AA_DT8DC9:DG16DA17_BB   A 8  ? B 17 ? A 9  ? B 16 ? 
1 A DC 9  1_555 B DG 4  1_555 A DG 10 1_555 B DC 3  1_555 0.367  1.247  3.074 -2.855 7.365   26.092 0.830  -1.485 3.240 15.857  
6.148  27.241 9  AA_DC9DG10:DC15DG16_BB  A 9  ? B 16 ? A 10 ? B 15 ? 
1 A DG 10 1_555 B DC 3  1_555 A DC 11 1_555 B DG 2  1_555 -1.038 1.012  3.422 -2.362 -13.378 44.790 2.410  1.110  3.064 -17.096 
3.018  46.703 10 AA_DG10DC11:DG14DC15_BB A 10 ? B 15 ? A 11 ? B 14 ? 
1 A DC 11 1_555 B DG 2  1_555 A DG 12 1_555 B DC 1  1_555 1.515  0.738  3.576 3.938  -10.452 34.490 2.788  -1.835 3.366 -17.082 
-6.435 36.201 11 AA_DC11DG12:DC13DG14_BB A 11 ? B 14 ? A 12 ? B 13 ? 
# 
loop_
_pdbx_entity_nonpoly.entity_id 
_pdbx_entity_nonpoly.name 
_pdbx_entity_nonpoly.comp_id 
2 'MAGNESIUM ION'                                                                   MG  
3 "2-(4'-CARBAMIMIDOYL-2'-HYDROXYBIPHENYL-4-YL)-1H-BENZIMIDAZOLE-5-CARBOXIMIDAMIDE" D98 
4 water                                                                             HOH 
# 
_pdbx_initial_refinement_model.id               1 
_pdbx_initial_refinement_model.entity_id_list   ? 
_pdbx_initial_refinement_model.type             'experimental model' 
_pdbx_initial_refinement_model.source_name      PDB 
_pdbx_initial_refinement_model.accession_code   1FQ2 
_pdbx_initial_refinement_model.details          'PDB ENTRY 1FQ2' 
# 
